data_2L1S
#
_entry.id   2L1S
#
_entity_poly.entity_id   1
_entity_poly.type   'polypeptide(L)'
_entity_poly.pdbx_seq_one_letter_code
;GAAGIDQYALKEFTADFTQFHIGDTVPAMYLTPEYNIKQWQQRNLPAPDAGSHWTYMGGNYVLITDTEGKILKVYDGEIF
YHR
;
_entity_poly.pdbx_strand_id   A
#
# COMPACT_ATOMS: atom_id res chain seq x y z
N GLY A 1 -21.18 9.80 5.60
CA GLY A 1 -19.81 9.30 5.51
C GLY A 1 -19.50 8.75 4.13
N ALA A 2 -18.22 8.44 3.88
CA ALA A 2 -17.88 7.57 2.76
C ALA A 2 -18.39 6.17 3.08
N ALA A 3 -18.68 5.38 2.04
CA ALA A 3 -19.00 3.97 2.13
C ALA A 3 -18.30 3.26 0.97
N GLY A 4 -16.98 3.39 0.92
CA GLY A 4 -16.13 2.94 -0.16
C GLY A 4 -14.83 2.44 0.42
N ILE A 5 -13.78 3.21 0.20
CA ILE A 5 -12.41 2.79 0.44
C ILE A 5 -11.62 3.79 1.27
N ASP A 6 -12.10 5.03 1.33
CA ASP A 6 -11.43 6.12 2.02
C ASP A 6 -11.39 5.87 3.53
N GLN A 7 -12.36 5.10 4.03
CA GLN A 7 -12.42 4.60 5.40
C GLN A 7 -11.25 3.68 5.78
N TYR A 8 -10.58 3.06 4.79
CA TYR A 8 -9.38 2.28 4.97
C TYR A 8 -8.15 3.09 4.57
N ALA A 9 -8.24 4.37 4.18
CA ALA A 9 -7.08 5.13 3.76
C ALA A 9 -6.42 5.77 4.97
N LEU A 10 -5.22 5.28 5.31
CA LEU A 10 -4.43 5.84 6.40
C LEU A 10 -3.71 7.06 5.85
N LYS A 11 -2.73 7.46 6.63
CA LYS A 11 -1.67 8.38 6.25
C LYS A 11 -0.29 7.93 6.69
N GLU A 12 -0.20 6.95 7.59
CA GLU A 12 1.04 6.66 8.34
C GLU A 12 0.81 5.50 9.31
N PHE A 13 1.89 4.85 9.74
CA PHE A 13 1.90 3.63 10.52
C PHE A 13 3.30 3.38 11.07
N THR A 14 3.46 2.24 11.73
CA THR A 14 4.73 1.59 11.93
C THR A 14 4.53 0.14 11.47
N ALA A 15 5.46 -0.40 10.71
CA ALA A 15 5.67 -1.84 10.56
C ALA A 15 7.16 -2.06 10.68
N ASP A 16 7.61 -3.28 10.95
CA ASP A 16 9.00 -3.68 10.74
C ASP A 16 10.00 -2.89 11.60
N PHE A 17 9.51 -2.29 12.69
CA PHE A 17 10.24 -1.35 13.56
C PHE A 17 10.66 -0.08 12.82
N THR A 18 9.89 0.33 11.80
CA THR A 18 10.09 1.49 10.95
C THR A 18 8.76 2.26 10.91
N GLN A 19 8.77 3.53 11.29
CA GLN A 19 7.65 4.44 11.10
C GLN A 19 7.69 4.95 9.66
N PHE A 20 6.52 5.19 9.06
CA PHE A 20 6.39 5.69 7.70
C PHE A 20 5.17 6.59 7.58
N HIS A 21 5.18 7.44 6.55
CA HIS A 21 4.11 8.35 6.22
C HIS A 21 3.91 8.37 4.71
N ILE A 22 2.87 9.06 4.23
CA ILE A 22 2.73 9.39 2.82
C ILE A 22 3.95 10.21 2.43
N GLY A 23 4.85 9.60 1.66
CA GLY A 23 6.05 10.25 1.16
C GLY A 23 7.34 9.81 1.85
N ASP A 24 7.29 8.87 2.80
CA ASP A 24 8.50 8.13 3.22
C ASP A 24 8.93 7.22 2.06
N THR A 25 9.98 6.42 2.22
CA THR A 25 10.38 5.39 1.31
C THR A 25 10.44 4.08 2.08
N VAL A 26 10.12 2.96 1.42
CA VAL A 26 10.33 1.62 1.97
C VAL A 26 11.82 1.24 1.82
N PRO A 27 12.31 0.24 2.57
CA PRO A 27 13.55 -0.44 2.26
C PRO A 27 13.39 -1.38 1.05
N ALA A 28 14.51 -1.77 0.44
CA ALA A 28 14.55 -2.63 -0.72
C ALA A 28 13.94 -4.01 -0.45
N MET A 29 13.77 -4.37 0.84
CA MET A 29 13.13 -5.61 1.27
C MET A 29 11.68 -5.72 0.78
N TYR A 30 11.09 -4.60 0.36
CA TYR A 30 9.73 -4.57 -0.17
C TYR A 30 9.66 -4.05 -1.61
N LEU A 31 10.79 -3.73 -2.25
CA LEU A 31 10.81 -3.49 -3.70
C LEU A 31 10.74 -4.81 -4.45
N THR A 32 11.20 -5.91 -3.84
CA THR A 32 11.18 -7.22 -4.46
C THR A 32 9.74 -7.59 -4.87
N PRO A 33 9.54 -8.30 -6.00
CA PRO A 33 8.21 -8.64 -6.50
C PRO A 33 7.51 -9.70 -5.64
N GLU A 34 8.19 -10.24 -4.63
CA GLU A 34 7.70 -11.21 -3.66
C GLU A 34 6.51 -10.71 -2.83
N TYR A 35 6.22 -9.41 -2.84
CA TYR A 35 5.11 -8.77 -2.14
C TYR A 35 4.19 -7.99 -3.09
N ASN A 36 4.55 -7.89 -4.37
CA ASN A 36 3.86 -7.15 -5.42
C ASN A 36 2.53 -7.83 -5.74
N ILE A 37 1.44 -7.20 -5.30
CA ILE A 37 0.07 -7.60 -5.59
C ILE A 37 -0.32 -6.86 -6.87
N LYS A 38 0.03 -7.42 -8.02
CA LYS A 38 -0.52 -6.96 -9.31
C LYS A 38 -2.03 -7.20 -9.37
N GLN A 39 -2.55 -8.06 -8.50
CA GLN A 39 -3.90 -8.55 -8.45
C GLN A 39 -4.72 -7.61 -7.57
N TRP A 40 -4.99 -6.41 -8.07
CA TRP A 40 -5.66 -5.34 -7.33
C TRP A 40 -7.05 -5.03 -7.91
N GLN A 41 -7.35 -5.41 -9.15
CA GLN A 41 -8.64 -5.08 -9.76
C GLN A 41 -9.77 -5.91 -9.16
N GLN A 42 -9.52 -7.17 -8.81
CA GLN A 42 -10.48 -8.00 -8.08
C GLN A 42 -10.47 -7.62 -6.58
N ARG A 43 -10.33 -6.34 -6.26
CA ARG A 43 -10.35 -5.75 -4.92
C ARG A 43 -11.01 -4.38 -5.06
N ASN A 44 -11.37 -3.80 -3.92
CA ASN A 44 -11.85 -2.42 -3.86
C ASN A 44 -10.72 -1.41 -4.09
N LEU A 45 -9.45 -1.80 -3.98
CA LEU A 45 -8.30 -0.89 -3.99
C LEU A 45 -8.20 -0.08 -5.30
N PRO A 46 -7.69 1.16 -5.26
CA PRO A 46 -7.51 2.00 -6.44
C PRO A 46 -6.34 1.53 -7.32
N ALA A 47 -6.41 1.93 -8.59
CA ALA A 47 -5.39 1.54 -9.58
C ALA A 47 -4.05 2.20 -9.24
N PRO A 48 -2.90 1.55 -9.42
CA PRO A 48 -1.61 2.05 -8.97
C PRO A 48 -1.11 3.21 -9.81
N ASP A 49 -0.14 3.96 -9.28
CA ASP A 49 0.54 5.04 -9.99
C ASP A 49 1.38 4.42 -11.11
N ALA A 50 1.74 5.22 -12.10
CA ALA A 50 2.19 4.79 -13.42
C ALA A 50 3.67 4.38 -13.46
N GLY A 51 4.05 3.50 -12.53
CA GLY A 51 5.40 3.08 -12.22
C GLY A 51 5.49 2.62 -10.77
N SER A 52 4.47 1.93 -10.25
CA SER A 52 4.40 1.49 -8.86
C SER A 52 3.64 0.17 -8.76
N HIS A 53 3.62 -0.45 -7.58
CA HIS A 53 2.76 -1.57 -7.29
C HIS A 53 2.29 -1.56 -5.82
N TRP A 54 1.15 -2.21 -5.57
CA TRP A 54 0.67 -2.50 -4.24
C TRP A 54 1.51 -3.61 -3.61
N THR A 55 1.78 -3.46 -2.32
CA THR A 55 2.71 -4.24 -1.53
C THR A 55 2.00 -4.55 -0.21
N TYR A 56 2.00 -5.79 0.25
CA TYR A 56 1.46 -6.14 1.56
C TYR A 56 2.58 -5.88 2.57
N MET A 57 2.53 -4.75 3.26
CA MET A 57 3.37 -4.45 4.40
C MET A 57 2.83 -5.21 5.62
N GLY A 58 3.10 -4.72 6.83
CA GLY A 58 2.72 -5.28 8.12
C GLY A 58 1.24 -5.21 8.41
N GLY A 59 0.42 -5.85 7.57
CA GLY A 59 -1.02 -5.89 7.75
C GLY A 59 -1.74 -4.72 7.11
N ASN A 60 -1.03 -3.97 6.26
CA ASN A 60 -1.52 -2.81 5.54
C ASN A 60 -1.00 -2.99 4.12
N TYR A 61 -1.67 -2.40 3.15
CA TYR A 61 -1.25 -2.38 1.76
C TYR A 61 -0.65 -1.01 1.48
N VAL A 62 0.64 -0.94 1.17
CA VAL A 62 1.28 0.29 0.75
C VAL A 62 1.47 0.23 -0.77
N LEU A 63 1.43 1.39 -1.43
CA LEU A 63 1.76 1.53 -2.84
C LEU A 63 3.16 2.09 -2.89
N ILE A 64 4.07 1.43 -3.62
CA ILE A 64 5.48 1.81 -3.72
C ILE A 64 5.89 1.88 -5.19
N THR A 65 6.62 2.93 -5.53
CA THR A 65 7.20 3.14 -6.85
C THR A 65 8.24 2.05 -7.12
N ASP A 66 8.24 1.42 -8.28
CA ASP A 66 9.24 0.39 -8.61
C ASP A 66 10.61 1.00 -8.91
N THR A 67 10.69 2.33 -8.88
CA THR A 67 11.82 3.12 -9.33
C THR A 67 12.24 4.09 -8.20
N GLU A 68 11.73 3.89 -6.97
CA GLU A 68 12.09 4.65 -5.80
C GLU A 68 11.64 3.92 -4.54
N GLY A 69 10.39 3.47 -4.55
CA GLY A 69 9.64 2.96 -3.43
C GLY A 69 9.28 4.04 -2.43
N LYS A 70 9.02 5.26 -2.92
CA LYS A 70 8.27 6.25 -2.16
C LYS A 70 6.94 5.61 -1.79
N ILE A 71 6.44 5.89 -0.59
CA ILE A 71 5.16 5.44 -0.09
C ILE A 71 4.12 6.41 -0.67
N LEU A 72 3.64 6.10 -1.88
CA LEU A 72 2.68 6.91 -2.61
C LEU A 72 1.36 6.97 -1.85
N LYS A 73 0.85 5.81 -1.44
CA LYS A 73 -0.43 5.64 -0.76
C LYS A 73 -0.31 4.48 0.23
N VAL A 74 -1.23 4.43 1.19
CA VAL A 74 -1.34 3.42 2.21
C VAL A 74 -2.82 3.19 2.48
N TYR A 75 -3.24 1.92 2.50
CA TYR A 75 -4.54 1.47 2.95
C TYR A 75 -4.34 0.37 3.99
N ASP A 76 -5.31 0.22 4.89
CA ASP A 76 -5.31 -0.88 5.85
C ASP A 76 -5.64 -2.20 5.14
N GLY A 77 -5.31 -3.33 5.75
CA GLY A 77 -5.62 -4.65 5.20
C GLY A 77 -7.11 -4.96 5.12
N GLU A 78 -7.96 -4.32 5.93
CA GLU A 78 -9.37 -4.68 6.03
C GLU A 78 -10.14 -4.47 4.72
N ILE A 79 -9.61 -3.64 3.83
CA ILE A 79 -10.14 -3.43 2.48
C ILE A 79 -10.19 -4.74 1.66
N PHE A 80 -9.40 -5.75 2.05
CA PHE A 80 -9.35 -7.06 1.41
C PHE A 80 -10.62 -7.87 1.66
N TYR A 81 -11.25 -7.76 2.84
CA TYR A 81 -12.44 -8.53 3.17
C TYR A 81 -13.71 -7.79 2.72
N HIS A 82 -13.61 -6.48 2.47
CA HIS A 82 -14.72 -5.64 2.07
C HIS A 82 -15.25 -6.14 0.73
N ARG A 83 -16.53 -5.89 0.50
CA ARG A 83 -17.35 -6.40 -0.57
C ARG A 83 -18.16 -5.23 -1.05
N GLY A 1 -18.83 8.37 7.79
CA GLY A 1 -18.86 9.18 6.57
C GLY A 1 -18.77 8.29 5.36
N ALA A 2 -19.91 7.90 4.81
CA ALA A 2 -20.05 6.86 3.79
C ALA A 2 -19.34 5.56 4.20
N ALA A 3 -19.22 4.61 3.29
CA ALA A 3 -18.41 3.41 3.48
C ALA A 3 -17.79 3.03 2.13
N GLY A 4 -16.98 3.94 1.60
CA GLY A 4 -16.00 3.66 0.57
C GLY A 4 -14.64 3.46 1.23
N ILE A 5 -13.62 3.35 0.40
CA ILE A 5 -12.27 2.94 0.80
C ILE A 5 -11.58 3.92 1.74
N ASP A 6 -12.08 5.17 1.83
CA ASP A 6 -11.38 6.26 2.50
C ASP A 6 -11.17 6.01 3.98
N GLN A 7 -12.05 5.21 4.59
CA GLN A 7 -11.94 4.79 5.98
C GLN A 7 -10.64 4.06 6.28
N TYR A 8 -10.08 3.35 5.29
CA TYR A 8 -8.87 2.56 5.43
C TYR A 8 -7.65 3.38 5.03
N ALA A 9 -7.80 4.62 4.52
CA ALA A 9 -6.69 5.41 4.03
C ALA A 9 -5.85 5.96 5.20
N LEU A 10 -4.85 5.18 5.62
CA LEU A 10 -3.94 5.51 6.71
C LEU A 10 -2.99 6.58 6.20
N LYS A 11 -2.74 7.64 6.97
CA LYS A 11 -1.75 8.64 6.57
C LYS A 11 -0.34 8.26 7.03
N GLU A 12 -0.24 7.39 8.02
CA GLU A 12 1.00 6.91 8.60
C GLU A 12 0.76 5.52 9.21
N PHE A 13 1.84 4.76 9.43
CA PHE A 13 1.83 3.47 10.10
C PHE A 13 3.25 3.19 10.63
N THR A 14 3.41 2.09 11.37
CA THR A 14 4.72 1.58 11.75
C THR A 14 4.73 0.11 11.38
N ALA A 15 5.66 -0.32 10.54
CA ALA A 15 5.90 -1.72 10.23
C ALA A 15 7.41 -1.92 10.28
N ASP A 16 7.89 -3.13 10.55
CA ASP A 16 9.34 -3.38 10.62
C ASP A 16 10.03 -2.49 11.67
N PHE A 17 9.26 -2.13 12.70
CA PHE A 17 9.65 -1.21 13.77
C PHE A 17 10.04 0.18 13.28
N THR A 18 9.71 0.49 12.03
CA THR A 18 10.10 1.67 11.29
C THR A 18 8.81 2.44 11.04
N GLN A 19 8.77 3.71 11.40
CA GLN A 19 7.59 4.54 11.21
C GLN A 19 7.61 5.11 9.79
N PHE A 20 6.44 5.32 9.22
CA PHE A 20 6.27 5.71 7.84
C PHE A 20 5.07 6.63 7.69
N HIS A 21 5.12 7.49 6.68
CA HIS A 21 4.08 8.44 6.34
C HIS A 21 3.86 8.39 4.83
N ILE A 22 2.76 8.96 4.34
CA ILE A 22 2.62 9.20 2.90
C ILE A 22 3.78 10.11 2.49
N GLY A 23 4.67 9.61 1.63
CA GLY A 23 5.84 10.30 1.12
C GLY A 23 7.13 10.03 1.89
N ASP A 24 7.16 9.09 2.84
CA ASP A 24 8.38 8.36 3.23
C ASP A 24 8.78 7.43 2.08
N THR A 25 9.81 6.60 2.22
CA THR A 25 10.25 5.57 1.28
C THR A 25 10.30 4.21 2.00
N VAL A 26 10.26 3.10 1.27
CA VAL A 26 10.35 1.74 1.84
C VAL A 26 11.76 1.16 1.67
N PRO A 27 12.16 0.17 2.48
CA PRO A 27 13.32 -0.66 2.20
C PRO A 27 13.04 -1.63 1.04
N ALA A 28 14.10 -2.15 0.42
CA ALA A 28 13.99 -3.10 -0.68
C ALA A 28 13.35 -4.43 -0.27
N MET A 29 13.22 -4.66 1.04
CA MET A 29 12.51 -5.78 1.66
C MET A 29 11.07 -5.89 1.16
N TYR A 30 10.49 -4.79 0.66
CA TYR A 30 9.13 -4.77 0.14
C TYR A 30 9.09 -4.45 -1.36
N LEU A 31 10.14 -3.84 -1.91
CA LEU A 31 10.27 -3.60 -3.35
C LEU A 31 10.50 -4.89 -4.12
N THR A 32 11.03 -5.92 -3.45
CA THR A 32 11.27 -7.24 -4.03
C THR A 32 9.93 -7.78 -4.57
N PRO A 33 9.93 -8.51 -5.71
CA PRO A 33 8.73 -8.96 -6.41
C PRO A 33 7.95 -10.04 -5.62
N GLU A 34 8.47 -10.48 -4.47
CA GLU A 34 7.85 -11.45 -3.57
C GLU A 34 6.52 -10.97 -3.00
N TYR A 35 6.37 -9.66 -2.77
CA TYR A 35 5.21 -9.06 -2.11
C TYR A 35 4.42 -8.16 -3.06
N ASN A 36 4.82 -8.14 -4.32
CA ASN A 36 4.25 -7.35 -5.40
C ASN A 36 2.82 -7.79 -5.67
N ILE A 37 1.85 -7.09 -5.06
CA ILE A 37 0.46 -7.18 -5.41
C ILE A 37 0.25 -6.39 -6.71
N LYS A 38 0.72 -7.01 -7.78
CA LYS A 38 0.32 -6.71 -9.13
C LYS A 38 -1.19 -6.91 -9.27
N GLN A 39 -1.78 -7.91 -8.62
CA GLN A 39 -3.19 -8.26 -8.70
C GLN A 39 -4.05 -7.33 -7.84
N TRP A 40 -4.36 -6.13 -8.36
CA TRP A 40 -5.21 -5.16 -7.67
C TRP A 40 -6.70 -5.42 -7.91
N GLN A 41 -7.11 -5.84 -9.12
CA GLN A 41 -8.52 -5.91 -9.54
C GLN A 41 -9.41 -6.58 -8.49
N GLN A 42 -9.02 -7.75 -8.02
CA GLN A 42 -9.84 -8.58 -7.15
C GLN A 42 -9.80 -8.11 -5.69
N ARG A 43 -9.29 -6.91 -5.40
CA ARG A 43 -9.55 -6.20 -4.17
C ARG A 43 -10.23 -4.90 -4.51
N ASN A 44 -10.87 -4.28 -3.51
CA ASN A 44 -11.64 -3.05 -3.65
C ASN A 44 -10.75 -1.82 -3.96
N LEU A 45 -9.42 -2.00 -3.93
CA LEU A 45 -8.43 -0.96 -4.10
C LEU A 45 -8.47 -0.33 -5.49
N PRO A 46 -7.91 0.88 -5.64
CA PRO A 46 -7.74 1.55 -6.93
C PRO A 46 -6.60 0.86 -7.72
N ALA A 47 -6.41 1.32 -8.96
CA ALA A 47 -5.23 1.03 -9.76
C ALA A 47 -3.96 1.56 -9.06
N PRO A 48 -2.76 1.04 -9.39
CA PRO A 48 -1.49 1.67 -9.01
C PRO A 48 -1.30 2.97 -9.82
N ASP A 49 -0.31 3.78 -9.43
CA ASP A 49 0.19 4.83 -10.31
C ASP A 49 1.13 4.21 -11.33
N ALA A 50 1.38 4.93 -12.42
CA ALA A 50 2.22 4.48 -13.51
C ALA A 50 3.67 4.33 -13.03
N GLY A 51 4.20 3.12 -12.95
CA GLY A 51 5.54 2.86 -12.43
C GLY A 51 5.55 2.62 -10.93
N SER A 52 4.43 2.18 -10.36
CA SER A 52 4.33 1.78 -8.97
C SER A 52 3.55 0.48 -8.88
N HIS A 53 3.57 -0.17 -7.72
CA HIS A 53 2.76 -1.34 -7.45
C HIS A 53 2.43 -1.45 -5.97
N TRP A 54 1.36 -2.17 -5.67
CA TRP A 54 0.88 -2.35 -4.32
C TRP A 54 1.69 -3.48 -3.69
N THR A 55 1.89 -3.43 -2.39
CA THR A 55 2.67 -4.42 -1.67
C THR A 55 2.02 -4.72 -0.33
N TYR A 56 2.30 -5.92 0.20
CA TYR A 56 1.74 -6.39 1.46
C TYR A 56 2.75 -6.13 2.56
N MET A 57 2.72 -4.93 3.12
CA MET A 57 3.68 -4.42 4.07
C MET A 57 3.05 -4.49 5.44
N GLY A 58 3.38 -5.53 6.21
CA GLY A 58 2.95 -5.61 7.60
C GLY A 58 1.47 -5.96 7.76
N GLY A 59 0.76 -6.35 6.71
CA GLY A 59 -0.68 -6.50 6.72
C GLY A 59 -1.39 -5.26 6.17
N ASN A 60 -0.66 -4.26 5.68
CA ASN A 60 -1.22 -3.05 5.09
C ASN A 60 -0.86 -3.04 3.61
N TYR A 61 -1.73 -2.46 2.79
CA TYR A 61 -1.58 -2.41 1.34
C TYR A 61 -0.93 -1.09 0.98
N VAL A 62 0.33 -1.09 0.55
CA VAL A 62 1.10 0.15 0.42
C VAL A 62 1.58 0.23 -1.03
N LEU A 63 1.36 1.38 -1.67
CA LEU A 63 1.67 1.62 -3.08
C LEU A 63 3.05 2.25 -3.16
N ILE A 64 4.01 1.59 -3.81
CA ILE A 64 5.41 2.00 -3.84
C ILE A 64 5.85 2.21 -5.28
N THR A 65 6.66 3.25 -5.54
CA THR A 65 7.28 3.43 -6.84
C THR A 65 8.29 2.32 -7.05
N ASP A 66 8.34 1.71 -8.23
CA ASP A 66 9.28 0.64 -8.55
C ASP A 66 10.74 1.12 -8.57
N THR A 67 10.95 2.44 -8.57
CA THR A 67 12.19 3.12 -8.95
C THR A 67 12.53 4.18 -7.87
N GLU A 68 11.97 4.04 -6.67
CA GLU A 68 12.20 4.93 -5.53
C GLU A 68 11.58 4.32 -4.27
N GLY A 69 10.41 3.72 -4.39
CA GLY A 69 9.67 3.14 -3.30
C GLY A 69 9.11 4.20 -2.35
N LYS A 70 8.84 5.42 -2.84
CA LYS A 70 8.09 6.40 -2.07
C LYS A 70 6.74 5.79 -1.75
N ILE A 71 6.27 6.05 -0.54
CA ILE A 71 5.02 5.57 -0.01
C ILE A 71 3.94 6.48 -0.61
N LEU A 72 3.48 6.14 -1.81
CA LEU A 72 2.58 6.97 -2.59
C LEU A 72 1.23 7.09 -1.90
N LYS A 73 0.66 5.95 -1.49
CA LYS A 73 -0.62 5.81 -0.80
C LYS A 73 -0.55 4.55 0.05
N VAL A 74 -1.42 4.44 1.06
CA VAL A 74 -1.57 3.27 1.91
C VAL A 74 -3.06 3.06 2.11
N TYR A 75 -3.48 1.81 2.25
CA TYR A 75 -4.74 1.42 2.86
C TYR A 75 -4.46 0.30 3.86
N ASP A 76 -5.29 0.17 4.89
CA ASP A 76 -5.28 -0.97 5.81
C ASP A 76 -5.57 -2.27 5.02
N GLY A 77 -5.14 -3.42 5.51
CA GLY A 77 -5.52 -4.74 5.00
C GLY A 77 -7.00 -5.02 5.12
N GLU A 78 -7.69 -4.35 6.05
CA GLU A 78 -9.13 -4.49 6.27
C GLU A 78 -9.94 -4.35 4.97
N ILE A 79 -9.47 -3.54 4.02
CA ILE A 79 -10.11 -3.31 2.74
C ILE A 79 -10.28 -4.59 1.91
N PHE A 80 -9.52 -5.65 2.19
CA PHE A 80 -9.62 -6.91 1.47
C PHE A 80 -11.02 -7.53 1.58
N TYR A 81 -11.72 -7.23 2.67
CA TYR A 81 -13.03 -7.81 2.98
C TYR A 81 -14.17 -6.82 2.67
N HIS A 82 -13.83 -5.62 2.19
CA HIS A 82 -14.77 -4.59 1.76
C HIS A 82 -15.58 -5.09 0.55
N ARG A 83 -16.61 -4.32 0.15
CA ARG A 83 -17.65 -4.81 -0.76
C ARG A 83 -17.95 -3.83 -1.88
N GLY A 1 -20.85 10.38 6.13
CA GLY A 1 -21.32 9.04 6.48
C GLY A 1 -21.45 8.22 5.21
N ALA A 2 -20.55 7.28 5.00
CA ALA A 2 -20.50 6.35 3.89
C ALA A 2 -19.47 5.29 4.25
N ALA A 3 -19.47 4.17 3.52
CA ALA A 3 -18.39 3.19 3.55
C ALA A 3 -17.78 3.12 2.15
N GLY A 4 -16.78 3.96 1.92
CA GLY A 4 -15.82 3.78 0.84
C GLY A 4 -14.50 3.38 1.47
N ILE A 5 -13.45 3.39 0.68
CA ILE A 5 -12.14 2.93 1.11
C ILE A 5 -11.45 3.96 2.04
N ASP A 6 -12.03 5.15 2.14
CA ASP A 6 -11.48 6.32 2.81
C ASP A 6 -11.30 6.07 4.31
N GLN A 7 -12.13 5.20 4.89
CA GLN A 7 -12.00 4.74 6.26
C GLN A 7 -10.67 4.00 6.49
N TYR A 8 -10.11 3.35 5.47
CA TYR A 8 -8.89 2.57 5.58
C TYR A 8 -7.69 3.38 5.11
N ALA A 9 -7.89 4.63 4.64
CA ALA A 9 -6.80 5.48 4.21
C ALA A 9 -5.97 5.92 5.42
N LEU A 10 -5.00 5.10 5.78
CA LEU A 10 -4.02 5.40 6.82
C LEU A 10 -3.14 6.52 6.29
N LYS A 11 -2.68 7.42 7.16
CA LYS A 11 -1.68 8.41 6.76
C LYS A 11 -0.29 8.05 7.27
N GLU A 12 -0.20 7.14 8.23
CA GLU A 12 1.07 6.62 8.71
C GLU A 12 0.86 5.22 9.26
N PHE A 13 1.97 4.50 9.43
CA PHE A 13 2.03 3.19 10.03
C PHE A 13 3.44 3.00 10.61
N THR A 14 3.62 1.86 11.27
CA THR A 14 4.93 1.38 11.65
C THR A 14 4.96 -0.09 11.23
N ALA A 15 5.96 -0.48 10.43
CA ALA A 15 6.25 -1.87 10.09
C ALA A 15 7.76 -2.03 10.19
N ASP A 16 8.27 -3.23 10.40
CA ASP A 16 9.71 -3.45 10.55
C ASP A 16 10.33 -2.59 11.66
N PHE A 17 9.54 -2.26 12.68
CA PHE A 17 9.84 -1.33 13.77
C PHE A 17 10.27 0.05 13.25
N THR A 18 9.88 0.39 12.02
CA THR A 18 10.25 1.56 11.27
C THR A 18 8.94 2.29 10.96
N GLN A 19 8.86 3.58 11.28
CA GLN A 19 7.71 4.41 11.03
C GLN A 19 7.74 4.94 9.60
N PHE A 20 6.57 5.20 9.02
CA PHE A 20 6.39 5.66 7.65
C PHE A 20 5.12 6.47 7.53
N HIS A 21 5.16 7.54 6.75
CA HIS A 21 4.04 8.44 6.48
C HIS A 21 3.81 8.54 4.96
N ILE A 22 2.68 9.09 4.52
CA ILE A 22 2.40 9.29 3.09
C ILE A 22 3.43 10.27 2.54
N GLY A 23 4.32 9.81 1.66
CA GLY A 23 5.36 10.63 1.07
C GLY A 23 6.76 10.30 1.58
N ASP A 24 6.89 9.40 2.55
CA ASP A 24 8.17 8.79 2.93
C ASP A 24 8.53 7.74 1.85
N THR A 25 9.56 6.92 2.04
CA THR A 25 10.01 5.90 1.10
C THR A 25 10.27 4.59 1.85
N VAL A 26 10.08 3.44 1.19
CA VAL A 26 10.25 2.12 1.79
C VAL A 26 11.68 1.61 1.60
N PRO A 27 12.15 0.64 2.42
CA PRO A 27 13.35 -0.13 2.16
C PRO A 27 13.13 -1.18 1.08
N ALA A 28 14.24 -1.71 0.54
CA ALA A 28 14.24 -2.71 -0.53
C ALA A 28 13.56 -4.02 -0.11
N MET A 29 13.35 -4.24 1.19
CA MET A 29 12.57 -5.35 1.72
C MET A 29 11.18 -5.43 1.10
N TYR A 30 10.59 -4.29 0.70
CA TYR A 30 9.25 -4.26 0.12
C TYR A 30 9.25 -4.12 -1.40
N LEU A 31 10.42 -3.98 -2.03
CA LEU A 31 10.50 -3.87 -3.49
C LEU A 31 10.59 -5.26 -4.12
N THR A 32 11.06 -6.27 -3.37
CA THR A 32 11.16 -7.63 -3.90
C THR A 32 9.76 -8.09 -4.34
N PRO A 33 9.67 -8.87 -5.44
CA PRO A 33 8.43 -9.37 -5.99
C PRO A 33 7.69 -10.35 -5.07
N GLU A 34 8.29 -10.70 -3.94
CA GLU A 34 7.72 -11.48 -2.85
C GLU A 34 6.46 -10.85 -2.24
N TYR A 35 6.19 -9.56 -2.48
CA TYR A 35 5.07 -8.85 -1.87
C TYR A 35 4.14 -8.30 -2.93
N ASN A 36 4.45 -8.47 -4.21
CA ASN A 36 3.90 -7.74 -5.32
C ASN A 36 2.50 -8.22 -5.70
N ILE A 37 1.48 -7.51 -5.21
CA ILE A 37 0.08 -7.74 -5.49
C ILE A 37 -0.24 -7.08 -6.83
N LYS A 38 0.06 -7.78 -7.92
CA LYS A 38 -0.27 -7.29 -9.26
C LYS A 38 -1.78 -7.29 -9.47
N GLN A 39 -2.51 -8.22 -8.85
CA GLN A 39 -3.96 -8.42 -8.99
C GLN A 39 -4.81 -7.31 -8.32
N TRP A 40 -4.37 -6.05 -8.38
CA TRP A 40 -5.12 -4.94 -7.79
C TRP A 40 -6.53 -4.86 -8.38
N GLN A 41 -6.69 -5.19 -9.66
CA GLN A 41 -7.92 -5.05 -10.43
C GLN A 41 -9.06 -5.93 -9.90
N GLN A 42 -8.79 -7.17 -9.46
CA GLN A 42 -9.82 -8.00 -8.84
C GLN A 42 -10.03 -7.59 -7.37
N ARG A 43 -9.01 -7.00 -6.76
CA ARG A 43 -9.09 -6.48 -5.41
C ARG A 43 -9.78 -5.12 -5.42
N ASN A 44 -9.87 -4.49 -4.25
CA ASN A 44 -10.56 -3.21 -4.09
C ASN A 44 -9.65 -2.04 -4.49
N LEU A 45 -8.33 -2.23 -4.52
CA LEU A 45 -7.42 -1.11 -4.50
C LEU A 45 -7.37 -0.39 -5.86
N PRO A 46 -7.23 0.95 -5.88
CA PRO A 46 -7.19 1.75 -7.10
C PRO A 46 -5.98 1.46 -7.99
N ALA A 47 -6.07 1.91 -9.24
CA ALA A 47 -4.98 1.71 -10.18
C ALA A 47 -3.73 2.44 -9.70
N PRO A 48 -2.53 1.87 -9.88
CA PRO A 48 -1.29 2.48 -9.45
C PRO A 48 -0.90 3.63 -10.38
N ASP A 49 0.14 4.38 -10.03
CA ASP A 49 0.75 5.35 -10.93
C ASP A 49 1.69 4.63 -11.88
N ALA A 50 2.12 5.36 -12.92
CA ALA A 50 2.80 4.90 -14.12
C ALA A 50 4.28 4.51 -13.92
N GLY A 51 4.59 3.94 -12.78
CA GLY A 51 5.88 3.35 -12.43
C GLY A 51 5.83 2.78 -11.01
N SER A 52 4.68 2.28 -10.57
CA SER A 52 4.46 1.88 -9.18
C SER A 52 3.58 0.65 -9.11
N HIS A 53 3.52 0.02 -7.94
CA HIS A 53 2.76 -1.20 -7.75
C HIS A 53 2.37 -1.39 -6.30
N TRP A 54 1.30 -2.16 -6.09
CA TRP A 54 0.82 -2.50 -4.78
C TRP A 54 1.62 -3.65 -4.20
N THR A 55 1.84 -3.61 -2.89
CA THR A 55 2.49 -4.63 -2.08
C THR A 55 1.75 -4.80 -0.75
N TYR A 56 2.23 -5.72 0.08
CA TYR A 56 1.81 -5.91 1.46
C TYR A 56 2.93 -5.42 2.37
N MET A 57 2.60 -4.85 3.53
CA MET A 57 3.53 -4.58 4.63
C MET A 57 2.75 -4.71 5.92
N GLY A 58 3.35 -5.16 7.01
CA GLY A 58 2.79 -5.15 8.37
C GLY A 58 1.39 -5.80 8.57
N GLY A 59 0.69 -6.26 7.53
CA GLY A 59 -0.71 -6.67 7.52
C GLY A 59 -1.60 -5.79 6.63
N ASN A 60 -1.08 -4.67 6.15
CA ASN A 60 -1.74 -3.63 5.34
C ASN A 60 -1.32 -3.77 3.87
N TYR A 61 -1.94 -2.99 2.98
CA TYR A 61 -1.64 -2.92 1.55
C TYR A 61 -1.03 -1.55 1.23
N VAL A 62 0.05 -1.47 0.46
CA VAL A 62 0.71 -0.18 0.20
C VAL A 62 1.09 -0.05 -1.27
N LEU A 63 1.20 1.18 -1.75
CA LEU A 63 1.54 1.50 -3.14
C LEU A 63 2.90 2.19 -3.16
N ILE A 64 3.88 1.61 -3.84
CA ILE A 64 5.27 2.07 -3.86
C ILE A 64 5.73 2.23 -5.31
N THR A 65 6.66 3.15 -5.59
CA THR A 65 7.25 3.23 -6.93
C THR A 65 8.29 2.13 -7.09
N ASP A 66 8.35 1.53 -8.27
CA ASP A 66 9.33 0.48 -8.61
C ASP A 66 10.76 1.00 -8.64
N THR A 67 10.94 2.32 -8.67
CA THR A 67 12.17 3.01 -9.05
C THR A 67 12.71 3.85 -7.89
N GLU A 68 12.05 3.82 -6.74
CA GLU A 68 12.28 4.73 -5.63
C GLU A 68 11.67 4.15 -4.36
N GLY A 69 10.44 3.63 -4.44
CA GLY A 69 9.71 3.09 -3.32
C GLY A 69 8.95 4.16 -2.54
N LYS A 70 8.66 5.31 -3.17
CA LYS A 70 7.98 6.43 -2.54
C LYS A 70 6.57 5.98 -2.16
N ILE A 71 6.20 6.24 -0.91
CA ILE A 71 4.95 5.82 -0.30
C ILE A 71 3.86 6.70 -0.88
N LEU A 72 3.20 6.18 -1.92
CA LEU A 72 2.14 6.88 -2.64
C LEU A 72 0.84 6.78 -1.86
N LYS A 73 0.40 5.57 -1.50
CA LYS A 73 -0.81 5.34 -0.72
C LYS A 73 -0.59 4.16 0.23
N VAL A 74 -1.42 4.09 1.25
CA VAL A 74 -1.55 2.99 2.18
C VAL A 74 -3.05 2.76 2.31
N TYR A 75 -3.47 1.50 2.41
CA TYR A 75 -4.79 1.14 2.90
C TYR A 75 -4.63 -0.03 3.89
N ASP A 76 -5.36 0.02 5.00
CA ASP A 76 -5.37 -1.06 5.99
C ASP A 76 -5.87 -2.35 5.32
N GLY A 77 -5.40 -3.51 5.79
CA GLY A 77 -5.77 -4.84 5.30
C GLY A 77 -7.25 -5.14 5.45
N GLU A 78 -8.01 -4.36 6.24
CA GLU A 78 -9.46 -4.46 6.31
C GLU A 78 -10.13 -4.29 4.95
N ILE A 79 -9.52 -3.52 4.04
CA ILE A 79 -10.00 -3.32 2.67
C ILE A 79 -9.98 -4.64 1.86
N PHE A 80 -9.50 -5.74 2.45
CA PHE A 80 -9.72 -7.07 1.93
C PHE A 80 -11.20 -7.41 1.84
N TYR A 81 -11.99 -7.07 2.86
CA TYR A 81 -13.38 -7.52 2.99
C TYR A 81 -14.38 -6.60 2.30
N HIS A 82 -13.96 -5.37 1.99
CA HIS A 82 -14.79 -4.34 1.38
C HIS A 82 -15.20 -4.79 -0.02
N ARG A 83 -16.25 -4.19 -0.60
CA ARG A 83 -16.76 -4.52 -1.92
C ARG A 83 -17.39 -3.27 -2.50
N GLY A 1 -24.86 4.00 -0.71
CA GLY A 1 -23.53 4.62 -0.76
C GLY A 1 -23.00 4.84 0.64
N ALA A 2 -22.06 5.78 0.77
CA ALA A 2 -21.05 5.84 1.83
C ALA A 2 -20.27 4.52 1.91
N ALA A 3 -19.36 4.40 2.88
CA ALA A 3 -18.43 3.29 3.01
C ALA A 3 -17.68 3.02 1.70
N GLY A 4 -17.00 4.04 1.18
CA GLY A 4 -15.93 3.81 0.23
C GLY A 4 -14.67 3.50 0.99
N ILE A 5 -13.59 3.43 0.23
CA ILE A 5 -12.27 3.03 0.70
C ILE A 5 -11.63 4.04 1.66
N ASP A 6 -12.24 5.23 1.77
CA ASP A 6 -11.76 6.36 2.55
C ASP A 6 -11.56 6.01 4.02
N GLN A 7 -12.42 5.14 4.55
CA GLN A 7 -12.32 4.65 5.92
C GLN A 7 -10.99 3.95 6.20
N TYR A 8 -10.38 3.34 5.18
CA TYR A 8 -9.12 2.61 5.31
C TYR A 8 -7.95 3.49 4.89
N ALA A 9 -8.18 4.73 4.42
CA ALA A 9 -7.14 5.61 3.91
C ALA A 9 -6.31 6.13 5.08
N LEU A 10 -5.29 5.36 5.46
CA LEU A 10 -4.35 5.72 6.50
C LEU A 10 -3.42 6.79 5.96
N LYS A 11 -2.67 7.44 6.84
CA LYS A 11 -1.67 8.44 6.46
C LYS A 11 -0.28 8.14 7.01
N GLU A 12 -0.23 7.39 8.11
CA GLU A 12 1.00 6.99 8.77
C GLU A 12 0.78 5.59 9.34
N PHE A 13 1.86 4.87 9.58
CA PHE A 13 1.83 3.56 10.23
C PHE A 13 3.18 3.29 10.85
N THR A 14 3.28 2.15 11.54
CA THR A 14 4.54 1.55 11.91
C THR A 14 4.41 0.11 11.48
N ALA A 15 5.38 -0.42 10.75
CA ALA A 15 5.51 -1.83 10.46
C ALA A 15 6.97 -2.18 10.60
N ASP A 16 7.28 -3.41 11.01
CA ASP A 16 8.64 -3.95 10.94
C ASP A 16 9.63 -3.08 11.73
N PHE A 17 9.14 -2.49 12.81
CA PHE A 17 9.86 -1.56 13.68
C PHE A 17 10.35 -0.32 12.93
N THR A 18 9.56 0.15 11.97
CA THR A 18 9.83 1.29 11.10
C THR A 18 8.55 2.11 11.00
N GLN A 19 8.60 3.38 11.41
CA GLN A 19 7.51 4.33 11.22
C GLN A 19 7.55 4.85 9.77
N PHE A 20 6.38 5.20 9.23
CA PHE A 20 6.18 5.57 7.83
C PHE A 20 5.04 6.57 7.70
N HIS A 21 5.01 7.31 6.59
CA HIS A 21 4.07 8.36 6.26
C HIS A 21 3.80 8.36 4.76
N ILE A 22 2.75 9.03 4.28
CA ILE A 22 2.55 9.27 2.85
C ILE A 22 3.76 10.06 2.34
N GLY A 23 4.48 9.50 1.37
CA GLY A 23 5.62 10.11 0.72
C GLY A 23 6.94 9.86 1.46
N ASP A 24 6.97 9.08 2.54
CA ASP A 24 8.21 8.44 2.96
C ASP A 24 8.58 7.36 1.93
N THR A 25 9.70 6.68 2.11
CA THR A 25 10.23 5.70 1.17
C THR A 25 10.53 4.40 1.93
N VAL A 26 10.28 3.27 1.28
CA VAL A 26 10.37 1.94 1.91
C VAL A 26 11.80 1.40 1.77
N PRO A 27 12.17 0.37 2.55
CA PRO A 27 13.36 -0.43 2.31
C PRO A 27 13.22 -1.35 1.07
N ALA A 28 14.37 -1.69 0.46
CA ALA A 28 14.47 -2.52 -0.73
C ALA A 28 14.02 -3.98 -0.51
N MET A 29 13.82 -4.40 0.74
CA MET A 29 13.19 -5.67 1.10
C MET A 29 11.81 -5.83 0.48
N TYR A 30 11.16 -4.73 0.13
CA TYR A 30 9.78 -4.74 -0.34
C TYR A 30 9.64 -4.32 -1.81
N LEU A 31 10.71 -3.81 -2.42
CA LEU A 31 10.74 -3.48 -3.84
C LEU A 31 10.70 -4.77 -4.67
N THR A 32 11.26 -5.86 -4.14
CA THR A 32 11.40 -7.13 -4.83
C THR A 32 10.01 -7.72 -5.11
N PRO A 33 9.78 -8.39 -6.25
CA PRO A 33 8.46 -8.82 -6.72
C PRO A 33 7.77 -9.87 -5.84
N GLU A 34 8.43 -10.37 -4.81
CA GLU A 34 7.85 -11.27 -3.81
C GLU A 34 6.60 -10.68 -3.15
N TYR A 35 6.53 -9.35 -2.97
CA TYR A 35 5.45 -8.71 -2.21
C TYR A 35 4.42 -8.04 -3.13
N ASN A 36 4.71 -7.98 -4.43
CA ASN A 36 3.98 -7.29 -5.50
C ASN A 36 2.62 -7.93 -5.77
N ILE A 37 1.56 -7.33 -5.24
CA ILE A 37 0.18 -7.78 -5.38
C ILE A 37 -0.35 -7.32 -6.73
N LYS A 38 -0.08 -8.11 -7.77
CA LYS A 38 -0.64 -7.89 -9.11
C LYS A 38 -2.15 -8.11 -9.15
N GLN A 39 -2.77 -8.67 -8.11
CA GLN A 39 -4.20 -8.95 -8.04
C GLN A 39 -4.88 -7.77 -7.34
N TRP A 40 -5.30 -6.75 -8.09
CA TRP A 40 -5.95 -5.57 -7.53
C TRP A 40 -7.22 -5.17 -8.26
N GLN A 41 -7.40 -5.51 -9.54
CA GLN A 41 -8.61 -5.18 -10.30
C GLN A 41 -9.85 -5.84 -9.68
N GLN A 42 -9.70 -7.06 -9.16
CA GLN A 42 -10.77 -7.78 -8.46
C GLN A 42 -10.89 -7.34 -6.99
N ARG A 43 -10.17 -6.28 -6.56
CA ARG A 43 -10.16 -5.83 -5.18
C ARG A 43 -10.60 -4.36 -5.14
N ASN A 44 -10.91 -3.88 -3.94
CA ASN A 44 -11.55 -2.58 -3.75
C ASN A 44 -10.56 -1.43 -3.93
N LEU A 45 -9.27 -1.72 -3.76
CA LEU A 45 -8.17 -0.77 -3.87
C LEU A 45 -8.17 -0.12 -5.26
N PRO A 46 -7.58 1.08 -5.39
CA PRO A 46 -7.32 1.64 -6.70
C PRO A 46 -6.21 0.87 -7.42
N ALA A 47 -6.04 1.24 -8.68
CA ALA A 47 -4.87 0.93 -9.50
C ALA A 47 -3.60 1.45 -8.84
N PRO A 48 -2.40 1.01 -9.28
CA PRO A 48 -1.19 1.74 -9.00
C PRO A 48 -1.20 3.09 -9.75
N ASP A 49 -0.21 3.93 -9.45
CA ASP A 49 0.19 5.01 -10.34
C ASP A 49 1.15 4.41 -11.36
N ALA A 50 1.33 5.11 -12.48
CA ALA A 50 2.29 4.72 -13.50
C ALA A 50 3.71 4.78 -12.93
N GLY A 51 4.37 3.64 -12.76
CA GLY A 51 5.70 3.53 -12.16
C GLY A 51 5.63 3.01 -10.73
N SER A 52 4.58 2.28 -10.34
CA SER A 52 4.47 1.74 -8.98
C SER A 52 3.70 0.43 -8.95
N HIS A 53 3.73 -0.27 -7.81
CA HIS A 53 2.87 -1.42 -7.55
C HIS A 53 2.54 -1.51 -6.06
N TRP A 54 1.53 -2.30 -5.72
CA TRP A 54 1.06 -2.46 -4.36
C TRP A 54 1.79 -3.63 -3.68
N THR A 55 2.13 -3.50 -2.40
CA THR A 55 2.79 -4.55 -1.62
C THR A 55 2.03 -4.80 -0.32
N TYR A 56 2.44 -5.86 0.41
CA TYR A 56 1.92 -6.16 1.74
C TYR A 56 2.94 -5.75 2.81
N MET A 57 2.63 -4.73 3.62
CA MET A 57 3.52 -4.13 4.61
C MET A 57 2.81 -4.03 5.95
N GLY A 58 3.32 -4.71 6.98
CA GLY A 58 2.74 -4.71 8.32
C GLY A 58 1.44 -5.52 8.44
N GLY A 59 0.82 -5.95 7.35
CA GLY A 59 -0.57 -6.40 7.31
C GLY A 59 -1.44 -5.51 6.42
N ASN A 60 -0.91 -4.39 5.94
CA ASN A 60 -1.63 -3.36 5.19
C ASN A 60 -1.19 -3.37 3.73
N TYR A 61 -1.86 -2.58 2.90
CA TYR A 61 -1.59 -2.46 1.47
C TYR A 61 -0.99 -1.09 1.22
N VAL A 62 0.24 -1.04 0.73
CA VAL A 62 0.92 0.22 0.42
C VAL A 62 1.28 0.23 -1.05
N LEU A 63 1.25 1.40 -1.69
CA LEU A 63 1.67 1.59 -3.07
C LEU A 63 3.06 2.20 -3.06
N ILE A 64 4.02 1.60 -3.76
CA ILE A 64 5.42 2.02 -3.77
C ILE A 64 5.93 2.15 -5.20
N THR A 65 6.77 3.16 -5.46
CA THR A 65 7.37 3.38 -6.77
C THR A 65 8.36 2.26 -7.08
N ASP A 66 8.26 1.67 -8.28
CA ASP A 66 9.05 0.48 -8.65
C ASP A 66 10.51 0.79 -8.99
N THR A 67 10.89 2.04 -8.76
CA THR A 67 12.14 2.68 -9.12
C THR A 67 12.78 3.35 -7.90
N GLU A 68 12.16 3.27 -6.71
CA GLU A 68 12.47 4.12 -5.58
C GLU A 68 11.84 3.55 -4.33
N GLY A 69 10.51 3.43 -4.35
CA GLY A 69 9.73 2.90 -3.26
C GLY A 69 9.08 3.97 -2.39
N LYS A 70 8.83 5.20 -2.88
CA LYS A 70 8.03 6.15 -2.13
C LYS A 70 6.64 5.58 -1.91
N ILE A 71 6.21 5.61 -0.65
CA ILE A 71 4.91 5.27 -0.13
C ILE A 71 3.93 6.28 -0.72
N LEU A 72 3.40 5.98 -1.91
CA LEU A 72 2.47 6.86 -2.59
C LEU A 72 1.14 6.86 -1.83
N LYS A 73 0.66 5.69 -1.43
CA LYS A 73 -0.60 5.54 -0.71
C LYS A 73 -0.49 4.41 0.29
N VAL A 74 -1.40 4.40 1.26
CA VAL A 74 -1.64 3.31 2.17
C VAL A 74 -3.15 3.15 2.27
N TYR A 75 -3.61 1.90 2.25
CA TYR A 75 -4.89 1.52 2.81
C TYR A 75 -4.67 0.37 3.80
N ASP A 76 -5.40 0.36 4.91
CA ASP A 76 -5.34 -0.73 5.89
C ASP A 76 -5.72 -2.05 5.22
N GLY A 77 -5.18 -3.18 5.71
CA GLY A 77 -5.53 -4.52 5.27
C GLY A 77 -7.03 -4.83 5.35
N GLU A 78 -7.79 -4.11 6.19
CA GLU A 78 -9.24 -4.24 6.28
C GLU A 78 -9.93 -4.09 4.90
N ILE A 79 -9.35 -3.33 3.97
CA ILE A 79 -9.90 -3.12 2.63
C ILE A 79 -9.94 -4.42 1.80
N PHE A 80 -9.32 -5.51 2.26
CA PHE A 80 -9.41 -6.81 1.61
C PHE A 80 -10.82 -7.38 1.75
N TYR A 81 -11.33 -7.40 2.98
CA TYR A 81 -12.55 -8.12 3.33
C TYR A 81 -13.81 -7.34 2.94
N HIS A 82 -13.65 -6.04 2.67
CA HIS A 82 -14.66 -5.09 2.24
C HIS A 82 -15.33 -5.65 1.00
N ARG A 83 -16.66 -5.80 1.02
CA ARG A 83 -17.36 -6.64 0.09
C ARG A 83 -18.75 -6.12 -0.18
N GLY A 1 -19.05 12.56 2.57
CA GLY A 1 -18.58 11.67 1.49
C GLY A 1 -17.42 10.83 1.95
N ALA A 2 -17.55 10.11 3.07
CA ALA A 2 -16.55 9.26 3.68
C ALA A 2 -17.25 8.01 4.18
N ALA A 3 -17.83 7.23 3.26
CA ALA A 3 -18.57 6.00 3.52
C ALA A 3 -18.02 4.86 2.64
N GLY A 4 -16.71 4.89 2.37
CA GLY A 4 -16.00 3.98 1.51
C GLY A 4 -14.53 3.95 1.93
N ILE A 5 -13.66 3.65 0.98
CA ILE A 5 -12.27 3.24 1.17
C ILE A 5 -11.43 4.19 2.02
N ASP A 6 -11.86 5.45 2.15
CA ASP A 6 -11.15 6.43 2.97
C ASP A 6 -11.03 5.99 4.43
N GLN A 7 -11.98 5.17 4.91
CA GLN A 7 -11.96 4.62 6.25
C GLN A 7 -10.74 3.75 6.53
N TYR A 8 -10.11 3.19 5.48
CA TYR A 8 -8.89 2.40 5.60
C TYR A 8 -7.66 3.22 5.19
N ALA A 9 -7.85 4.43 4.65
CA ALA A 9 -6.77 5.22 4.06
C ALA A 9 -5.98 5.87 5.18
N LEU A 10 -4.94 5.19 5.63
CA LEU A 10 -4.08 5.70 6.68
C LEU A 10 -3.18 6.75 6.08
N LYS A 11 -2.59 7.55 6.96
CA LYS A 11 -1.72 8.62 6.58
C LYS A 11 -0.30 8.31 7.04
N GLU A 12 -0.18 7.46 8.06
CA GLU A 12 1.07 6.92 8.57
C GLU A 12 0.79 5.62 9.33
N PHE A 13 1.81 4.79 9.53
CA PHE A 13 1.79 3.52 10.24
C PHE A 13 3.21 3.20 10.72
N THR A 14 3.39 2.03 11.36
CA THR A 14 4.70 1.53 11.74
C THR A 14 4.78 0.03 11.39
N ALA A 15 5.65 -0.36 10.46
CA ALA A 15 5.94 -1.76 10.16
C ALA A 15 7.44 -1.97 10.28
N ASP A 16 7.91 -3.17 10.60
CA ASP A 16 9.32 -3.47 10.90
C ASP A 16 9.97 -2.54 11.92
N PHE A 17 9.11 -2.03 12.80
CA PHE A 17 9.37 -1.02 13.83
C PHE A 17 9.84 0.33 13.24
N THR A 18 9.65 0.52 11.93
CA THR A 18 9.94 1.72 11.17
C THR A 18 8.61 2.44 11.03
N GLN A 19 8.56 3.71 11.45
CA GLN A 19 7.45 4.61 11.17
C GLN A 19 7.53 4.98 9.69
N PHE A 20 6.39 5.13 9.02
CA PHE A 20 6.29 5.53 7.62
C PHE A 20 5.11 6.45 7.44
N HIS A 21 5.24 7.46 6.57
CA HIS A 21 4.15 8.39 6.27
C HIS A 21 3.96 8.44 4.74
N ILE A 22 2.89 9.09 4.27
CA ILE A 22 2.70 9.31 2.84
C ILE A 22 3.87 10.17 2.36
N GLY A 23 4.72 9.60 1.51
CA GLY A 23 5.84 10.27 0.87
C GLY A 23 7.21 9.93 1.46
N ASP A 24 7.29 9.10 2.51
CA ASP A 24 8.57 8.48 2.90
C ASP A 24 8.89 7.35 1.91
N THR A 25 9.90 6.53 2.15
CA THR A 25 10.32 5.48 1.24
C THR A 25 10.40 4.16 2.01
N VAL A 26 10.03 3.06 1.36
CA VAL A 26 10.26 1.73 1.92
C VAL A 26 11.75 1.37 1.84
N PRO A 27 12.22 0.36 2.59
CA PRO A 27 13.46 -0.35 2.30
C PRO A 27 13.29 -1.26 1.09
N ALA A 28 14.41 -1.68 0.50
CA ALA A 28 14.41 -2.63 -0.60
C ALA A 28 13.86 -4.01 -0.22
N MET A 29 13.72 -4.27 1.08
CA MET A 29 13.09 -5.45 1.66
C MET A 29 11.67 -5.67 1.12
N TYR A 30 11.02 -4.63 0.57
CA TYR A 30 9.67 -4.71 0.01
C TYR A 30 9.62 -4.27 -1.46
N LEU A 31 10.69 -3.72 -2.01
CA LEU A 31 10.82 -3.46 -3.45
C LEU A 31 11.14 -4.72 -4.24
N THR A 32 11.62 -5.77 -3.56
CA THR A 32 11.74 -7.10 -4.10
C THR A 32 10.32 -7.57 -4.51
N PRO A 33 10.14 -8.34 -5.60
CA PRO A 33 8.83 -8.68 -6.17
C PRO A 33 8.00 -9.68 -5.33
N GLU A 34 8.55 -10.21 -4.24
CA GLU A 34 7.93 -11.14 -3.31
C GLU A 34 6.56 -10.72 -2.78
N TYR A 35 6.33 -9.42 -2.66
CA TYR A 35 5.21 -8.85 -1.95
C TYR A 35 4.26 -8.12 -2.90
N ASN A 36 4.52 -8.13 -4.21
CA ASN A 36 3.81 -7.40 -5.23
C ASN A 36 2.38 -7.93 -5.38
N ILE A 37 1.41 -7.01 -5.35
CA ILE A 37 0.01 -7.33 -5.60
C ILE A 37 -0.35 -6.77 -6.98
N LYS A 38 -0.18 -7.60 -8.01
CA LYS A 38 -0.80 -7.38 -9.32
C LYS A 38 -2.31 -7.57 -9.27
N GLN A 39 -2.79 -8.34 -8.28
CA GLN A 39 -4.15 -8.86 -8.23
C GLN A 39 -5.13 -7.84 -7.62
N TRP A 40 -4.88 -6.54 -7.81
CA TRP A 40 -5.53 -5.44 -7.11
C TRP A 40 -6.96 -5.12 -7.59
N GLN A 41 -7.33 -5.35 -8.85
CA GLN A 41 -8.60 -4.86 -9.41
C GLN A 41 -9.81 -5.56 -8.79
N GLN A 42 -9.71 -6.87 -8.53
CA GLN A 42 -10.72 -7.64 -7.82
C GLN A 42 -10.96 -7.13 -6.38
N ARG A 43 -10.09 -6.25 -5.88
CA ARG A 43 -10.14 -5.67 -4.56
C ARG A 43 -10.72 -4.26 -4.74
N ASN A 44 -11.28 -3.68 -3.68
CA ASN A 44 -11.81 -2.32 -3.71
C ASN A 44 -10.71 -1.26 -3.80
N LEU A 45 -9.44 -1.68 -3.89
CA LEU A 45 -8.29 -0.78 -3.96
C LEU A 45 -8.19 -0.12 -5.34
N PRO A 46 -7.69 1.12 -5.42
CA PRO A 46 -7.54 1.82 -6.68
C PRO A 46 -6.39 1.25 -7.51
N ALA A 47 -6.37 1.62 -8.80
CA ALA A 47 -5.29 1.30 -9.71
C ALA A 47 -3.98 1.96 -9.21
N PRO A 48 -2.81 1.36 -9.48
CA PRO A 48 -1.52 1.94 -9.12
C PRO A 48 -1.19 3.19 -9.95
N ASP A 49 -0.13 3.90 -9.58
CA ASP A 49 0.50 4.88 -10.46
C ASP A 49 1.28 4.15 -11.55
N ALA A 50 1.70 4.93 -12.54
CA ALA A 50 2.23 4.53 -13.83
C ALA A 50 3.70 4.09 -13.79
N GLY A 51 4.08 3.38 -12.74
CA GLY A 51 5.44 2.93 -12.44
C GLY A 51 5.55 2.47 -10.99
N SER A 52 4.51 1.81 -10.48
CA SER A 52 4.40 1.46 -9.07
C SER A 52 3.63 0.16 -8.91
N HIS A 53 3.66 -0.44 -7.72
CA HIS A 53 2.82 -1.56 -7.39
C HIS A 53 2.43 -1.54 -5.92
N TRP A 54 1.27 -2.14 -5.65
CA TRP A 54 0.78 -2.36 -4.30
C TRP A 54 1.59 -3.49 -3.68
N THR A 55 1.86 -3.41 -2.38
CA THR A 55 2.63 -4.39 -1.62
C THR A 55 1.91 -4.73 -0.33
N TYR A 56 2.26 -5.84 0.31
CA TYR A 56 1.59 -6.35 1.50
C TYR A 56 2.44 -6.10 2.75
N MET A 57 2.62 -4.83 3.10
CA MET A 57 3.49 -4.36 4.17
C MET A 57 2.78 -4.61 5.49
N GLY A 58 3.18 -5.65 6.21
CA GLY A 58 2.81 -5.78 7.61
C GLY A 58 1.34 -6.14 7.81
N GLY A 59 0.60 -6.50 6.76
CA GLY A 59 -0.83 -6.70 6.80
C GLY A 59 -1.61 -5.60 6.07
N ASN A 60 -0.92 -4.55 5.60
CA ASN A 60 -1.51 -3.37 5.02
C ASN A 60 -1.14 -3.34 3.54
N TYR A 61 -1.86 -2.54 2.76
CA TYR A 61 -1.68 -2.46 1.32
C TYR A 61 -1.07 -1.11 1.00
N VAL A 62 0.19 -1.09 0.54
CA VAL A 62 0.93 0.17 0.41
C VAL A 62 1.46 0.24 -1.02
N LEU A 63 1.29 1.40 -1.67
CA LEU A 63 1.66 1.61 -3.07
C LEU A 63 3.06 2.19 -3.11
N ILE A 64 4.01 1.47 -3.71
CA ILE A 64 5.41 1.89 -3.81
C ILE A 64 5.79 2.09 -5.27
N THR A 65 6.60 3.09 -5.59
CA THR A 65 7.17 3.18 -6.93
C THR A 65 8.21 2.07 -7.07
N ASP A 66 8.29 1.47 -8.24
CA ASP A 66 9.23 0.37 -8.53
C ASP A 66 10.64 0.87 -8.82
N THR A 67 10.85 2.17 -8.58
CA THR A 67 11.96 2.95 -9.09
C THR A 67 12.36 4.05 -8.07
N GLU A 68 11.91 3.89 -6.83
CA GLU A 68 12.26 4.71 -5.67
C GLU A 68 11.68 4.04 -4.42
N GLY A 69 10.43 3.62 -4.49
CA GLY A 69 9.70 3.05 -3.38
C GLY A 69 9.11 4.10 -2.47
N LYS A 70 8.84 5.31 -2.99
CA LYS A 70 8.11 6.30 -2.23
C LYS A 70 6.74 5.72 -1.91
N ILE A 71 6.30 5.96 -0.69
CA ILE A 71 5.06 5.49 -0.11
C ILE A 71 3.97 6.41 -0.65
N LEU A 72 3.48 6.09 -1.84
CA LEU A 72 2.53 6.92 -2.54
C LEU A 72 1.21 6.93 -1.77
N LYS A 73 0.74 5.77 -1.30
CA LYS A 73 -0.55 5.61 -0.64
C LYS A 73 -0.46 4.43 0.33
N VAL A 74 -1.36 4.38 1.32
CA VAL A 74 -1.56 3.26 2.22
C VAL A 74 -3.07 3.05 2.33
N TYR A 75 -3.49 1.79 2.44
CA TYR A 75 -4.80 1.39 2.92
C TYR A 75 -4.59 0.21 3.88
N ASP A 76 -5.39 0.09 4.93
CA ASP A 76 -5.37 -1.09 5.79
C ASP A 76 -5.84 -2.35 5.06
N GLY A 77 -5.42 -3.51 5.54
CA GLY A 77 -5.80 -4.80 5.03
C GLY A 77 -7.30 -5.07 5.05
N GLU A 78 -8.06 -4.41 5.93
CA GLU A 78 -9.50 -4.59 6.04
C GLU A 78 -10.23 -4.36 4.70
N ILE A 79 -9.68 -3.53 3.80
CA ILE A 79 -10.29 -3.22 2.50
C ILE A 79 -10.43 -4.47 1.61
N PHE A 80 -9.66 -5.52 1.88
CA PHE A 80 -9.72 -6.77 1.14
C PHE A 80 -11.10 -7.40 1.30
N TYR A 81 -11.64 -7.41 2.52
CA TYR A 81 -12.84 -8.17 2.87
C TYR A 81 -14.11 -7.38 2.55
N HIS A 82 -13.99 -6.07 2.36
CA HIS A 82 -15.03 -5.09 2.12
C HIS A 82 -15.82 -5.49 0.88
N ARG A 83 -17.12 -5.17 0.87
CA ARG A 83 -18.00 -5.31 -0.26
C ARG A 83 -18.92 -4.10 -0.26
N GLY A 1 -16.53 11.34 2.46
CA GLY A 1 -16.20 10.13 1.70
C GLY A 1 -16.33 8.91 2.60
N ALA A 2 -17.50 8.25 2.62
CA ALA A 2 -17.72 7.04 3.40
C ALA A 2 -18.46 6.01 2.54
N ALA A 3 -18.81 4.87 3.15
CA ALA A 3 -19.28 3.65 2.50
C ALA A 3 -18.39 3.24 1.32
N GLY A 4 -17.08 3.51 1.43
CA GLY A 4 -16.06 3.20 0.45
C GLY A 4 -14.71 3.04 1.15
N ILE A 5 -13.62 3.25 0.42
CA ILE A 5 -12.29 2.84 0.88
C ILE A 5 -11.66 3.79 1.90
N ASP A 6 -12.26 4.97 2.12
CA ASP A 6 -11.67 6.07 2.89
C ASP A 6 -11.36 5.66 4.32
N GLN A 7 -12.20 4.80 4.89
CA GLN A 7 -12.03 4.25 6.23
C GLN A 7 -10.67 3.58 6.41
N TYR A 8 -10.16 2.95 5.36
CA TYR A 8 -8.91 2.23 5.38
C TYR A 8 -7.75 3.14 4.99
N ALA A 9 -7.97 4.41 4.59
CA ALA A 9 -6.90 5.30 4.17
C ALA A 9 -6.03 5.71 5.37
N LEU A 10 -4.97 4.95 5.64
CA LEU A 10 -4.05 5.21 6.74
C LEU A 10 -3.12 6.32 6.28
N LYS A 11 -2.96 7.40 7.05
CA LYS A 11 -2.02 8.47 6.69
C LYS A 11 -0.59 8.20 7.18
N GLU A 12 -0.44 7.27 8.10
CA GLU A 12 0.84 6.81 8.62
C GLU A 12 0.62 5.37 9.08
N PHE A 13 1.70 4.64 9.31
CA PHE A 13 1.73 3.34 9.97
C PHE A 13 3.13 3.16 10.55
N THR A 14 3.32 2.08 11.28
CA THR A 14 4.60 1.60 11.76
C THR A 14 4.60 0.12 11.44
N ALA A 15 5.64 -0.37 10.77
CA ALA A 15 5.82 -1.75 10.41
C ALA A 15 7.30 -2.05 10.46
N ASP A 16 7.67 -3.19 11.04
CA ASP A 16 9.05 -3.64 11.24
C ASP A 16 9.91 -2.49 11.78
N PHE A 17 9.48 -2.07 12.97
CA PHE A 17 10.02 -1.09 13.91
C PHE A 17 10.46 0.21 13.23
N THR A 18 9.76 0.54 12.15
CA THR A 18 10.01 1.69 11.30
C THR A 18 8.66 2.37 11.10
N GLN A 19 8.58 3.66 11.41
CA GLN A 19 7.41 4.47 11.13
C GLN A 19 7.45 4.91 9.67
N PHE A 20 6.29 5.24 9.10
CA PHE A 20 6.14 5.65 7.71
C PHE A 20 4.93 6.56 7.56
N HIS A 21 4.94 7.38 6.52
CA HIS A 21 3.93 8.38 6.20
C HIS A 21 3.69 8.40 4.69
N ILE A 22 2.62 9.07 4.24
CA ILE A 22 2.42 9.33 2.83
C ILE A 22 3.53 10.30 2.40
N GLY A 23 4.48 9.79 1.63
CA GLY A 23 5.65 10.53 1.16
C GLY A 23 6.97 10.00 1.69
N ASP A 24 6.99 9.04 2.62
CA ASP A 24 8.21 8.35 3.06
C ASP A 24 8.70 7.39 1.96
N THR A 25 9.74 6.58 2.20
CA THR A 25 10.22 5.55 1.30
C THR A 25 10.21 4.21 2.04
N VAL A 26 10.03 3.08 1.34
CA VAL A 26 10.12 1.75 1.94
C VAL A 26 11.56 1.23 1.83
N PRO A 27 11.97 0.24 2.65
CA PRO A 27 13.17 -0.54 2.39
C PRO A 27 12.98 -1.51 1.24
N ALA A 28 14.10 -1.98 0.68
CA ALA A 28 14.11 -2.93 -0.43
C ALA A 28 13.49 -4.28 -0.07
N MET A 29 13.23 -4.54 1.22
CA MET A 29 12.54 -5.75 1.68
C MET A 29 11.14 -5.87 1.07
N TYR A 30 10.52 -4.74 0.69
CA TYR A 30 9.18 -4.75 0.10
C TYR A 30 9.18 -4.44 -1.39
N LEU A 31 10.32 -3.99 -1.93
CA LEU A 31 10.45 -3.68 -3.35
C LEU A 31 10.56 -4.94 -4.20
N THR A 32 11.01 -6.05 -3.62
CA THR A 32 11.01 -7.36 -4.26
C THR A 32 9.57 -7.73 -4.70
N PRO A 33 9.39 -8.44 -5.84
CA PRO A 33 8.09 -8.85 -6.36
C PRO A 33 7.39 -9.86 -5.44
N GLU A 34 8.06 -10.37 -4.41
CA GLU A 34 7.52 -11.33 -3.44
C GLU A 34 6.27 -10.84 -2.74
N TYR A 35 6.08 -9.53 -2.59
CA TYR A 35 4.95 -8.93 -1.87
C TYR A 35 4.08 -8.08 -2.81
N ASN A 36 4.42 -8.04 -4.11
CA ASN A 36 3.76 -7.33 -5.20
C ASN A 36 2.32 -7.80 -5.36
N ILE A 37 1.35 -7.00 -4.93
CA ILE A 37 -0.05 -7.21 -5.25
C ILE A 37 -0.24 -6.73 -6.69
N LYS A 38 0.15 -7.56 -7.64
CA LYS A 38 -0.15 -7.35 -9.06
C LYS A 38 -1.67 -7.23 -9.24
N GLN A 39 -2.47 -8.03 -8.54
CA GLN A 39 -3.92 -8.10 -8.69
C GLN A 39 -4.61 -7.07 -7.78
N TRP A 40 -4.39 -5.79 -8.05
CA TRP A 40 -4.94 -4.73 -7.19
C TRP A 40 -6.46 -4.71 -7.24
N GLN A 41 -7.04 -4.69 -8.44
CA GLN A 41 -8.40 -4.23 -8.67
C GLN A 41 -9.42 -5.06 -7.90
N GLN A 42 -9.25 -6.38 -7.87
CA GLN A 42 -10.08 -7.32 -7.12
C GLN A 42 -10.15 -7.01 -5.62
N ARG A 43 -9.14 -6.36 -5.04
CA ARG A 43 -9.09 -6.07 -3.61
C ARG A 43 -9.74 -4.74 -3.28
N ASN A 44 -10.71 -4.30 -4.10
CA ASN A 44 -11.55 -3.12 -3.92
C ASN A 44 -10.76 -1.81 -4.04
N LEU A 45 -9.44 -1.88 -4.20
CA LEU A 45 -8.50 -0.77 -4.16
C LEU A 45 -8.38 -0.08 -5.53
N PRO A 46 -7.81 1.15 -5.56
CA PRO A 46 -7.56 1.88 -6.80
C PRO A 46 -6.34 1.32 -7.57
N ALA A 47 -6.12 1.88 -8.76
CA ALA A 47 -4.98 1.63 -9.63
C ALA A 47 -3.66 2.07 -8.98
N PRO A 48 -2.51 1.62 -9.50
CA PRO A 48 -1.21 2.26 -9.23
C PRO A 48 -1.09 3.61 -9.97
N ASP A 49 0.11 4.18 -9.98
CA ASP A 49 0.55 5.18 -10.96
C ASP A 49 1.34 4.43 -12.06
N ALA A 50 1.96 5.17 -12.99
CA ALA A 50 2.93 4.65 -13.94
C ALA A 50 4.09 3.95 -13.21
N GLY A 51 4.10 2.61 -13.21
CA GLY A 51 5.22 1.79 -12.76
C GLY A 51 5.29 1.55 -11.26
N SER A 52 4.50 2.29 -10.47
CA SER A 52 4.35 1.93 -9.07
C SER A 52 3.48 0.68 -8.96
N HIS A 53 3.43 0.09 -7.77
CA HIS A 53 2.67 -1.12 -7.51
C HIS A 53 2.39 -1.23 -6.02
N TRP A 54 1.29 -1.88 -5.68
CA TRP A 54 0.88 -2.10 -4.32
C TRP A 54 1.63 -3.31 -3.76
N THR A 55 2.01 -3.28 -2.49
CA THR A 55 2.67 -4.39 -1.82
C THR A 55 2.04 -4.66 -0.47
N TYR A 56 2.29 -5.85 0.09
CA TYR A 56 1.81 -6.27 1.39
C TYR A 56 2.92 -6.03 2.41
N MET A 57 2.84 -4.90 3.12
CA MET A 57 3.83 -4.41 4.05
C MET A 57 3.20 -4.49 5.44
N GLY A 58 3.50 -5.57 6.17
CA GLY A 58 3.09 -5.68 7.55
C GLY A 58 1.59 -5.95 7.72
N GLY A 59 0.84 -6.29 6.67
CA GLY A 59 -0.60 -6.33 6.71
C GLY A 59 -1.23 -5.01 6.28
N ASN A 60 -0.46 -4.04 5.79
CA ASN A 60 -0.94 -2.81 5.15
C ASN A 60 -0.66 -2.92 3.66
N TYR A 61 -1.52 -2.35 2.82
CA TYR A 61 -1.34 -2.30 1.38
C TYR A 61 -0.73 -0.96 1.05
N VAL A 62 0.50 -0.95 0.55
CA VAL A 62 1.27 0.28 0.41
C VAL A 62 1.65 0.40 -1.07
N LEU A 63 1.44 1.56 -1.68
CA LEU A 63 1.71 1.81 -3.09
C LEU A 63 3.12 2.38 -3.22
N ILE A 64 4.04 1.63 -3.82
CA ILE A 64 5.45 1.97 -3.88
C ILE A 64 5.87 2.18 -5.33
N THR A 65 6.77 3.13 -5.60
CA THR A 65 7.34 3.27 -6.93
C THR A 65 8.39 2.19 -7.11
N ASP A 66 8.42 1.54 -8.28
CA ASP A 66 9.46 0.55 -8.62
C ASP A 66 10.89 1.08 -8.59
N THR A 67 11.03 2.39 -8.65
CA THR A 67 12.22 3.11 -9.02
C THR A 67 12.73 3.95 -7.83
N GLU A 68 12.19 3.70 -6.62
CA GLU A 68 12.40 4.53 -5.44
C GLU A 68 11.85 3.81 -4.21
N GLY A 69 10.59 3.39 -4.32
CA GLY A 69 9.78 2.87 -3.26
C GLY A 69 9.13 3.96 -2.43
N LYS A 70 8.84 5.12 -3.02
CA LYS A 70 8.15 6.19 -2.31
C LYS A 70 6.75 5.72 -1.95
N ILE A 71 6.32 6.05 -0.74
CA ILE A 71 5.04 5.66 -0.18
C ILE A 71 4.01 6.63 -0.75
N LEU A 72 3.52 6.30 -1.95
CA LEU A 72 2.59 7.13 -2.70
C LEU A 72 1.25 7.21 -1.98
N LYS A 73 0.72 6.08 -1.50
CA LYS A 73 -0.54 5.93 -0.77
C LYS A 73 -0.42 4.69 0.11
N VAL A 74 -1.29 4.55 1.11
CA VAL A 74 -1.45 3.34 1.89
C VAL A 74 -2.95 3.13 2.06
N TYR A 75 -3.37 1.87 2.20
CA TYR A 75 -4.62 1.49 2.85
C TYR A 75 -4.30 0.36 3.84
N ASP A 76 -5.15 0.17 4.84
CA ASP A 76 -5.10 -1.00 5.72
C ASP A 76 -5.39 -2.27 4.88
N GLY A 77 -4.94 -3.43 5.34
CA GLY A 77 -5.31 -4.74 4.81
C GLY A 77 -6.79 -5.05 4.97
N GLU A 78 -7.48 -4.42 5.93
CA GLU A 78 -8.89 -4.67 6.18
C GLU A 78 -9.80 -4.39 4.98
N ILE A 79 -9.32 -3.63 3.98
CA ILE A 79 -10.02 -3.40 2.72
C ILE A 79 -10.22 -4.70 1.91
N PHE A 80 -9.34 -5.69 2.08
CA PHE A 80 -9.45 -6.97 1.40
C PHE A 80 -10.68 -7.76 1.86
N TYR A 81 -11.33 -7.31 2.94
CA TYR A 81 -12.51 -7.90 3.54
C TYR A 81 -13.67 -6.89 3.54
N HIS A 82 -13.58 -5.84 2.70
CA HIS A 82 -14.69 -4.99 2.31
C HIS A 82 -15.62 -5.79 1.38
N ARG A 83 -16.62 -5.17 0.78
CA ARG A 83 -17.42 -5.76 -0.29
C ARG A 83 -17.51 -4.73 -1.39
N GLY A 1 -17.66 5.94 10.08
CA GLY A 1 -17.77 7.34 9.64
C GLY A 1 -18.05 7.44 8.15
N ALA A 2 -17.45 6.62 7.28
CA ALA A 2 -17.59 6.69 5.84
C ALA A 2 -17.75 5.28 5.28
N ALA A 3 -18.72 5.07 4.39
CA ALA A 3 -19.08 3.76 3.88
C ALA A 3 -18.24 3.27 2.71
N GLY A 4 -17.28 4.06 2.24
CA GLY A 4 -16.39 3.72 1.12
C GLY A 4 -15.03 3.31 1.64
N ILE A 5 -13.95 3.69 0.94
CA ILE A 5 -12.62 3.21 1.30
C ILE A 5 -11.86 4.15 2.23
N ASP A 6 -12.33 5.37 2.45
CA ASP A 6 -11.60 6.40 3.20
C ASP A 6 -11.28 5.97 4.63
N GLN A 7 -12.14 5.16 5.24
CA GLN A 7 -11.94 4.61 6.56
C GLN A 7 -10.65 3.78 6.67
N TYR A 8 -10.19 3.19 5.56
CA TYR A 8 -8.98 2.38 5.52
C TYR A 8 -7.79 3.21 5.02
N ALA A 9 -7.96 4.48 4.66
CA ALA A 9 -6.91 5.32 4.08
C ALA A 9 -6.00 5.85 5.21
N LEU A 10 -4.95 5.10 5.53
CA LEU A 10 -4.08 5.38 6.66
C LEU A 10 -3.08 6.46 6.22
N LYS A 11 -2.93 7.53 6.99
CA LYS A 11 -2.05 8.65 6.65
C LYS A 11 -0.60 8.39 7.05
N GLU A 12 -0.40 7.43 7.95
CA GLU A 12 0.88 6.97 8.48
C GLU A 12 0.65 5.56 9.03
N PHE A 13 1.71 4.81 9.30
CA PHE A 13 1.68 3.54 10.02
C PHE A 13 3.08 3.25 10.55
N THR A 14 3.24 2.13 11.25
CA THR A 14 4.54 1.57 11.57
C THR A 14 4.47 0.09 11.18
N ALA A 15 5.51 -0.44 10.53
CA ALA A 15 5.73 -1.87 10.39
C ALA A 15 7.23 -2.10 10.40
N ASP A 16 7.69 -3.31 10.72
CA ASP A 16 9.11 -3.67 10.74
C ASP A 16 9.91 -2.70 11.62
N PHE A 17 9.29 -2.30 12.73
CA PHE A 17 9.81 -1.35 13.72
C PHE A 17 10.09 0.04 13.14
N THR A 18 9.58 0.33 11.94
CA THR A 18 9.89 1.48 11.12
C THR A 18 8.61 2.26 10.92
N GLN A 19 8.61 3.55 11.23
CA GLN A 19 7.45 4.41 11.04
C GLN A 19 7.47 4.97 9.62
N PHE A 20 6.28 5.22 9.06
CA PHE A 20 6.09 5.56 7.67
C PHE A 20 4.94 6.54 7.50
N HIS A 21 4.98 7.31 6.40
CA HIS A 21 4.03 8.34 6.07
C HIS A 21 3.72 8.28 4.58
N ILE A 22 2.64 8.94 4.15
CA ILE A 22 2.44 9.24 2.74
C ILE A 22 3.60 10.11 2.31
N GLY A 23 4.43 9.61 1.40
CA GLY A 23 5.56 10.33 0.82
C GLY A 23 6.91 9.96 1.42
N ASP A 24 6.98 9.05 2.40
CA ASP A 24 8.24 8.44 2.87
C ASP A 24 8.75 7.45 1.83
N THR A 25 9.87 6.75 2.09
CA THR A 25 10.47 5.75 1.22
C THR A 25 10.63 4.41 1.97
N VAL A 26 10.61 3.27 1.26
CA VAL A 26 10.60 1.93 1.86
C VAL A 26 11.98 1.26 1.81
N PRO A 27 12.25 0.27 2.67
CA PRO A 27 13.39 -0.63 2.50
C PRO A 27 13.22 -1.54 1.29
N ALA A 28 14.35 -2.06 0.78
CA ALA A 28 14.40 -2.93 -0.38
C ALA A 28 13.74 -4.30 -0.17
N MET A 29 13.47 -4.68 1.08
CA MET A 29 12.71 -5.87 1.42
C MET A 29 11.34 -5.90 0.77
N TYR A 30 10.80 -4.75 0.40
CA TYR A 30 9.45 -4.67 -0.16
C TYR A 30 9.45 -4.28 -1.64
N LEU A 31 10.59 -3.87 -2.18
CA LEU A 31 10.74 -3.50 -3.58
C LEU A 31 10.82 -4.74 -4.48
N THR A 32 11.16 -5.89 -3.93
CA THR A 32 11.16 -7.18 -4.59
C THR A 32 9.72 -7.57 -5.01
N PRO A 33 9.54 -8.38 -6.08
CA PRO A 33 8.24 -8.92 -6.46
C PRO A 33 7.63 -9.89 -5.44
N GLU A 34 8.36 -10.27 -4.40
CA GLU A 34 7.92 -11.22 -3.39
C GLU A 34 6.68 -10.76 -2.62
N TYR A 35 6.35 -9.47 -2.64
CA TYR A 35 5.22 -8.89 -1.91
C TYR A 35 4.24 -8.17 -2.83
N ASN A 36 4.55 -8.04 -4.13
CA ASN A 36 3.84 -7.23 -5.09
C ASN A 36 2.42 -7.74 -5.34
N ILE A 37 1.40 -7.03 -4.83
CA ILE A 37 0.00 -7.43 -4.93
C ILE A 37 -0.49 -7.08 -6.33
N LYS A 38 -0.15 -7.90 -7.31
CA LYS A 38 -0.50 -7.65 -8.70
C LYS A 38 -2.02 -7.62 -8.92
N GLN A 39 -2.80 -8.33 -8.11
CA GLN A 39 -4.24 -8.48 -8.27
C GLN A 39 -4.98 -7.42 -7.44
N TRP A 40 -4.83 -6.14 -7.77
CA TRP A 40 -5.33 -5.04 -6.96
C TRP A 40 -6.81 -4.73 -7.20
N GLN A 41 -7.27 -4.68 -8.45
CA GLN A 41 -8.62 -4.21 -8.81
C GLN A 41 -9.70 -5.07 -8.13
N GLN A 42 -9.40 -6.35 -7.90
CA GLN A 42 -10.29 -7.32 -7.25
C GLN A 42 -10.31 -7.18 -5.71
N ARG A 43 -9.86 -6.06 -5.13
CA ARG A 43 -9.72 -5.88 -3.67
C ARG A 43 -10.38 -4.60 -3.15
N ASN A 44 -11.35 -4.03 -3.87
CA ASN A 44 -11.96 -2.71 -3.61
C ASN A 44 -10.96 -1.55 -3.60
N LEU A 45 -9.69 -1.76 -3.96
CA LEU A 45 -8.68 -0.72 -3.97
C LEU A 45 -8.63 -0.01 -5.34
N PRO A 46 -7.98 1.16 -5.41
CA PRO A 46 -7.61 1.82 -6.66
C PRO A 46 -6.40 1.15 -7.34
N ALA A 47 -6.16 1.57 -8.57
CA ALA A 47 -4.96 1.33 -9.37
C ALA A 47 -3.68 1.83 -8.67
N PRO A 48 -2.49 1.41 -9.14
CA PRO A 48 -1.24 2.09 -8.86
C PRO A 48 -1.13 3.43 -9.62
N ASP A 49 0.07 3.99 -9.69
CA ASP A 49 0.49 4.98 -10.69
C ASP A 49 1.26 4.21 -11.79
N ALA A 50 1.92 4.90 -12.72
CA ALA A 50 2.71 4.29 -13.79
C ALA A 50 4.11 3.92 -13.29
N GLY A 51 4.38 2.64 -13.07
CA GLY A 51 5.64 2.17 -12.50
C GLY A 51 5.60 2.30 -10.98
N SER A 52 4.49 1.88 -10.38
CA SER A 52 4.40 1.61 -8.96
C SER A 52 3.53 0.37 -8.78
N HIS A 53 3.55 -0.19 -7.57
CA HIS A 53 2.79 -1.38 -7.26
C HIS A 53 2.46 -1.42 -5.77
N TRP A 54 1.29 -1.96 -5.47
CA TRP A 54 0.88 -2.23 -4.12
C TRP A 54 1.67 -3.43 -3.60
N THR A 55 1.96 -3.43 -2.30
CA THR A 55 2.79 -4.37 -1.55
C THR A 55 2.11 -4.65 -0.21
N TYR A 56 2.60 -5.63 0.56
CA TYR A 56 1.94 -6.09 1.78
C TYR A 56 2.79 -5.85 3.04
N MET A 57 2.79 -4.61 3.52
CA MET A 57 3.63 -4.09 4.60
C MET A 57 2.92 -4.27 5.93
N GLY A 58 3.24 -5.32 6.68
CA GLY A 58 2.73 -5.48 8.03
C GLY A 58 1.22 -5.76 8.12
N GLY A 59 0.57 -6.06 6.99
CA GLY A 59 -0.88 -6.16 6.88
C GLY A 59 -1.48 -4.98 6.11
N ASN A 60 -0.72 -3.90 5.91
CA ASN A 60 -1.17 -2.71 5.19
C ASN A 60 -0.84 -2.90 3.71
N TYR A 61 -1.76 -2.51 2.84
CA TYR A 61 -1.53 -2.40 1.41
C TYR A 61 -0.82 -1.08 1.14
N VAL A 62 0.44 -1.13 0.70
CA VAL A 62 1.29 0.06 0.56
C VAL A 62 1.69 0.19 -0.91
N LEU A 63 1.44 1.34 -1.54
CA LEU A 63 1.77 1.60 -2.93
C LEU A 63 3.16 2.18 -2.99
N ILE A 64 4.13 1.45 -3.52
CA ILE A 64 5.50 1.91 -3.66
C ILE A 64 5.84 2.14 -5.13
N THR A 65 6.73 3.07 -5.42
CA THR A 65 7.31 3.25 -6.73
C THR A 65 8.32 2.15 -7.00
N ASP A 66 8.34 1.62 -8.21
CA ASP A 66 9.40 0.73 -8.69
C ASP A 66 10.73 1.49 -8.80
N THR A 67 10.68 2.82 -8.82
CA THR A 67 11.70 3.74 -9.28
C THR A 67 12.51 4.35 -8.11
N GLU A 68 12.11 4.07 -6.87
CA GLU A 68 12.42 4.90 -5.70
C GLU A 68 11.91 4.19 -4.45
N GLY A 69 10.70 3.65 -4.51
CA GLY A 69 10.01 3.09 -3.36
C GLY A 69 9.46 4.16 -2.45
N LYS A 70 9.11 5.34 -2.97
CA LYS A 70 8.27 6.27 -2.25
C LYS A 70 6.92 5.61 -2.00
N ILE A 71 6.46 5.70 -0.77
CA ILE A 71 5.15 5.36 -0.27
C ILE A 71 4.20 6.36 -0.89
N LEU A 72 3.72 6.06 -2.09
CA LEU A 72 2.79 6.93 -2.79
C LEU A 72 1.49 7.02 -1.98
N LYS A 73 0.96 5.88 -1.52
CA LYS A 73 -0.32 5.78 -0.81
C LYS A 73 -0.30 4.57 0.11
N VAL A 74 -1.22 4.50 1.08
CA VAL A 74 -1.41 3.33 1.96
C VAL A 74 -2.91 3.14 2.15
N TYR A 75 -3.33 1.89 2.26
CA TYR A 75 -4.63 1.47 2.77
C TYR A 75 -4.39 0.26 3.68
N ASP A 76 -5.30 -0.04 4.60
CA ASP A 76 -5.20 -1.25 5.42
C ASP A 76 -5.59 -2.50 4.59
N GLY A 77 -5.14 -3.68 5.00
CA GLY A 77 -5.49 -5.00 4.46
C GLY A 77 -6.98 -5.29 4.54
N GLU A 78 -7.68 -4.72 5.52
CA GLU A 78 -9.06 -5.03 5.84
C GLU A 78 -10.01 -4.69 4.69
N ILE A 79 -9.60 -3.82 3.77
CA ILE A 79 -10.32 -3.52 2.55
C ILE A 79 -10.52 -4.78 1.67
N PHE A 80 -9.69 -5.82 1.84
CA PHE A 80 -9.83 -7.09 1.13
C PHE A 80 -11.12 -7.84 1.48
N TYR A 81 -11.89 -7.36 2.47
CA TYR A 81 -13.16 -7.93 2.90
C TYR A 81 -14.31 -6.93 2.73
N HIS A 82 -14.03 -5.70 2.27
CA HIS A 82 -14.96 -4.61 2.06
C HIS A 82 -15.81 -4.90 0.81
N ARG A 83 -16.90 -4.15 0.65
CA ARG A 83 -17.90 -4.22 -0.40
C ARG A 83 -18.51 -2.84 -0.49
N GLY A 1 -20.15 7.01 7.85
CA GLY A 1 -20.13 7.47 6.45
C GLY A 1 -19.26 6.58 5.59
N ALA A 2 -18.47 7.16 4.68
CA ALA A 2 -17.24 6.63 4.06
C ALA A 2 -17.27 5.16 3.56
N ALA A 3 -18.43 4.63 3.17
CA ALA A 3 -18.58 3.23 2.78
C ALA A 3 -17.99 3.00 1.38
N GLY A 4 -16.67 2.92 1.30
CA GLY A 4 -15.89 2.67 0.11
C GLY A 4 -14.51 2.26 0.57
N ILE A 5 -13.51 3.10 0.32
CA ILE A 5 -12.13 2.81 0.67
C ILE A 5 -11.54 3.85 1.61
N ASP A 6 -12.13 5.04 1.69
CA ASP A 6 -11.52 6.17 2.38
C ASP A 6 -11.49 5.94 3.89
N GLN A 7 -12.36 5.06 4.39
CA GLN A 7 -12.36 4.59 5.77
C GLN A 7 -11.09 3.79 6.13
N TYR A 8 -10.43 3.17 5.14
CA TYR A 8 -9.20 2.41 5.31
C TYR A 8 -7.97 3.23 4.92
N ALA A 9 -8.14 4.48 4.49
CA ALA A 9 -7.03 5.34 4.10
C ALA A 9 -6.22 5.67 5.34
N LEU A 10 -5.09 4.99 5.53
CA LEU A 10 -4.10 5.34 6.54
C LEU A 10 -3.22 6.43 5.94
N LYS A 11 -2.67 7.31 6.79
CA LYS A 11 -1.70 8.33 6.38
C LYS A 11 -0.27 7.92 6.74
N GLU A 12 -0.13 6.89 7.56
CA GLU A 12 1.03 6.65 8.40
C GLU A 12 0.78 5.33 9.11
N PHE A 13 1.85 4.67 9.53
CA PHE A 13 1.81 3.37 10.20
C PHE A 13 3.23 3.03 10.71
N THR A 14 3.35 1.86 11.33
CA THR A 14 4.61 1.22 11.70
C THR A 14 4.57 -0.18 11.10
N ALA A 15 5.66 -0.63 10.47
CA ALA A 15 5.88 -2.03 10.14
C ALA A 15 7.31 -2.34 10.58
N ASP A 16 7.57 -3.49 11.20
CA ASP A 16 8.95 -3.96 11.42
C ASP A 16 9.74 -2.92 12.25
N PHE A 17 9.02 -2.26 13.16
CA PHE A 17 9.46 -1.16 14.03
C PHE A 17 9.95 0.07 13.28
N THR A 18 9.66 0.14 11.99
CA THR A 18 10.05 1.21 11.10
C THR A 18 8.81 2.09 10.88
N GLN A 19 9.02 3.40 10.96
CA GLN A 19 7.99 4.43 10.87
C GLN A 19 7.83 4.85 9.41
N PHE A 20 6.59 5.12 8.96
CA PHE A 20 6.33 5.52 7.59
C PHE A 20 5.17 6.49 7.50
N HIS A 21 5.15 7.30 6.44
CA HIS A 21 4.13 8.29 6.17
C HIS A 21 3.93 8.35 4.65
N ILE A 22 2.86 9.02 4.20
CA ILE A 22 2.69 9.37 2.79
C ILE A 22 3.89 10.22 2.39
N GLY A 23 4.70 9.73 1.46
CA GLY A 23 5.84 10.47 0.91
C GLY A 23 7.19 10.01 1.46
N ASP A 24 7.24 9.18 2.51
CA ASP A 24 8.49 8.54 2.96
C ASP A 24 8.80 7.40 1.96
N THR A 25 9.86 6.62 2.13
CA THR A 25 10.20 5.52 1.23
C THR A 25 10.19 4.21 2.02
N VAL A 26 9.83 3.09 1.38
CA VAL A 26 9.97 1.77 2.01
C VAL A 26 11.44 1.32 1.97
N PRO A 27 11.82 0.32 2.77
CA PRO A 27 13.02 -0.47 2.55
C PRO A 27 12.84 -1.46 1.39
N ALA A 28 13.96 -1.94 0.85
CA ALA A 28 14.01 -2.86 -0.27
C ALA A 28 13.37 -4.22 0.04
N MET A 29 13.30 -4.59 1.32
CA MET A 29 12.66 -5.79 1.80
C MET A 29 11.22 -5.97 1.34
N TYR A 30 10.57 -4.86 0.94
CA TYR A 30 9.18 -4.83 0.53
C TYR A 30 9.01 -4.39 -0.93
N LEU A 31 10.09 -3.95 -1.57
CA LEU A 31 10.20 -3.70 -3.01
C LEU A 31 10.39 -5.00 -3.78
N THR A 32 10.95 -6.03 -3.14
CA THR A 32 11.27 -7.29 -3.80
C THR A 32 9.96 -7.94 -4.32
N PRO A 33 9.99 -8.62 -5.47
CA PRO A 33 8.78 -9.07 -6.15
C PRO A 33 7.96 -10.11 -5.37
N GLU A 34 8.48 -10.66 -4.27
CA GLU A 34 7.76 -11.56 -3.39
C GLU A 34 6.47 -10.93 -2.89
N TYR A 35 6.48 -9.62 -2.64
CA TYR A 35 5.37 -8.90 -2.03
C TYR A 35 4.60 -8.07 -3.06
N ASN A 36 5.16 -7.92 -4.28
CA ASN A 36 4.60 -7.11 -5.37
C ASN A 36 3.22 -7.66 -5.77
N ILE A 37 2.17 -6.91 -5.49
CA ILE A 37 0.79 -7.24 -5.83
C ILE A 37 0.53 -6.70 -7.23
N LYS A 38 0.77 -7.54 -8.24
CA LYS A 38 0.24 -7.26 -9.58
C LYS A 38 -1.26 -7.54 -9.62
N GLN A 39 -1.78 -8.45 -8.80
CA GLN A 39 -3.22 -8.67 -8.67
C GLN A 39 -3.80 -7.65 -7.69
N TRP A 40 -3.82 -6.38 -8.10
CA TRP A 40 -4.56 -5.35 -7.42
C TRP A 40 -6.04 -5.62 -7.63
N GLN A 41 -6.49 -5.67 -8.89
CA GLN A 41 -7.88 -5.50 -9.31
C GLN A 41 -8.90 -6.26 -8.46
N GLN A 42 -8.69 -7.54 -8.16
CA GLN A 42 -9.66 -8.33 -7.40
C GLN A 42 -9.89 -7.83 -5.97
N ARG A 43 -8.94 -7.07 -5.39
CA ARG A 43 -9.10 -6.47 -4.08
C ARG A 43 -10.04 -5.27 -4.22
N ASN A 44 -10.09 -4.38 -3.22
CA ASN A 44 -10.91 -3.17 -3.30
C ASN A 44 -10.05 -1.93 -3.56
N LEU A 45 -8.73 -2.09 -3.72
CA LEU A 45 -7.84 -0.98 -3.95
C LEU A 45 -8.13 -0.25 -5.28
N PRO A 46 -7.73 1.02 -5.37
CA PRO A 46 -7.56 1.75 -6.63
C PRO A 46 -6.35 1.21 -7.43
N ALA A 47 -6.20 1.67 -8.66
CA ALA A 47 -5.06 1.41 -9.53
C ALA A 47 -3.73 1.91 -8.93
N PRO A 48 -2.58 1.37 -9.37
CA PRO A 48 -1.28 1.96 -9.05
C PRO A 48 -1.07 3.29 -9.81
N ASP A 49 -0.16 4.14 -9.33
CA ASP A 49 0.39 5.24 -10.12
C ASP A 49 1.12 4.61 -11.29
N ALA A 50 1.15 5.32 -12.41
CA ALA A 50 1.91 4.94 -13.57
C ALA A 50 3.42 4.90 -13.24
N GLY A 51 3.97 3.71 -13.01
CA GLY A 51 5.36 3.51 -12.62
C GLY A 51 5.50 2.91 -11.21
N SER A 52 4.43 2.40 -10.62
CA SER A 52 4.42 1.84 -9.26
C SER A 52 3.71 0.48 -9.23
N HIS A 53 3.71 -0.16 -8.06
CA HIS A 53 2.90 -1.32 -7.78
C HIS A 53 2.53 -1.36 -6.30
N TRP A 54 1.42 -2.02 -5.99
CA TRP A 54 1.01 -2.29 -4.62
C TRP A 54 1.91 -3.38 -4.03
N THR A 55 2.03 -3.43 -2.70
CA THR A 55 2.69 -4.51 -1.97
C THR A 55 1.97 -4.66 -0.63
N TYR A 56 2.27 -5.76 0.06
CA TYR A 56 1.71 -6.15 1.33
C TYR A 56 2.76 -5.94 2.42
N MET A 57 2.59 -4.90 3.25
CA MET A 57 3.42 -4.57 4.41
C MET A 57 3.00 -5.43 5.60
N GLY A 58 3.27 -4.92 6.81
CA GLY A 58 2.91 -5.44 8.13
C GLY A 58 1.42 -5.34 8.39
N GLY A 59 0.65 -5.97 7.52
CA GLY A 59 -0.78 -6.12 7.62
C GLY A 59 -1.55 -5.14 6.75
N ASN A 60 -0.88 -4.30 5.95
CA ASN A 60 -1.48 -3.19 5.23
C ASN A 60 -1.03 -3.25 3.78
N TYR A 61 -1.78 -2.62 2.89
CA TYR A 61 -1.46 -2.55 1.47
C TYR A 61 -0.89 -1.17 1.17
N VAL A 62 0.29 -1.09 0.56
CA VAL A 62 0.91 0.19 0.25
C VAL A 62 1.30 0.21 -1.21
N LEU A 63 1.31 1.40 -1.79
CA LEU A 63 1.67 1.63 -3.18
C LEU A 63 3.08 2.20 -3.21
N ILE A 64 3.97 1.60 -4.00
CA ILE A 64 5.40 1.91 -4.06
C ILE A 64 5.85 2.07 -5.51
N THR A 65 6.58 3.14 -5.81
CA THR A 65 7.20 3.36 -7.10
C THR A 65 8.17 2.21 -7.40
N ASP A 66 8.14 1.65 -8.61
CA ASP A 66 9.12 0.65 -9.08
C ASP A 66 10.54 1.26 -9.16
N THR A 67 10.67 2.57 -8.98
CA THR A 67 11.76 3.41 -9.42
C THR A 67 12.19 4.35 -8.26
N GLU A 68 11.70 4.08 -7.04
CA GLU A 68 12.00 4.85 -5.83
C GLU A 68 11.44 4.17 -4.58
N GLY A 69 10.29 3.47 -4.71
CA GLY A 69 9.46 3.02 -3.62
C GLY A 69 9.15 4.10 -2.60
N LYS A 70 8.94 5.34 -3.08
CA LYS A 70 8.23 6.32 -2.28
C LYS A 70 6.87 5.73 -2.00
N ILE A 71 6.35 6.02 -0.81
CA ILE A 71 5.07 5.56 -0.32
C ILE A 71 4.06 6.51 -0.94
N LEU A 72 3.54 6.13 -2.12
CA LEU A 72 2.51 6.87 -2.81
C LEU A 72 1.28 6.94 -1.93
N LYS A 73 0.73 5.78 -1.53
CA LYS A 73 -0.49 5.64 -0.72
C LYS A 73 -0.38 4.45 0.24
N VAL A 74 -1.23 4.40 1.27
CA VAL A 74 -1.35 3.30 2.23
C VAL A 74 -2.84 3.05 2.46
N TYR A 75 -3.26 1.79 2.49
CA TYR A 75 -4.57 1.38 2.96
C TYR A 75 -4.40 0.23 3.94
N ASP A 76 -5.22 0.19 4.98
CA ASP A 76 -5.22 -0.90 5.95
C ASP A 76 -5.61 -2.21 5.23
N GLY A 77 -5.06 -3.35 5.63
CA GLY A 77 -5.44 -4.67 5.10
C GLY A 77 -6.91 -4.97 5.28
N GLU A 78 -7.58 -4.30 6.22
CA GLU A 78 -9.03 -4.35 6.39
C GLU A 78 -9.79 -4.13 5.08
N ILE A 79 -9.23 -3.35 4.15
CA ILE A 79 -9.81 -3.05 2.85
C ILE A 79 -10.08 -4.31 2.02
N PHE A 80 -9.34 -5.40 2.26
CA PHE A 80 -9.54 -6.66 1.55
C PHE A 80 -10.94 -7.21 1.83
N TYR A 81 -11.46 -7.00 3.04
CA TYR A 81 -12.69 -7.61 3.50
C TYR A 81 -13.93 -6.79 3.15
N HIS A 82 -13.77 -5.67 2.43
CA HIS A 82 -14.89 -4.85 1.98
C HIS A 82 -15.46 -5.40 0.66
N ARG A 83 -16.41 -4.69 0.06
CA ARG A 83 -17.19 -5.08 -1.10
C ARG A 83 -17.39 -3.88 -2.00
N GLY A 1 -19.47 10.22 6.83
CA GLY A 1 -20.51 10.04 5.82
C GLY A 1 -19.95 9.36 4.59
N ALA A 2 -19.54 8.10 4.69
CA ALA A 2 -18.94 7.37 3.59
C ALA A 2 -19.19 5.88 3.78
N ALA A 3 -19.06 5.11 2.71
CA ALA A 3 -19.05 3.65 2.74
C ALA A 3 -18.06 3.10 1.70
N GLY A 4 -17.05 3.89 1.33
CA GLY A 4 -16.03 3.55 0.38
C GLY A 4 -14.70 3.30 1.10
N ILE A 5 -13.65 3.18 0.31
CA ILE A 5 -12.32 2.82 0.77
C ILE A 5 -11.72 3.84 1.75
N ASP A 6 -12.25 5.06 1.77
CA ASP A 6 -11.69 6.22 2.46
C ASP A 6 -11.55 6.03 3.96
N GLN A 7 -12.37 5.14 4.53
CA GLN A 7 -12.26 4.74 5.92
C GLN A 7 -10.92 4.06 6.23
N TYR A 8 -10.40 3.31 5.27
CA TYR A 8 -9.17 2.55 5.40
C TYR A 8 -7.96 3.39 4.95
N ALA A 9 -8.16 4.62 4.45
CA ALA A 9 -7.09 5.48 3.99
C ALA A 9 -6.24 5.89 5.21
N LEU A 10 -5.07 5.25 5.35
CA LEU A 10 -4.11 5.61 6.38
C LEU A 10 -3.17 6.67 5.82
N LYS A 11 -2.46 7.33 6.72
CA LYS A 11 -1.61 8.49 6.45
C LYS A 11 -0.18 8.25 6.95
N GLU A 12 -0.02 7.31 7.87
CA GLU A 12 1.23 6.90 8.47
C GLU A 12 1.02 5.50 9.04
N PHE A 13 2.11 4.80 9.32
CA PHE A 13 2.11 3.51 9.99
C PHE A 13 3.50 3.17 10.52
N THR A 14 3.61 2.06 11.23
CA THR A 14 4.87 1.48 11.65
C THR A 14 4.88 0.01 11.20
N ALA A 15 5.74 -0.35 10.26
CA ALA A 15 6.07 -1.72 9.91
C ALA A 15 7.57 -1.85 10.07
N ASP A 16 8.10 -3.05 10.24
CA ASP A 16 9.56 -3.25 10.35
C ASP A 16 10.16 -2.45 11.52
N PHE A 17 9.34 -2.15 12.54
CA PHE A 17 9.65 -1.28 13.67
C PHE A 17 10.02 0.15 13.25
N THR A 18 9.71 0.52 12.01
CA THR A 18 10.11 1.72 11.34
C THR A 18 8.83 2.48 11.03
N GLN A 19 8.76 3.73 11.46
CA GLN A 19 7.62 4.58 11.17
C GLN A 19 7.75 5.15 9.76
N PHE A 20 6.62 5.37 9.11
CA PHE A 20 6.53 5.88 7.75
C PHE A 20 5.28 6.74 7.61
N HIS A 21 5.29 7.62 6.63
CA HIS A 21 4.20 8.55 6.32
C HIS A 21 4.02 8.61 4.80
N ILE A 22 2.93 9.21 4.32
CA ILE A 22 2.76 9.45 2.88
C ILE A 22 3.92 10.34 2.43
N GLY A 23 4.73 9.84 1.50
CA GLY A 23 5.87 10.55 0.93
C GLY A 23 7.22 10.03 1.39
N ASP A 24 7.29 9.21 2.45
CA ASP A 24 8.53 8.58 2.93
C ASP A 24 8.92 7.46 1.93
N THR A 25 9.91 6.60 2.17
CA THR A 25 10.32 5.54 1.26
C THR A 25 10.41 4.21 2.00
N VAL A 26 10.02 3.09 1.37
CA VAL A 26 10.11 1.77 1.99
C VAL A 26 11.55 1.24 1.89
N PRO A 27 11.98 0.31 2.76
CA PRO A 27 13.19 -0.45 2.55
C PRO A 27 13.01 -1.45 1.40
N ALA A 28 14.13 -1.85 0.79
CA ALA A 28 14.14 -2.79 -0.33
C ALA A 28 13.56 -4.16 0.04
N MET A 29 13.46 -4.46 1.34
CA MET A 29 12.81 -5.63 1.89
C MET A 29 11.39 -5.84 1.37
N TYR A 30 10.69 -4.77 0.98
CA TYR A 30 9.32 -4.86 0.47
C TYR A 30 9.22 -4.57 -1.03
N LEU A 31 10.31 -4.14 -1.67
CA LEU A 31 10.38 -3.88 -3.11
C LEU A 31 10.55 -5.16 -3.90
N THR A 32 11.09 -6.22 -3.30
CA THR A 32 11.28 -7.52 -3.93
C THR A 32 9.93 -8.06 -4.49
N PRO A 33 9.92 -8.86 -5.58
CA PRO A 33 8.68 -9.35 -6.19
C PRO A 33 7.88 -10.29 -5.27
N GLU A 34 8.47 -10.67 -4.13
CA GLU A 34 7.91 -11.55 -3.12
C GLU A 34 6.64 -10.96 -2.50
N TYR A 35 6.53 -9.63 -2.45
CA TYR A 35 5.41 -8.92 -1.83
C TYR A 35 4.74 -7.97 -2.84
N ASN A 36 5.22 -7.94 -4.08
CA ASN A 36 4.74 -7.16 -5.22
C ASN A 36 3.34 -7.65 -5.61
N ILE A 37 2.29 -7.06 -5.05
CA ILE A 37 0.91 -7.39 -5.38
C ILE A 37 0.64 -6.89 -6.79
N LYS A 38 0.45 -7.82 -7.73
CA LYS A 38 -0.08 -7.46 -9.04
C LYS A 38 -1.61 -7.50 -9.04
N GLN A 39 -2.25 -8.37 -8.25
CA GLN A 39 -3.71 -8.47 -8.24
C GLN A 39 -4.33 -7.33 -7.41
N TRP A 40 -4.59 -6.18 -8.02
CA TRP A 40 -5.31 -5.07 -7.39
C TRP A 40 -6.75 -4.98 -7.89
N GLN A 41 -7.03 -5.30 -9.16
CA GLN A 41 -8.37 -5.20 -9.72
C GLN A 41 -9.32 -6.18 -9.03
N GLN A 42 -8.77 -7.28 -8.52
CA GLN A 42 -9.50 -8.31 -7.79
C GLN A 42 -9.64 -7.92 -6.31
N ARG A 43 -9.68 -6.62 -6.01
CA ARG A 43 -9.83 -6.00 -4.70
C ARG A 43 -10.73 -4.78 -4.87
N ASN A 44 -11.17 -4.21 -3.75
CA ASN A 44 -11.81 -2.90 -3.68
C ASN A 44 -10.81 -1.76 -3.94
N LEU A 45 -9.50 -2.05 -3.92
CA LEU A 45 -8.45 -1.02 -4.00
C LEU A 45 -8.46 -0.29 -5.35
N PRO A 46 -7.91 0.94 -5.39
CA PRO A 46 -7.72 1.70 -6.63
C PRO A 46 -6.61 1.09 -7.50
N ALA A 47 -6.52 1.59 -8.73
CA ALA A 47 -5.39 1.38 -9.61
C ALA A 47 -4.09 1.94 -8.99
N PRO A 48 -2.92 1.36 -9.29
CA PRO A 48 -1.63 1.95 -8.96
C PRO A 48 -1.40 3.23 -9.78
N ASP A 49 -0.37 3.99 -9.43
CA ASP A 49 0.08 5.16 -10.19
C ASP A 49 0.88 4.67 -11.40
N ALA A 50 1.16 5.56 -12.36
CA ALA A 50 1.70 5.29 -13.68
C ALA A 50 3.21 4.95 -13.69
N GLY A 51 3.64 4.14 -12.73
CA GLY A 51 5.00 3.74 -12.48
C GLY A 51 5.10 3.37 -11.00
N SER A 52 4.27 2.43 -10.56
CA SER A 52 4.29 1.92 -9.19
C SER A 52 3.61 0.55 -9.09
N HIS A 53 3.70 -0.12 -7.94
CA HIS A 53 2.88 -1.30 -7.65
C HIS A 53 2.54 -1.36 -6.17
N TRP A 54 1.44 -2.07 -5.84
CA TRP A 54 1.02 -2.26 -4.46
C TRP A 54 1.84 -3.38 -3.84
N THR A 55 2.02 -3.38 -2.52
CA THR A 55 2.67 -4.44 -1.77
C THR A 55 1.89 -4.75 -0.50
N TYR A 56 2.26 -5.85 0.16
CA TYR A 56 1.68 -6.33 1.40
C TYR A 56 2.70 -6.06 2.51
N MET A 57 2.70 -4.85 3.06
CA MET A 57 3.58 -4.43 4.14
C MET A 57 2.88 -4.62 5.47
N GLY A 58 3.21 -5.69 6.20
CA GLY A 58 2.81 -5.82 7.59
C GLY A 58 1.36 -6.23 7.76
N GLY A 59 0.63 -6.55 6.69
CA GLY A 59 -0.81 -6.69 6.71
C GLY A 59 -1.51 -5.46 6.14
N ASN A 60 -0.77 -4.47 5.62
CA ASN A 60 -1.28 -3.22 5.09
C ASN A 60 -0.96 -3.20 3.60
N TYR A 61 -1.86 -2.64 2.79
CA TYR A 61 -1.71 -2.56 1.34
C TYR A 61 -1.09 -1.21 1.05
N VAL A 62 0.15 -1.16 0.54
CA VAL A 62 0.86 0.10 0.39
C VAL A 62 1.35 0.22 -1.05
N LEU A 63 1.34 1.42 -1.63
CA LEU A 63 1.70 1.65 -3.03
C LEU A 63 3.09 2.24 -3.07
N ILE A 64 4.02 1.59 -3.78
CA ILE A 64 5.42 1.98 -3.85
C ILE A 64 5.84 2.19 -5.30
N THR A 65 6.78 3.09 -5.56
CA THR A 65 7.37 3.18 -6.87
C THR A 65 8.32 2.01 -7.04
N ASP A 66 8.30 1.36 -8.19
CA ASP A 66 9.30 0.34 -8.53
C ASP A 66 10.72 0.90 -8.54
N THR A 67 10.85 2.20 -8.77
CA THR A 67 12.06 2.88 -9.20
C THR A 67 12.42 3.99 -8.20
N GLU A 68 12.02 3.82 -6.93
CA GLU A 68 12.32 4.70 -5.80
C GLU A 68 11.80 4.11 -4.49
N GLY A 69 10.63 3.44 -4.52
CA GLY A 69 9.96 2.89 -3.34
C GLY A 69 9.27 3.93 -2.47
N LYS A 70 8.97 5.10 -3.03
CA LYS A 70 8.28 6.18 -2.34
C LYS A 70 6.90 5.70 -1.93
N ILE A 71 6.50 6.01 -0.70
CA ILE A 71 5.26 5.60 -0.07
C ILE A 71 4.19 6.50 -0.65
N LEU A 72 3.62 6.08 -1.77
CA LEU A 72 2.63 6.86 -2.49
C LEU A 72 1.33 6.87 -1.68
N LYS A 73 0.86 5.70 -1.23
CA LYS A 73 -0.44 5.55 -0.55
C LYS A 73 -0.38 4.34 0.38
N VAL A 74 -1.25 4.29 1.40
CA VAL A 74 -1.37 3.22 2.40
C VAL A 74 -2.86 3.01 2.66
N TYR A 75 -3.31 1.76 2.60
CA TYR A 75 -4.64 1.33 3.05
C TYR A 75 -4.49 0.13 3.98
N ASP A 76 -5.38 -0.01 4.96
CA ASP A 76 -5.38 -1.18 5.86
C ASP A 76 -5.78 -2.47 5.12
N GLY A 77 -5.41 -3.64 5.62
CA GLY A 77 -5.81 -4.94 5.07
C GLY A 77 -7.32 -5.18 5.09
N GLU A 78 -8.06 -4.57 6.03
CA GLU A 78 -9.50 -4.75 6.18
C GLU A 78 -10.27 -4.44 4.90
N ILE A 79 -9.73 -3.56 4.05
CA ILE A 79 -10.29 -3.20 2.76
C ILE A 79 -10.51 -4.43 1.86
N PHE A 80 -9.74 -5.50 2.05
CA PHE A 80 -9.82 -6.69 1.21
C PHE A 80 -11.20 -7.35 1.34
N TYR A 81 -11.85 -7.23 2.50
CA TYR A 81 -13.08 -7.94 2.82
C TYR A 81 -14.32 -7.07 2.62
N HIS A 82 -14.15 -5.84 2.10
CA HIS A 82 -15.19 -4.86 1.84
C HIS A 82 -16.08 -5.34 0.67
N ARG A 83 -17.07 -4.54 0.26
CA ARG A 83 -18.14 -4.99 -0.64
C ARG A 83 -18.14 -4.19 -1.93
N GLY A 1 -20.06 9.37 6.51
CA GLY A 1 -19.72 9.73 5.13
C GLY A 1 -18.88 8.65 4.49
N ALA A 2 -17.63 8.53 4.95
CA ALA A 2 -16.59 7.65 4.43
C ALA A 2 -17.04 6.19 4.47
N ALA A 3 -17.71 5.76 3.41
CA ALA A 3 -18.13 4.40 3.16
C ALA A 3 -17.43 3.83 1.93
N GLY A 4 -16.70 4.69 1.22
CA GLY A 4 -15.71 4.29 0.24
C GLY A 4 -14.41 3.99 0.97
N ILE A 5 -13.35 3.85 0.20
CA ILE A 5 -12.08 3.34 0.65
C ILE A 5 -11.35 4.28 1.62
N ASP A 6 -11.75 5.55 1.68
CA ASP A 6 -11.05 6.60 2.40
C ASP A 6 -10.98 6.35 3.91
N GLN A 7 -11.91 5.54 4.44
CA GLN A 7 -11.92 5.10 5.83
C GLN A 7 -10.66 4.31 6.21
N TYR A 8 -10.07 3.58 5.26
CA TYR A 8 -8.90 2.74 5.48
C TYR A 8 -7.61 3.48 5.12
N ALA A 9 -7.72 4.72 4.62
CA ALA A 9 -6.61 5.43 4.01
C ALA A 9 -5.77 6.08 5.10
N LEU A 10 -4.89 5.28 5.69
CA LEU A 10 -4.05 5.71 6.79
C LEU A 10 -3.07 6.72 6.25
N LYS A 11 -2.65 7.62 7.11
CA LYS A 11 -1.69 8.64 6.75
C LYS A 11 -0.31 8.32 7.30
N GLU A 12 -0.23 7.41 8.28
CA GLU A 12 1.01 6.89 8.84
C GLU A 12 0.75 5.53 9.48
N PHE A 13 1.81 4.73 9.61
CA PHE A 13 1.83 3.42 10.27
C PHE A 13 3.26 3.08 10.68
N THR A 14 3.43 1.95 11.34
CA THR A 14 4.74 1.40 11.68
C THR A 14 4.79 -0.02 11.15
N ALA A 15 5.84 -0.34 10.39
CA ALA A 15 6.17 -1.69 9.96
C ALA A 15 7.69 -1.82 10.03
N ASP A 16 8.19 -3.05 10.11
CA ASP A 16 9.63 -3.37 10.08
C ASP A 16 10.44 -2.45 11.00
N PHE A 17 9.86 -2.13 12.15
CA PHE A 17 10.41 -1.31 13.23
C PHE A 17 10.73 0.12 12.78
N THR A 18 9.92 0.67 11.88
CA THR A 18 10.11 1.97 11.24
C THR A 18 8.73 2.60 11.11
N GLN A 19 8.57 3.87 11.50
CA GLN A 19 7.38 4.64 11.16
C GLN A 19 7.49 5.09 9.70
N PHE A 20 6.36 5.19 9.02
CA PHE A 20 6.24 5.68 7.67
C PHE A 20 5.02 6.58 7.58
N HIS A 21 5.12 7.63 6.78
CA HIS A 21 4.04 8.57 6.52
C HIS A 21 3.82 8.58 5.00
N ILE A 22 2.81 9.29 4.49
CA ILE A 22 2.65 9.41 3.05
C ILE A 22 3.83 10.24 2.53
N GLY A 23 4.59 9.68 1.60
CA GLY A 23 5.73 10.33 0.97
C GLY A 23 7.08 9.90 1.52
N ASP A 24 7.13 9.02 2.53
CA ASP A 24 8.36 8.39 3.03
C ASP A 24 8.74 7.25 2.08
N THR A 25 9.73 6.41 2.40
CA THR A 25 10.31 5.45 1.49
C THR A 25 10.52 4.09 2.18
N VAL A 26 10.01 3.01 1.59
CA VAL A 26 10.08 1.66 2.16
C VAL A 26 11.51 1.11 2.13
N PRO A 27 11.86 0.13 2.99
CA PRO A 27 13.04 -0.68 2.80
C PRO A 27 12.89 -1.62 1.61
N ALA A 28 14.02 -2.10 1.08
CA ALA A 28 14.05 -3.03 -0.04
C ALA A 28 13.38 -4.37 0.29
N MET A 29 13.16 -4.64 1.58
CA MET A 29 12.36 -5.75 2.11
C MET A 29 11.00 -5.86 1.41
N TYR A 30 10.48 -4.75 0.88
CA TYR A 30 9.17 -4.68 0.21
C TYR A 30 9.26 -4.31 -1.27
N LEU A 31 10.45 -3.91 -1.76
CA LEU A 31 10.69 -3.64 -3.17
C LEU A 31 11.03 -4.93 -3.93
N THR A 32 11.42 -6.00 -3.22
CA THR A 32 11.49 -7.34 -3.78
C THR A 32 10.13 -7.71 -4.41
N PRO A 33 10.07 -8.56 -5.45
CA PRO A 33 8.80 -9.03 -6.02
C PRO A 33 8.04 -10.01 -5.12
N GLU A 34 8.61 -10.42 -3.99
CA GLU A 34 8.04 -11.41 -3.08
C GLU A 34 6.64 -11.02 -2.56
N TYR A 35 6.27 -9.74 -2.55
CA TYR A 35 5.05 -9.23 -1.93
C TYR A 35 4.13 -8.50 -2.91
N ASN A 36 4.42 -8.57 -4.21
CA ASN A 36 3.76 -7.88 -5.31
C ASN A 36 2.28 -8.26 -5.43
N ILE A 37 1.36 -7.37 -5.06
CA ILE A 37 -0.08 -7.53 -5.26
C ILE A 37 -0.39 -7.31 -6.75
N LYS A 38 -0.13 -8.33 -7.57
CA LYS A 38 -0.66 -8.34 -8.92
C LYS A 38 -2.18 -8.36 -8.92
N GLN A 39 -2.83 -9.00 -7.94
CA GLN A 39 -4.26 -9.28 -7.92
C GLN A 39 -5.14 -8.07 -7.59
N TRP A 40 -4.77 -6.85 -8.01
CA TRP A 40 -5.48 -5.63 -7.62
C TRP A 40 -6.81 -5.41 -8.35
N GLN A 41 -6.97 -5.82 -9.61
CA GLN A 41 -8.25 -5.68 -10.31
C GLN A 41 -9.32 -6.54 -9.64
N GLN A 42 -8.96 -7.70 -9.07
CA GLN A 42 -9.85 -8.51 -8.23
C GLN A 42 -9.83 -8.04 -6.76
N ARG A 43 -9.55 -6.77 -6.50
CA ARG A 43 -9.64 -6.12 -5.21
C ARG A 43 -10.39 -4.81 -5.41
N ASN A 44 -10.82 -4.25 -4.29
CA ASN A 44 -11.50 -2.96 -4.25
C ASN A 44 -10.48 -1.84 -4.48
N LEU A 45 -9.19 -2.11 -4.27
CA LEU A 45 -8.13 -1.10 -4.29
C LEU A 45 -8.08 -0.40 -5.64
N PRO A 46 -7.62 0.85 -5.67
CA PRO A 46 -7.45 1.58 -6.91
C PRO A 46 -6.30 0.98 -7.71
N ALA A 47 -6.25 1.34 -8.99
CA ALA A 47 -5.17 1.00 -9.90
C ALA A 47 -3.86 1.59 -9.37
N PRO A 48 -2.68 1.06 -9.76
CA PRO A 48 -1.43 1.74 -9.45
C PRO A 48 -1.35 3.08 -10.18
N ASP A 49 -0.46 3.96 -9.74
CA ASP A 49 -0.01 5.10 -10.52
C ASP A 49 0.86 4.56 -11.66
N ALA A 50 1.18 5.39 -12.65
CA ALA A 50 1.90 5.01 -13.86
C ALA A 50 3.41 4.84 -13.64
N GLY A 51 3.79 3.90 -12.77
CA GLY A 51 5.16 3.56 -12.41
C GLY A 51 5.26 3.12 -10.95
N SER A 52 4.29 2.33 -10.47
CA SER A 52 4.19 1.92 -9.08
C SER A 52 3.52 0.55 -8.97
N HIS A 53 3.55 -0.05 -7.77
CA HIS A 53 2.92 -1.34 -7.49
C HIS A 53 2.41 -1.38 -6.06
N TRP A 54 1.44 -2.24 -5.79
CA TRP A 54 0.85 -2.40 -4.47
C TRP A 54 1.49 -3.61 -3.77
N THR A 55 1.81 -3.49 -2.49
CA THR A 55 2.58 -4.51 -1.78
C THR A 55 1.99 -4.73 -0.38
N TYR A 56 2.26 -5.89 0.24
CA TYR A 56 1.55 -6.33 1.45
C TYR A 56 2.35 -6.06 2.73
N MET A 57 2.60 -4.78 2.98
CA MET A 57 3.58 -4.25 3.92
C MET A 57 3.06 -4.44 5.35
N GLY A 58 3.59 -5.42 6.07
CA GLY A 58 3.25 -5.61 7.47
C GLY A 58 1.78 -5.99 7.72
N GLY A 59 1.01 -6.39 6.69
CA GLY A 59 -0.42 -6.59 6.80
C GLY A 59 -1.23 -5.49 6.11
N ASN A 60 -0.59 -4.48 5.53
CA ASN A 60 -1.26 -3.31 4.96
C ASN A 60 -1.02 -3.32 3.45
N TYR A 61 -1.82 -2.60 2.69
CA TYR A 61 -1.67 -2.50 1.24
C TYR A 61 -1.07 -1.14 0.94
N VAL A 62 0.16 -1.10 0.43
CA VAL A 62 0.87 0.17 0.29
C VAL A 62 1.37 0.27 -1.15
N LEU A 63 1.20 1.45 -1.76
CA LEU A 63 1.55 1.73 -3.13
C LEU A 63 2.96 2.31 -3.16
N ILE A 64 3.91 1.55 -3.70
CA ILE A 64 5.31 1.90 -3.76
C ILE A 64 5.65 2.29 -5.20
N THR A 65 6.49 3.30 -5.39
CA THR A 65 7.06 3.59 -6.69
C THR A 65 8.00 2.48 -7.08
N ASP A 66 8.04 2.13 -8.35
CA ASP A 66 8.84 1.01 -8.84
C ASP A 66 10.33 1.26 -8.82
N THR A 67 10.68 2.52 -8.61
CA THR A 67 11.97 3.10 -8.96
C THR A 67 12.39 4.07 -7.83
N GLU A 68 11.85 3.84 -6.63
CA GLU A 68 12.20 4.56 -5.40
C GLU A 68 11.65 3.79 -4.20
N GLY A 69 10.40 3.32 -4.32
CA GLY A 69 9.61 2.82 -3.20
C GLY A 69 9.09 3.92 -2.28
N LYS A 70 8.95 5.14 -2.82
CA LYS A 70 8.23 6.22 -2.16
C LYS A 70 6.80 5.75 -1.90
N ILE A 71 6.32 6.00 -0.69
CA ILE A 71 5.06 5.55 -0.14
C ILE A 71 4.01 6.50 -0.68
N LEU A 72 3.47 6.15 -1.85
CA LEU A 72 2.49 6.98 -2.52
C LEU A 72 1.17 6.98 -1.75
N LYS A 73 0.69 5.80 -1.33
CA LYS A 73 -0.59 5.64 -0.62
C LYS A 73 -0.52 4.43 0.28
N VAL A 74 -1.41 4.36 1.27
CA VAL A 74 -1.62 3.24 2.17
C VAL A 74 -3.14 3.05 2.28
N TYR A 75 -3.58 1.79 2.33
CA TYR A 75 -4.91 1.37 2.74
C TYR A 75 -4.72 0.12 3.61
N ASP A 76 -5.48 -0.05 4.70
CA ASP A 76 -5.30 -1.21 5.58
C ASP A 76 -5.66 -2.55 4.92
N GLY A 77 -5.10 -3.66 5.42
CA GLY A 77 -5.43 -5.03 5.05
C GLY A 77 -6.93 -5.31 5.14
N GLU A 78 -7.62 -4.64 6.05
CA GLU A 78 -9.06 -4.66 6.25
C GLU A 78 -9.83 -4.47 4.94
N ILE A 79 -9.29 -3.68 4.01
CA ILE A 79 -9.93 -3.32 2.75
C ILE A 79 -10.03 -4.52 1.79
N PHE A 80 -9.34 -5.63 2.07
CA PHE A 80 -9.45 -6.84 1.26
C PHE A 80 -10.85 -7.47 1.39
N TYR A 81 -11.44 -7.37 2.58
CA TYR A 81 -12.67 -8.06 2.93
C TYR A 81 -13.91 -7.21 2.62
N HIS A 82 -13.69 -5.89 2.45
CA HIS A 82 -14.67 -4.86 2.11
C HIS A 82 -15.28 -5.21 0.75
N ARG A 83 -16.59 -4.98 0.57
CA ARG A 83 -17.28 -5.04 -0.72
C ARG A 83 -18.42 -4.04 -0.69
N GLY A 1 -22.00 8.63 5.78
CA GLY A 1 -22.72 9.14 4.62
C GLY A 1 -22.07 8.59 3.37
N ALA A 2 -20.99 9.24 2.93
CA ALA A 2 -20.01 8.55 2.11
C ALA A 2 -19.44 7.39 2.93
N ALA A 3 -19.21 6.24 2.28
CA ALA A 3 -18.74 5.01 2.90
C ALA A 3 -17.92 4.19 1.90
N GLY A 4 -16.96 4.81 1.22
CA GLY A 4 -16.03 4.14 0.34
C GLY A 4 -14.67 4.03 0.98
N ILE A 5 -13.68 3.64 0.18
CA ILE A 5 -12.37 3.18 0.64
C ILE A 5 -11.60 4.21 1.48
N ASP A 6 -12.01 5.47 1.41
CA ASP A 6 -11.46 6.57 2.17
C ASP A 6 -11.45 6.30 3.68
N GLN A 7 -12.40 5.50 4.16
CA GLN A 7 -12.46 5.06 5.55
C GLN A 7 -11.28 4.19 5.99
N TYR A 8 -10.55 3.56 5.05
CA TYR A 8 -9.35 2.76 5.30
C TYR A 8 -8.10 3.48 4.82
N ALA A 9 -8.22 4.73 4.32
CA ALA A 9 -7.10 5.50 3.82
C ALA A 9 -6.24 5.89 5.02
N LEU A 10 -5.23 5.08 5.30
CA LEU A 10 -4.26 5.37 6.33
C LEU A 10 -3.44 6.56 5.86
N LYS A 11 -2.76 7.16 6.82
CA LYS A 11 -1.87 8.28 6.58
C LYS A 11 -0.45 7.96 7.05
N GLU A 12 -0.30 6.96 7.92
CA GLU A 12 0.96 6.49 8.49
C GLU A 12 0.70 5.10 9.08
N PHE A 13 1.77 4.35 9.38
CA PHE A 13 1.75 3.04 10.02
C PHE A 13 3.20 2.66 10.43
N THR A 14 3.39 1.46 10.98
CA THR A 14 4.70 0.90 11.28
C THR A 14 4.74 -0.57 10.83
N ALA A 15 5.79 -1.01 10.12
CA ALA A 15 6.02 -2.41 9.79
C ALA A 15 7.52 -2.69 9.81
N ASP A 16 7.91 -3.93 10.13
CA ASP A 16 9.31 -4.35 10.33
C ASP A 16 10.04 -3.38 11.27
N PHE A 17 9.31 -2.96 12.31
CA PHE A 17 9.67 -2.00 13.36
C PHE A 17 9.99 -0.59 12.85
N THR A 18 9.61 -0.26 11.62
CA THR A 18 10.00 0.95 10.91
C THR A 18 8.73 1.79 10.71
N GLN A 19 8.76 3.08 11.02
CA GLN A 19 7.61 3.96 10.82
C GLN A 19 7.57 4.43 9.36
N PHE A 20 6.40 4.79 8.87
CA PHE A 20 6.15 5.32 7.54
C PHE A 20 4.98 6.28 7.55
N HIS A 21 4.99 7.21 6.61
CA HIS A 21 3.94 8.19 6.38
C HIS A 21 3.69 8.27 4.87
N ILE A 22 2.58 8.88 4.43
CA ILE A 22 2.43 9.21 3.01
C ILE A 22 3.59 10.13 2.66
N GLY A 23 4.36 9.79 1.63
CA GLY A 23 5.45 10.59 1.12
C GLY A 23 6.84 10.09 1.51
N ASP A 24 6.96 9.26 2.55
CA ASP A 24 8.23 8.66 2.98
C ASP A 24 8.70 7.63 1.94
N THR A 25 9.79 6.90 2.17
CA THR A 25 10.36 5.96 1.20
C THR A 25 10.63 4.60 1.88
N VAL A 26 10.19 3.51 1.23
CA VAL A 26 10.23 2.13 1.75
C VAL A 26 11.66 1.57 1.75
N PRO A 27 11.92 0.46 2.47
CA PRO A 27 13.18 -0.24 2.43
C PRO A 27 13.35 -1.04 1.15
N ALA A 28 14.61 -1.33 0.81
CA ALA A 28 15.02 -2.03 -0.39
C ALA A 28 14.40 -3.43 -0.47
N MET A 29 14.10 -4.08 0.66
CA MET A 29 13.50 -5.37 0.71
C MET A 29 12.08 -5.31 0.16
N TYR A 30 11.33 -4.21 0.36
CA TYR A 30 9.95 -4.22 -0.11
C TYR A 30 9.77 -3.79 -1.56
N LEU A 31 10.84 -3.37 -2.25
CA LEU A 31 10.81 -3.19 -3.70
C LEU A 31 10.74 -4.54 -4.43
N THR A 32 11.15 -5.62 -3.75
CA THR A 32 11.27 -6.92 -4.38
C THR A 32 9.88 -7.51 -4.74
N PRO A 33 9.77 -8.30 -5.82
CA PRO A 33 8.51 -8.91 -6.27
C PRO A 33 7.92 -9.86 -5.21
N GLU A 34 8.71 -10.28 -4.21
CA GLU A 34 8.31 -11.13 -3.09
C GLU A 34 7.12 -10.57 -2.31
N TYR A 35 6.98 -9.24 -2.28
CA TYR A 35 6.02 -8.52 -1.43
C TYR A 35 4.93 -7.84 -2.26
N ASN A 36 5.10 -7.85 -3.58
CA ASN A 36 4.24 -7.20 -4.56
C ASN A 36 3.00 -8.02 -4.85
N ILE A 37 1.82 -7.47 -4.56
CA ILE A 37 0.53 -7.98 -5.00
C ILE A 37 0.26 -7.39 -6.39
N LYS A 38 0.64 -8.10 -7.46
CA LYS A 38 0.20 -7.68 -8.80
C LYS A 38 -1.31 -7.90 -8.99
N GLN A 39 -1.94 -8.79 -8.21
CA GLN A 39 -3.36 -9.11 -8.30
C GLN A 39 -4.27 -8.03 -7.69
N TRP A 40 -3.96 -6.75 -7.88
CA TRP A 40 -4.74 -5.69 -7.27
C TRP A 40 -6.23 -5.80 -7.59
N GLN A 41 -6.65 -6.14 -8.81
CA GLN A 41 -8.06 -5.99 -9.19
C GLN A 41 -9.03 -6.83 -8.35
N GLN A 42 -8.63 -7.98 -7.79
CA GLN A 42 -9.49 -8.71 -6.87
C GLN A 42 -9.39 -8.20 -5.43
N ARG A 43 -8.37 -7.42 -5.11
CA ARG A 43 -8.27 -6.64 -3.90
C ARG A 43 -9.05 -5.33 -4.16
N ASN A 44 -9.23 -4.53 -3.12
CA ASN A 44 -10.29 -3.52 -3.05
C ASN A 44 -9.72 -2.10 -3.15
N LEU A 45 -8.43 -2.02 -3.43
CA LEU A 45 -7.62 -0.84 -3.68
C LEU A 45 -8.05 -0.11 -4.96
N PRO A 46 -7.56 1.13 -5.16
CA PRO A 46 -7.40 1.67 -6.51
C PRO A 46 -6.32 0.92 -7.31
N ALA A 47 -6.18 1.29 -8.57
CA ALA A 47 -5.06 0.93 -9.43
C ALA A 47 -3.72 1.37 -8.81
N PRO A 48 -2.58 0.84 -9.28
CA PRO A 48 -1.29 1.49 -9.07
C PRO A 48 -1.26 2.87 -9.75
N ASP A 49 -0.27 3.68 -9.43
CA ASP A 49 0.14 4.81 -10.26
C ASP A 49 1.03 4.32 -11.41
N ALA A 50 1.31 5.20 -12.36
CA ALA A 50 2.32 5.02 -13.38
C ALA A 50 3.67 4.61 -12.77
N GLY A 51 4.09 3.35 -12.96
CA GLY A 51 5.40 2.90 -12.53
C GLY A 51 5.46 2.61 -11.03
N SER A 52 4.35 2.19 -10.43
CA SER A 52 4.33 1.76 -9.03
C SER A 52 3.61 0.42 -8.91
N HIS A 53 3.66 -0.19 -7.72
CA HIS A 53 2.90 -1.39 -7.42
C HIS A 53 2.57 -1.48 -5.93
N TRP A 54 1.63 -2.35 -5.59
CA TRP A 54 1.01 -2.43 -4.28
C TRP A 54 1.53 -3.65 -3.53
N THR A 55 2.13 -3.46 -2.36
CA THR A 55 2.73 -4.51 -1.54
C THR A 55 1.88 -4.76 -0.28
N TYR A 56 2.26 -5.69 0.61
CA TYR A 56 1.46 -6.10 1.76
C TYR A 56 2.28 -6.11 3.05
N MET A 57 2.44 -4.93 3.65
CA MET A 57 3.36 -4.65 4.74
C MET A 57 2.65 -4.67 6.08
N GLY A 58 2.86 -5.72 6.86
CA GLY A 58 2.34 -5.80 8.23
C GLY A 58 0.82 -5.86 8.30
N GLY A 59 0.15 -6.14 7.18
CA GLY A 59 -1.30 -6.06 7.09
C GLY A 59 -1.78 -4.72 6.55
N ASN A 60 -0.91 -3.86 6.05
CA ASN A 60 -1.23 -2.61 5.35
C ASN A 60 -0.89 -2.83 3.88
N TYR A 61 -1.82 -2.56 2.96
CA TYR A 61 -1.51 -2.61 1.54
C TYR A 61 -0.94 -1.24 1.20
N VAL A 62 0.28 -1.17 0.67
CA VAL A 62 0.95 0.12 0.45
C VAL A 62 1.44 0.21 -0.99
N LEU A 63 1.40 1.41 -1.56
CA LEU A 63 1.75 1.65 -2.95
C LEU A 63 3.13 2.28 -2.98
N ILE A 64 4.03 1.69 -3.76
CA ILE A 64 5.44 2.03 -3.82
C ILE A 64 5.85 2.18 -5.29
N THR A 65 6.61 3.22 -5.63
CA THR A 65 7.21 3.34 -6.95
C THR A 65 8.14 2.15 -7.18
N ASP A 66 8.12 1.57 -8.38
CA ASP A 66 9.04 0.49 -8.74
C ASP A 66 10.51 0.99 -8.77
N THR A 67 10.68 2.31 -8.77
CA THR A 67 11.91 2.98 -9.17
C THR A 67 12.64 3.58 -7.96
N GLU A 68 12.03 3.53 -6.78
CA GLU A 68 12.36 4.38 -5.63
C GLU A 68 11.65 3.86 -4.38
N GLY A 69 10.41 3.38 -4.56
CA GLY A 69 9.49 2.99 -3.51
C GLY A 69 9.18 4.14 -2.57
N LYS A 70 9.00 5.32 -3.15
CA LYS A 70 8.37 6.43 -2.44
C LYS A 70 6.93 6.01 -2.19
N ILE A 71 6.45 6.21 -0.97
CA ILE A 71 5.16 5.75 -0.48
C ILE A 71 4.12 6.68 -1.06
N LEU A 72 3.56 6.27 -2.20
CA LEU A 72 2.52 7.02 -2.86
C LEU A 72 1.28 7.01 -1.96
N LYS A 73 0.84 5.84 -1.52
CA LYS A 73 -0.37 5.66 -0.70
C LYS A 73 -0.23 4.47 0.26
N VAL A 74 -1.15 4.37 1.24
CA VAL A 74 -1.27 3.31 2.23
C VAL A 74 -2.78 3.08 2.42
N TYR A 75 -3.23 1.83 2.57
CA TYR A 75 -4.58 1.45 3.03
C TYR A 75 -4.44 0.32 4.03
N ASP A 76 -5.37 0.18 4.98
CA ASP A 76 -5.36 -0.99 5.89
C ASP A 76 -5.82 -2.23 5.11
N GLY A 77 -5.39 -3.42 5.53
CA GLY A 77 -5.82 -4.72 5.01
C GLY A 77 -7.29 -4.98 5.23
N GLU A 78 -7.94 -4.27 6.15
CA GLU A 78 -9.38 -4.39 6.39
C GLU A 78 -10.19 -4.11 5.12
N ILE A 79 -9.62 -3.34 4.19
CA ILE A 79 -10.26 -3.04 2.91
C ILE A 79 -10.53 -4.31 2.11
N PHE A 80 -9.80 -5.41 2.33
CA PHE A 80 -10.01 -6.66 1.58
C PHE A 80 -11.38 -7.29 1.87
N TYR A 81 -12.07 -6.84 2.92
CA TYR A 81 -13.38 -7.34 3.29
C TYR A 81 -14.48 -6.38 2.79
N HIS A 82 -14.11 -5.22 2.22
CA HIS A 82 -14.97 -4.17 1.71
C HIS A 82 -15.55 -4.57 0.36
N ARG A 83 -16.45 -5.54 0.39
CA ARG A 83 -17.48 -5.86 -0.60
C ARG A 83 -17.02 -6.21 -2.01
N GLY A 1 -25.98 5.37 4.92
CA GLY A 1 -24.60 5.57 5.38
C GLY A 1 -23.63 5.10 4.32
N ALA A 2 -22.51 5.80 4.19
CA ALA A 2 -21.54 5.58 3.12
C ALA A 2 -20.46 4.61 3.59
N ALA A 3 -19.86 3.90 2.63
CA ALA A 3 -18.64 3.15 2.84
C ALA A 3 -17.89 3.03 1.52
N GLY A 4 -17.04 4.00 1.20
CA GLY A 4 -15.93 3.78 0.31
C GLY A 4 -14.69 3.50 1.13
N ILE A 5 -13.58 3.44 0.42
CA ILE A 5 -12.28 3.03 0.91
C ILE A 5 -11.68 4.00 1.92
N ASP A 6 -12.24 5.21 2.04
CA ASP A 6 -11.66 6.33 2.77
C ASP A 6 -11.41 6.01 4.24
N GLN A 7 -12.27 5.18 4.84
CA GLN A 7 -12.14 4.66 6.19
C GLN A 7 -10.82 3.93 6.45
N TYR A 8 -10.24 3.32 5.41
CA TYR A 8 -8.98 2.58 5.49
C TYR A 8 -7.82 3.45 5.03
N ALA A 9 -8.06 4.71 4.59
CA ALA A 9 -7.00 5.60 4.13
C ALA A 9 -6.13 5.97 5.34
N LEU A 10 -5.04 5.25 5.50
CA LEU A 10 -4.08 5.49 6.56
C LEU A 10 -3.18 6.61 6.10
N LYS A 11 -2.82 7.53 7.01
CA LYS A 11 -1.77 8.51 6.73
C LYS A 11 -0.39 7.92 7.03
N GLU A 12 -0.33 6.86 7.84
CA GLU A 12 0.88 6.32 8.41
C GLU A 12 0.64 4.88 8.79
N PHE A 13 1.72 4.14 9.00
CA PHE A 13 1.70 2.78 9.52
C PHE A 13 3.06 2.47 10.14
N THR A 14 3.19 1.28 10.71
CA THR A 14 4.47 0.73 11.16
C THR A 14 4.60 -0.65 10.53
N ALA A 15 5.76 -0.93 9.94
CA ALA A 15 6.17 -2.27 9.52
C ALA A 15 7.65 -2.37 9.85
N ASP A 16 8.18 -3.57 10.09
CA ASP A 16 9.63 -3.73 10.34
C ASP A 16 10.13 -2.92 11.55
N PHE A 17 9.23 -2.66 12.51
CA PHE A 17 9.45 -1.78 13.66
C PHE A 17 9.83 -0.35 13.26
N THR A 18 9.62 0.00 12.00
CA THR A 18 9.96 1.24 11.35
C THR A 18 8.64 1.94 11.03
N GLN A 19 8.55 3.24 11.26
CA GLN A 19 7.33 3.99 11.04
C GLN A 19 7.41 4.70 9.69
N PHE A 20 6.25 4.97 9.11
CA PHE A 20 6.14 5.40 7.72
C PHE A 20 4.93 6.30 7.55
N HIS A 21 4.98 7.19 6.56
CA HIS A 21 3.94 8.19 6.33
C HIS A 21 3.75 8.38 4.82
N ILE A 22 2.70 9.09 4.40
CA ILE A 22 2.52 9.48 2.99
C ILE A 22 3.65 10.43 2.63
N GLY A 23 4.73 9.89 2.09
CA GLY A 23 5.90 10.63 1.67
C GLY A 23 7.21 10.06 2.16
N ASP A 24 7.21 9.13 3.11
CA ASP A 24 8.40 8.33 3.41
C ASP A 24 8.72 7.45 2.19
N THR A 25 9.82 6.71 2.23
CA THR A 25 10.27 5.84 1.16
C THR A 25 10.68 4.51 1.79
N VAL A 26 10.32 3.40 1.15
CA VAL A 26 10.43 2.06 1.74
C VAL A 26 11.87 1.55 1.59
N PRO A 27 12.32 0.59 2.42
CA PRO A 27 13.54 -0.14 2.18
C PRO A 27 13.38 -1.10 1.00
N ALA A 28 14.50 -1.49 0.39
CA ALA A 28 14.54 -2.40 -0.76
C ALA A 28 13.92 -3.77 -0.44
N MET A 29 13.80 -4.11 0.85
CA MET A 29 13.22 -5.35 1.33
C MET A 29 11.85 -5.61 0.73
N TYR A 30 11.06 -4.55 0.52
CA TYR A 30 9.70 -4.66 0.02
C TYR A 30 9.57 -4.45 -1.48
N LEU A 31 10.64 -4.03 -2.16
CA LEU A 31 10.62 -3.90 -3.62
C LEU A 31 10.65 -5.28 -4.26
N THR A 32 11.06 -6.30 -3.52
CA THR A 32 11.16 -7.68 -3.98
C THR A 32 9.82 -8.18 -4.56
N PRO A 33 9.86 -9.23 -5.42
CA PRO A 33 8.65 -9.86 -5.93
C PRO A 33 7.84 -10.58 -4.85
N GLU A 34 8.40 -10.78 -3.65
CA GLU A 34 7.78 -11.50 -2.55
C GLU A 34 6.52 -10.79 -2.02
N TYR A 35 6.40 -9.48 -2.27
CA TYR A 35 5.35 -8.60 -1.73
C TYR A 35 4.46 -8.05 -2.86
N ASN A 36 4.56 -8.63 -4.06
CA ASN A 36 4.09 -8.08 -5.33
C ASN A 36 2.64 -8.48 -5.61
N ILE A 37 1.68 -7.73 -5.04
CA ILE A 37 0.25 -8.03 -5.07
C ILE A 37 -0.36 -7.63 -6.43
N LYS A 38 -0.02 -8.40 -7.46
CA LYS A 38 -0.53 -8.16 -8.81
C LYS A 38 -2.02 -8.44 -8.92
N GLN A 39 -2.61 -9.27 -8.04
CA GLN A 39 -4.05 -9.44 -7.92
C GLN A 39 -4.59 -8.19 -7.24
N TRP A 40 -5.04 -7.19 -7.99
CA TRP A 40 -5.65 -5.99 -7.42
C TRP A 40 -7.02 -5.68 -7.94
N GLN A 41 -7.35 -6.10 -9.16
CA GLN A 41 -8.72 -6.08 -9.67
C GLN A 41 -9.65 -6.76 -8.66
N GLN A 42 -9.19 -7.90 -8.15
CA GLN A 42 -9.78 -8.70 -7.10
C GLN A 42 -10.13 -7.96 -5.81
N ARG A 43 -9.46 -6.86 -5.53
CA ARG A 43 -9.52 -6.12 -4.28
C ARG A 43 -10.12 -4.75 -4.55
N ASN A 44 -10.30 -3.96 -3.49
CA ASN A 44 -11.02 -2.68 -3.60
C ASN A 44 -10.10 -1.58 -4.13
N LEU A 45 -8.81 -1.88 -4.21
CA LEU A 45 -7.77 -0.89 -4.40
C LEU A 45 -7.94 -0.22 -5.76
N PRO A 46 -7.64 1.09 -5.85
CA PRO A 46 -7.48 1.78 -7.11
C PRO A 46 -6.37 1.13 -7.90
N ALA A 47 -6.38 1.36 -9.20
CA ALA A 47 -5.28 0.98 -10.06
C ALA A 47 -4.00 1.67 -9.56
N PRO A 48 -2.82 1.04 -9.70
CA PRO A 48 -1.56 1.69 -9.36
C PRO A 48 -1.37 2.89 -10.29
N ASP A 49 -0.54 3.85 -9.87
CA ASP A 49 -0.04 4.85 -10.80
C ASP A 49 0.97 4.16 -11.70
N ALA A 50 1.18 4.72 -12.88
CA ALA A 50 1.85 4.09 -14.01
C ALA A 50 3.38 4.09 -13.86
N GLY A 51 3.86 3.37 -12.86
CA GLY A 51 5.24 3.27 -12.39
C GLY A 51 5.29 2.94 -10.90
N SER A 52 4.26 2.28 -10.33
CA SER A 52 4.17 1.98 -8.91
C SER A 52 3.51 0.61 -8.70
N HIS A 53 3.58 0.08 -7.48
CA HIS A 53 2.96 -1.19 -7.13
C HIS A 53 2.47 -1.20 -5.69
N TRP A 54 1.44 -2.00 -5.43
CA TRP A 54 0.86 -2.17 -4.10
C TRP A 54 1.54 -3.35 -3.42
N THR A 55 2.03 -3.15 -2.21
CA THR A 55 2.86 -4.13 -1.51
C THR A 55 2.38 -4.35 -0.08
N TYR A 56 2.67 -5.51 0.50
CA TYR A 56 2.16 -5.90 1.82
C TYR A 56 3.12 -5.46 2.93
N MET A 57 2.71 -4.61 3.86
CA MET A 57 3.60 -4.09 4.92
C MET A 57 2.85 -3.99 6.25
N GLY A 58 3.22 -4.83 7.21
CA GLY A 58 2.59 -4.88 8.53
C GLY A 58 1.16 -5.43 8.50
N GLY A 59 0.65 -5.84 7.34
CA GLY A 59 -0.75 -6.17 7.10
C GLY A 59 -1.41 -5.19 6.13
N ASN A 60 -0.81 -4.00 5.95
CA ASN A 60 -1.33 -2.92 5.13
C ASN A 60 -0.98 -3.17 3.67
N TYR A 61 -1.68 -2.48 2.77
CA TYR A 61 -1.39 -2.44 1.35
C TYR A 61 -0.88 -1.04 1.03
N VAL A 62 0.35 -0.93 0.55
CA VAL A 62 0.99 0.37 0.45
C VAL A 62 1.59 0.50 -0.95
N LEU A 63 1.31 1.63 -1.59
CA LEU A 63 1.64 1.90 -2.98
C LEU A 63 3.03 2.52 -2.99
N ILE A 64 4.01 1.79 -3.51
CA ILE A 64 5.40 2.24 -3.59
C ILE A 64 5.72 2.56 -5.05
N THR A 65 6.59 3.51 -5.33
CA THR A 65 7.08 3.65 -6.70
C THR A 65 8.00 2.45 -6.96
N ASP A 66 7.94 1.90 -8.16
CA ASP A 66 8.69 0.67 -8.47
C ASP A 66 10.20 0.92 -8.58
N THR A 67 10.58 2.20 -8.59
CA THR A 67 11.86 2.72 -9.04
C THR A 67 12.52 3.56 -7.94
N GLU A 68 11.83 3.79 -6.82
CA GLU A 68 12.20 4.72 -5.76
C GLU A 68 11.61 4.25 -4.44
N GLY A 69 10.44 3.61 -4.47
CA GLY A 69 9.78 3.05 -3.31
C GLY A 69 9.06 4.08 -2.47
N LYS A 70 8.84 5.28 -3.01
CA LYS A 70 8.17 6.36 -2.31
C LYS A 70 6.76 5.92 -1.96
N ILE A 71 6.38 6.13 -0.72
CA ILE A 71 5.07 5.80 -0.18
C ILE A 71 4.11 6.82 -0.81
N LEU A 72 3.50 6.39 -1.91
CA LEU A 72 2.53 7.16 -2.67
C LEU A 72 1.23 7.22 -1.88
N LYS A 73 0.70 6.06 -1.45
CA LYS A 73 -0.55 5.93 -0.70
C LYS A 73 -0.47 4.70 0.20
N VAL A 74 -1.33 4.60 1.21
CA VAL A 74 -1.39 3.52 2.18
C VAL A 74 -2.88 3.23 2.40
N TYR A 75 -3.26 1.95 2.43
CA TYR A 75 -4.56 1.50 2.87
C TYR A 75 -4.37 0.33 3.82
N ASP A 76 -5.21 0.23 4.84
CA ASP A 76 -5.24 -0.92 5.75
C ASP A 76 -5.66 -2.17 4.97
N GLY A 77 -5.10 -3.34 5.30
CA GLY A 77 -5.46 -4.64 4.73
C GLY A 77 -6.93 -4.99 4.85
N GLU A 78 -7.66 -4.39 5.80
CA GLU A 78 -9.10 -4.60 5.92
C GLU A 78 -9.90 -4.18 4.69
N ILE A 79 -9.33 -3.32 3.83
CA ILE A 79 -9.92 -2.95 2.54
C ILE A 79 -10.10 -4.17 1.62
N PHE A 80 -9.44 -5.29 1.89
CA PHE A 80 -9.60 -6.52 1.14
C PHE A 80 -11.03 -7.06 1.33
N TYR A 81 -11.49 -7.15 2.57
CA TYR A 81 -12.73 -7.87 2.91
C TYR A 81 -13.97 -6.99 2.67
N HIS A 82 -13.75 -5.68 2.57
CA HIS A 82 -14.66 -4.59 2.27
C HIS A 82 -15.42 -4.94 0.98
N ARG A 83 -16.75 -4.95 1.05
CA ARG A 83 -17.63 -5.28 -0.05
C ARG A 83 -18.67 -4.19 -0.08
N GLY A 1 -19.80 9.32 6.78
CA GLY A 1 -18.42 9.78 6.58
C GLY A 1 -17.98 9.46 5.17
N ALA A 2 -17.05 8.54 4.97
CA ALA A 2 -16.87 7.85 3.69
C ALA A 2 -17.69 6.55 3.73
N ALA A 3 -17.86 5.86 2.60
CA ALA A 3 -18.47 4.51 2.55
C ALA A 3 -17.87 3.61 1.47
N GLY A 4 -16.74 3.99 0.88
CA GLY A 4 -16.05 3.23 -0.15
C GLY A 4 -14.80 2.65 0.42
N ILE A 5 -13.67 3.22 0.06
CA ILE A 5 -12.34 2.72 0.40
C ILE A 5 -11.57 3.72 1.26
N ASP A 6 -11.96 5.00 1.22
CA ASP A 6 -11.22 6.06 1.90
C ASP A 6 -11.32 5.95 3.42
N GLN A 7 -12.28 5.15 3.90
CA GLN A 7 -12.42 4.73 5.30
C GLN A 7 -11.25 3.85 5.77
N TYR A 8 -10.54 3.20 4.84
CA TYR A 8 -9.38 2.36 5.12
C TYR A 8 -8.06 3.07 4.76
N ALA A 9 -8.09 4.31 4.28
CA ALA A 9 -6.89 5.03 3.86
C ALA A 9 -6.17 5.59 5.09
N LEU A 10 -5.04 4.96 5.44
CA LEU A 10 -4.37 5.37 6.68
C LEU A 10 -3.75 6.75 6.33
N LYS A 11 -2.80 7.16 7.14
CA LYS A 11 -1.90 8.29 6.90
C LYS A 11 -0.46 7.90 7.24
N GLU A 12 -0.28 6.81 7.97
CA GLU A 12 1.01 6.38 8.50
C GLU A 12 0.86 4.95 8.97
N PHE A 13 1.97 4.30 9.30
CA PHE A 13 1.98 2.98 9.90
C PHE A 13 3.33 2.72 10.55
N THR A 14 3.41 1.61 11.26
CA THR A 14 4.68 0.96 11.57
C THR A 14 4.68 -0.36 10.81
N ALA A 15 5.83 -0.74 10.27
CA ALA A 15 6.11 -2.10 9.88
C ALA A 15 7.57 -2.38 10.23
N ASP A 16 7.87 -3.58 10.70
CA ASP A 16 9.25 -4.07 10.88
C ASP A 16 10.13 -3.14 11.72
N PHE A 17 9.49 -2.45 12.67
CA PHE A 17 10.01 -1.47 13.61
C PHE A 17 10.43 -0.15 12.96
N THR A 18 10.02 0.07 11.72
CA THR A 18 10.24 1.27 10.96
C THR A 18 8.92 2.04 10.90
N GLN A 19 8.97 3.35 11.17
CA GLN A 19 7.89 4.31 11.03
C GLN A 19 7.82 4.82 9.58
N PHE A 20 6.63 5.17 9.09
CA PHE A 20 6.38 5.47 7.68
C PHE A 20 5.14 6.35 7.52
N HIS A 21 5.14 7.24 6.52
CA HIS A 21 4.05 8.17 6.27
C HIS A 21 3.80 8.31 4.76
N ILE A 22 2.67 8.93 4.37
CA ILE A 22 2.41 9.28 2.97
C ILE A 22 3.52 10.25 2.54
N GLY A 23 4.49 9.75 1.80
CA GLY A 23 5.63 10.49 1.29
C GLY A 23 7.01 10.00 1.72
N ASP A 24 7.16 9.08 2.69
CA ASP A 24 8.46 8.45 2.98
C ASP A 24 8.83 7.46 1.88
N THR A 25 9.91 6.71 2.00
CA THR A 25 10.31 5.67 1.05
C THR A 25 10.47 4.34 1.81
N VAL A 26 10.02 3.23 1.22
CA VAL A 26 10.27 1.90 1.79
C VAL A 26 11.72 1.50 1.54
N PRO A 27 12.28 0.55 2.30
CA PRO A 27 13.55 -0.10 1.96
C PRO A 27 13.36 -1.10 0.82
N ALA A 28 14.43 -1.40 0.08
CA ALA A 28 14.39 -2.26 -1.10
C ALA A 28 14.02 -3.71 -0.80
N MET A 29 13.99 -4.08 0.48
CA MET A 29 13.56 -5.38 0.94
C MET A 29 12.10 -5.62 0.51
N TYR A 30 11.27 -4.56 0.47
CA TYR A 30 9.84 -4.69 0.13
C TYR A 30 9.53 -4.28 -1.30
N LEU A 31 10.52 -3.71 -2.00
CA LEU A 31 10.44 -3.51 -3.45
C LEU A 31 10.27 -4.85 -4.16
N THR A 32 10.76 -5.94 -3.54
CA THR A 32 10.85 -7.22 -4.23
C THR A 32 9.48 -7.76 -4.61
N PRO A 33 9.34 -8.44 -5.77
CA PRO A 33 8.06 -8.83 -6.30
C PRO A 33 7.43 -9.97 -5.50
N GLU A 34 8.17 -10.53 -4.54
CA GLU A 34 7.71 -11.40 -3.47
C GLU A 34 6.53 -10.80 -2.72
N TYR A 35 6.54 -9.49 -2.51
CA TYR A 35 5.58 -8.75 -1.68
C TYR A 35 4.61 -7.93 -2.55
N ASN A 36 4.65 -8.07 -3.87
CA ASN A 36 3.93 -7.26 -4.85
C ASN A 36 2.55 -7.87 -5.16
N ILE A 37 1.49 -7.24 -4.67
CA ILE A 37 0.09 -7.64 -4.89
C ILE A 37 -0.40 -7.14 -6.25
N LYS A 38 0.18 -7.71 -7.31
CA LYS A 38 -0.13 -7.37 -8.71
C LYS A 38 -1.62 -7.51 -9.02
N GLN A 39 -2.34 -8.35 -8.27
CA GLN A 39 -3.78 -8.46 -8.26
C GLN A 39 -4.35 -7.24 -7.52
N TRP A 40 -4.66 -6.12 -8.18
CA TRP A 40 -5.26 -4.96 -7.52
C TRP A 40 -6.68 -4.65 -7.99
N GLN A 41 -7.01 -4.98 -9.23
CA GLN A 41 -8.23 -4.56 -9.92
C GLN A 41 -9.49 -4.99 -9.15
N GLN A 42 -9.47 -6.20 -8.58
CA GLN A 42 -10.59 -6.78 -7.85
C GLN A 42 -10.16 -7.05 -6.41
N ARG A 43 -9.48 -6.07 -5.80
CA ARG A 43 -9.05 -6.14 -4.40
C ARG A 43 -9.56 -4.96 -3.58
N ASN A 44 -10.72 -4.40 -3.96
CA ASN A 44 -11.31 -3.22 -3.36
C ASN A 44 -10.31 -2.04 -3.32
N LEU A 45 -9.32 -1.95 -4.21
CA LEU A 45 -8.27 -0.92 -4.17
C LEU A 45 -8.17 -0.21 -5.52
N PRO A 46 -7.61 1.01 -5.55
CA PRO A 46 -7.44 1.76 -6.78
C PRO A 46 -6.24 1.26 -7.60
N ALA A 47 -6.11 1.81 -8.81
CA ALA A 47 -4.99 1.57 -9.70
C ALA A 47 -3.69 2.18 -9.12
N PRO A 48 -2.52 1.61 -9.43
CA PRO A 48 -1.20 2.16 -9.09
C PRO A 48 -0.87 3.40 -9.93
N ASP A 49 0.13 4.19 -9.52
CA ASP A 49 0.78 5.18 -10.40
C ASP A 49 1.56 4.46 -11.49
N ALA A 50 1.97 5.23 -12.50
CA ALA A 50 2.62 4.79 -13.73
C ALA A 50 4.08 4.33 -13.58
N GLY A 51 4.33 3.41 -12.65
CA GLY A 51 5.63 2.82 -12.36
C GLY A 51 5.65 2.35 -10.91
N SER A 52 4.58 1.71 -10.44
CA SER A 52 4.41 1.39 -9.03
C SER A 52 3.51 0.18 -8.82
N HIS A 53 3.49 -0.33 -7.60
CA HIS A 53 2.67 -1.47 -7.23
C HIS A 53 2.40 -1.43 -5.74
N TRP A 54 1.32 -2.08 -5.34
CA TRP A 54 0.94 -2.24 -3.97
C TRP A 54 1.75 -3.40 -3.37
N THR A 55 2.16 -3.24 -2.12
CA THR A 55 2.85 -4.26 -1.34
C THR A 55 2.17 -4.39 0.02
N TYR A 56 2.38 -5.55 0.65
CA TYR A 56 1.79 -5.91 1.93
C TYR A 56 2.79 -5.58 3.03
N MET A 57 2.51 -4.56 3.82
CA MET A 57 3.42 -3.97 4.78
C MET A 57 2.75 -3.81 6.14
N GLY A 58 3.21 -4.57 7.13
CA GLY A 58 2.62 -4.61 8.45
C GLY A 58 1.24 -5.28 8.48
N GLY A 59 0.70 -5.74 7.36
CA GLY A 59 -0.72 -6.10 7.23
C GLY A 59 -1.49 -5.16 6.29
N ASN A 60 -0.92 -4.02 5.91
CA ASN A 60 -1.58 -3.00 5.11
C ASN A 60 -1.17 -3.15 3.65
N TYR A 61 -1.93 -2.54 2.75
CA TYR A 61 -1.63 -2.43 1.33
C TYR A 61 -1.07 -1.03 1.06
N VAL A 62 0.21 -0.90 0.73
CA VAL A 62 0.84 0.40 0.47
C VAL A 62 1.41 0.45 -0.95
N LEU A 63 1.20 1.55 -1.67
CA LEU A 63 1.59 1.74 -3.06
C LEU A 63 3.01 2.30 -3.13
N ILE A 64 3.96 1.54 -3.65
CA ILE A 64 5.37 1.90 -3.72
C ILE A 64 5.81 1.93 -5.18
N THR A 65 6.65 2.89 -5.53
CA THR A 65 7.19 3.04 -6.87
C THR A 65 8.24 1.98 -7.12
N ASP A 66 8.23 1.36 -8.29
CA ASP A 66 9.19 0.35 -8.70
C ASP A 66 10.61 0.90 -8.93
N THR A 67 10.81 2.20 -8.71
CA THR A 67 12.00 2.94 -9.11
C THR A 67 12.37 4.00 -8.04
N GLU A 68 11.70 3.96 -6.89
CA GLU A 68 12.00 4.82 -5.75
C GLU A 68 11.51 4.13 -4.48
N GLY A 69 10.32 3.54 -4.54
CA GLY A 69 9.69 2.89 -3.41
C GLY A 69 8.97 3.90 -2.51
N LYS A 70 8.70 5.12 -3.01
CA LYS A 70 8.07 6.17 -2.24
C LYS A 70 6.66 5.73 -1.87
N ILE A 71 6.26 6.03 -0.66
CA ILE A 71 5.03 5.57 -0.03
C ILE A 71 3.90 6.46 -0.52
N LEU A 72 3.43 6.18 -1.73
CA LEU A 72 2.51 7.05 -2.43
C LEU A 72 1.17 7.13 -1.69
N LYS A 73 0.63 5.97 -1.30
CA LYS A 73 -0.62 5.81 -0.56
C LYS A 73 -0.52 4.57 0.31
N VAL A 74 -1.40 4.47 1.30
CA VAL A 74 -1.45 3.40 2.29
C VAL A 74 -2.95 3.11 2.49
N TYR A 75 -3.34 1.84 2.56
CA TYR A 75 -4.68 1.38 2.90
C TYR A 75 -4.53 0.20 3.86
N ASP A 76 -5.43 0.03 4.82
CA ASP A 76 -5.38 -1.06 5.79
C ASP A 76 -5.71 -2.41 5.14
N GLY A 77 -5.31 -3.52 5.76
CA GLY A 77 -5.63 -4.87 5.30
C GLY A 77 -7.14 -5.14 5.35
N GLU A 78 -7.87 -4.47 6.25
CA GLU A 78 -9.31 -4.60 6.39
C GLU A 78 -10.06 -4.24 5.10
N ILE A 79 -9.45 -3.48 4.18
CA ILE A 79 -10.06 -3.11 2.90
C ILE A 79 -10.36 -4.35 2.06
N PHE A 80 -9.56 -5.41 2.20
CA PHE A 80 -9.63 -6.58 1.36
C PHE A 80 -10.94 -7.36 1.60
N TYR A 81 -11.69 -7.04 2.66
CA TYR A 81 -12.92 -7.71 3.02
C TYR A 81 -14.16 -6.89 2.67
N HIS A 82 -13.97 -5.64 2.23
CA HIS A 82 -14.97 -4.72 1.72
C HIS A 82 -15.75 -5.38 0.58
N ARG A 83 -16.84 -4.72 0.14
CA ARG A 83 -17.78 -5.24 -0.85
C ARG A 83 -17.97 -4.17 -1.90
N GLY A 1 -19.06 11.88 4.57
CA GLY A 1 -17.98 11.53 3.61
C GLY A 1 -17.42 10.16 3.93
N ALA A 2 -16.33 9.80 3.26
CA ALA A 2 -15.50 8.60 3.44
C ALA A 2 -16.25 7.27 3.61
N ALA A 3 -17.41 7.11 2.97
CA ALA A 3 -18.26 5.93 3.09
C ALA A 3 -17.85 4.84 2.09
N GLY A 4 -16.57 4.49 2.09
CA GLY A 4 -15.94 3.51 1.22
C GLY A 4 -14.49 3.40 1.63
N ILE A 5 -13.62 3.03 0.70
CA ILE A 5 -12.23 2.73 0.96
C ILE A 5 -11.48 3.84 1.69
N ASP A 6 -11.94 5.07 1.56
CA ASP A 6 -11.44 6.28 2.20
C ASP A 6 -11.43 6.18 3.73
N GLN A 7 -12.20 5.24 4.31
CA GLN A 7 -12.16 4.90 5.73
C GLN A 7 -10.82 4.24 6.12
N TYR A 8 -10.21 3.46 5.24
CA TYR A 8 -8.95 2.75 5.48
C TYR A 8 -7.74 3.54 4.98
N ALA A 9 -7.94 4.74 4.43
CA ALA A 9 -6.87 5.57 3.90
C ALA A 9 -6.07 6.16 5.05
N LEU A 10 -5.07 5.43 5.52
CA LEU A 10 -4.17 5.88 6.56
C LEU A 10 -3.27 6.95 5.98
N LYS A 11 -2.70 7.79 6.86
CA LYS A 11 -1.67 8.73 6.45
C LYS A 11 -0.29 8.28 6.92
N GLU A 12 -0.24 7.29 7.81
CA GLU A 12 0.96 6.79 8.46
C GLU A 12 0.68 5.42 9.04
N PHE A 13 1.74 4.65 9.30
CA PHE A 13 1.73 3.41 10.07
C PHE A 13 3.15 3.14 10.57
N THR A 14 3.29 2.08 11.37
CA THR A 14 4.57 1.48 11.70
C THR A 14 4.53 0.04 11.17
N ALA A 15 5.67 -0.44 10.67
CA ALA A 15 5.92 -1.84 10.38
C ALA A 15 7.44 -2.01 10.52
N ASP A 16 7.93 -3.20 10.83
CA ASP A 16 9.37 -3.47 10.92
C ASP A 16 10.04 -2.58 11.99
N PHE A 17 9.27 -2.12 12.98
CA PHE A 17 9.62 -1.12 13.99
C PHE A 17 10.07 0.22 13.39
N THR A 18 9.76 0.45 12.10
CA THR A 18 10.06 1.63 11.34
C THR A 18 8.74 2.36 11.12
N GLN A 19 8.72 3.65 11.44
CA GLN A 19 7.61 4.56 11.23
C GLN A 19 7.63 5.08 9.79
N PHE A 20 6.46 5.38 9.23
CA PHE A 20 6.30 5.77 7.83
C PHE A 20 5.08 6.66 7.64
N HIS A 21 5.12 7.49 6.60
CA HIS A 21 4.06 8.41 6.25
C HIS A 21 3.90 8.43 4.73
N ILE A 22 2.78 8.97 4.23
CA ILE A 22 2.60 9.24 2.81
C ILE A 22 3.73 10.18 2.38
N GLY A 23 4.64 9.68 1.54
CA GLY A 23 5.75 10.43 0.98
C GLY A 23 7.12 10.04 1.53
N ASP A 24 7.18 9.22 2.59
CA ASP A 24 8.43 8.59 3.03
C ASP A 24 8.75 7.46 2.02
N THR A 25 9.80 6.64 2.20
CA THR A 25 10.14 5.55 1.29
C THR A 25 10.08 4.23 2.08
N VAL A 26 9.99 3.09 1.39
CA VAL A 26 10.12 1.76 1.99
C VAL A 26 11.59 1.31 1.94
N PRO A 27 11.99 0.30 2.73
CA PRO A 27 13.18 -0.50 2.45
C PRO A 27 12.95 -1.41 1.23
N ALA A 28 14.05 -1.79 0.57
CA ALA A 28 14.02 -2.69 -0.58
C ALA A 28 13.46 -4.07 -0.22
N MET A 29 13.44 -4.39 1.07
CA MET A 29 12.81 -5.55 1.66
C MET A 29 11.34 -5.75 1.23
N TYR A 30 10.65 -4.70 0.75
CA TYR A 30 9.27 -4.78 0.26
C TYR A 30 9.16 -4.42 -1.22
N LEU A 31 10.21 -3.89 -1.85
CA LEU A 31 10.28 -3.67 -3.28
C LEU A 31 10.44 -4.99 -4.03
N THR A 32 11.11 -5.96 -3.41
CA THR A 32 11.36 -7.28 -3.96
C THR A 32 10.02 -7.90 -4.45
N PRO A 33 10.01 -8.68 -5.55
CA PRO A 33 8.77 -9.15 -6.16
C PRO A 33 8.00 -10.14 -5.28
N GLU A 34 8.61 -10.63 -4.20
CA GLU A 34 8.01 -11.52 -3.21
C GLU A 34 6.73 -10.94 -2.59
N TYR A 35 6.49 -9.63 -2.67
CA TYR A 35 5.33 -8.96 -2.05
C TYR A 35 4.44 -8.28 -3.10
N ASN A 36 4.81 -8.33 -4.38
CA ASN A 36 4.23 -7.54 -5.47
C ASN A 36 2.81 -7.99 -5.77
N ILE A 37 1.81 -7.29 -5.27
CA ILE A 37 0.42 -7.61 -5.55
C ILE A 37 0.05 -7.02 -6.91
N LYS A 38 0.37 -7.76 -7.97
CA LYS A 38 -0.09 -7.40 -9.32
C LYS A 38 -1.62 -7.42 -9.41
N GLN A 39 -2.32 -8.16 -8.56
CA GLN A 39 -3.77 -8.25 -8.57
C GLN A 39 -4.40 -7.08 -7.82
N TRP A 40 -4.95 -6.10 -8.52
CA TRP A 40 -5.73 -5.03 -7.88
C TRP A 40 -7.10 -4.80 -8.51
N GLN A 41 -7.32 -5.11 -9.79
CA GLN A 41 -8.60 -4.86 -10.45
C GLN A 41 -9.75 -5.59 -9.78
N GLN A 42 -9.46 -6.77 -9.26
CA GLN A 42 -10.42 -7.65 -8.61
C GLN A 42 -10.58 -7.32 -7.12
N ARG A 43 -10.32 -6.07 -6.70
CA ARG A 43 -10.41 -5.63 -5.32
C ARG A 43 -11.00 -4.22 -5.31
N ASN A 44 -11.46 -3.78 -4.14
CA ASN A 44 -12.00 -2.44 -3.93
C ASN A 44 -10.93 -1.35 -4.11
N LEU A 45 -9.67 -1.70 -3.85
CA LEU A 45 -8.54 -0.79 -3.91
C LEU A 45 -8.44 -0.07 -5.25
N PRO A 46 -7.83 1.13 -5.27
CA PRO A 46 -7.57 1.87 -6.49
C PRO A 46 -6.37 1.29 -7.24
N ALA A 47 -6.11 1.88 -8.41
CA ALA A 47 -4.96 1.60 -9.25
C ALA A 47 -3.63 1.88 -8.52
N PRO A 48 -2.50 1.37 -9.05
CA PRO A 48 -1.19 1.93 -8.77
C PRO A 48 -1.09 3.33 -9.39
N ASP A 49 0.03 4.02 -9.20
CA ASP A 49 0.42 5.16 -10.02
C ASP A 49 1.14 4.64 -11.26
N ALA A 50 1.56 5.53 -12.15
CA ALA A 50 2.02 5.22 -13.50
C ALA A 50 3.44 4.65 -13.59
N GLY A 51 3.83 3.82 -12.63
CA GLY A 51 5.15 3.23 -12.48
C GLY A 51 5.35 2.77 -11.05
N SER A 52 4.35 2.12 -10.46
CA SER A 52 4.39 1.67 -9.08
C SER A 52 3.60 0.37 -8.94
N HIS A 53 3.68 -0.25 -7.78
CA HIS A 53 2.94 -1.46 -7.48
C HIS A 53 2.49 -1.52 -6.04
N TRP A 54 1.36 -2.17 -5.82
CA TRP A 54 0.84 -2.44 -4.49
C TRP A 54 1.63 -3.60 -3.90
N THR A 55 1.91 -3.57 -2.60
CA THR A 55 2.59 -4.63 -1.86
C THR A 55 1.85 -4.90 -0.56
N TYR A 56 2.24 -5.98 0.13
CA TYR A 56 1.71 -6.36 1.43
C TYR A 56 2.77 -6.07 2.48
N MET A 57 2.60 -5.01 3.26
CA MET A 57 3.58 -4.49 4.20
C MET A 57 3.03 -4.61 5.61
N GLY A 58 3.48 -5.61 6.36
CA GLY A 58 3.04 -5.78 7.75
C GLY A 58 1.60 -6.26 7.88
N GLY A 59 0.91 -6.53 6.77
CA GLY A 59 -0.53 -6.77 6.74
C GLY A 59 -1.31 -5.65 6.06
N ASN A 60 -0.64 -4.59 5.59
CA ASN A 60 -1.25 -3.34 5.14
C ASN A 60 -0.85 -3.14 3.68
N TYR A 61 -1.78 -2.65 2.85
CA TYR A 61 -1.55 -2.54 1.43
C TYR A 61 -0.88 -1.20 1.17
N VAL A 62 0.31 -1.19 0.60
CA VAL A 62 1.02 0.07 0.34
C VAL A 62 1.36 0.13 -1.13
N LEU A 63 1.31 1.31 -1.72
CA LEU A 63 1.66 1.53 -3.11
C LEU A 63 3.05 2.14 -3.15
N ILE A 64 3.98 1.53 -3.89
CA ILE A 64 5.38 1.92 -3.92
C ILE A 64 5.90 2.06 -5.35
N THR A 65 6.65 3.15 -5.63
CA THR A 65 7.28 3.36 -6.91
C THR A 65 8.26 2.25 -7.25
N ASP A 66 8.14 1.70 -8.45
CA ASP A 66 9.00 0.63 -8.96
C ASP A 66 10.37 1.14 -9.44
N THR A 67 10.67 2.36 -9.03
CA THR A 67 11.79 3.20 -9.45
C THR A 67 12.35 4.02 -8.26
N GLU A 68 11.86 3.82 -7.03
CA GLU A 68 12.25 4.57 -5.83
C GLU A 68 11.68 3.86 -4.60
N GLY A 69 10.38 3.58 -4.64
CA GLY A 69 9.58 3.04 -3.57
C GLY A 69 9.27 4.11 -2.53
N LYS A 70 8.95 5.33 -3.00
CA LYS A 70 8.21 6.25 -2.14
C LYS A 70 6.88 5.60 -1.80
N ILE A 71 6.32 5.98 -0.67
CA ILE A 71 5.06 5.50 -0.14
C ILE A 71 4.01 6.41 -0.76
N LEU A 72 3.50 6.03 -1.94
CA LEU A 72 2.48 6.78 -2.63
C LEU A 72 1.17 6.75 -1.86
N LYS A 73 0.75 5.56 -1.42
CA LYS A 73 -0.49 5.36 -0.67
C LYS A 73 -0.31 4.26 0.37
N VAL A 74 -1.17 4.26 1.39
CA VAL A 74 -1.39 3.19 2.36
C VAL A 74 -2.90 3.03 2.49
N TYR A 75 -3.39 1.79 2.38
CA TYR A 75 -4.71 1.41 2.88
C TYR A 75 -4.51 0.21 3.82
N ASP A 76 -5.26 0.12 4.91
CA ASP A 76 -5.17 -1.04 5.78
C ASP A 76 -5.62 -2.30 5.03
N GLY A 77 -5.09 -3.47 5.40
CA GLY A 77 -5.51 -4.77 4.87
C GLY A 77 -6.99 -5.08 5.14
N GLU A 78 -7.62 -4.40 6.08
CA GLU A 78 -9.05 -4.52 6.35
C GLU A 78 -9.90 -4.28 5.09
N ILE A 79 -9.40 -3.48 4.14
CA ILE A 79 -10.08 -3.16 2.89
C ILE A 79 -10.28 -4.39 2.00
N PHE A 80 -9.53 -5.49 2.19
CA PHE A 80 -9.57 -6.67 1.33
C PHE A 80 -10.99 -7.21 1.26
N TYR A 81 -11.56 -7.41 2.44
CA TYR A 81 -12.86 -8.00 2.66
C TYR A 81 -14.02 -7.01 2.40
N HIS A 82 -13.72 -5.72 2.33
CA HIS A 82 -14.70 -4.66 2.20
C HIS A 82 -15.00 -4.54 0.71
N ARG A 83 -15.96 -5.34 0.24
CA ARG A 83 -16.44 -5.39 -1.12
C ARG A 83 -15.46 -6.05 -2.06
N GLY A 1 -20.37 9.63 7.66
CA GLY A 1 -19.15 8.88 7.40
C GLY A 1 -18.91 8.67 5.91
N ALA A 2 -18.11 7.66 5.59
CA ALA A 2 -17.96 7.06 4.27
C ALA A 2 -18.16 5.56 4.43
N ALA A 3 -18.31 4.82 3.34
CA ALA A 3 -18.47 3.37 3.36
C ALA A 3 -18.00 2.82 2.01
N GLY A 4 -16.69 2.81 1.82
CA GLY A 4 -16.02 2.33 0.63
C GLY A 4 -14.60 1.94 1.01
N ILE A 5 -13.64 2.78 0.62
CA ILE A 5 -12.23 2.54 0.90
C ILE A 5 -11.59 3.64 1.72
N ASP A 6 -12.23 4.81 1.78
CA ASP A 6 -11.68 5.97 2.45
C ASP A 6 -11.50 5.71 3.95
N GLN A 7 -12.36 4.86 4.51
CA GLN A 7 -12.34 4.39 5.88
C GLN A 7 -11.08 3.55 6.20
N TYR A 8 -10.41 3.00 5.18
CA TYR A 8 -9.15 2.29 5.29
C TYR A 8 -7.99 3.12 4.77
N ALA A 9 -8.22 4.38 4.34
CA ALA A 9 -7.17 5.23 3.83
C ALA A 9 -6.30 5.66 5.00
N LEU A 10 -5.18 4.96 5.21
CA LEU A 10 -4.18 5.32 6.21
C LEU A 10 -3.29 6.39 5.60
N LYS A 11 -2.63 7.17 6.45
CA LYS A 11 -1.79 8.30 6.06
C LYS A 11 -0.42 8.24 6.72
N GLU A 12 -0.19 7.20 7.50
CA GLU A 12 1.01 6.88 8.27
C GLU A 12 0.79 5.49 8.85
N PHE A 13 1.87 4.82 9.26
CA PHE A 13 1.85 3.56 10.00
C PHE A 13 3.26 3.25 10.53
N THR A 14 3.39 2.15 11.26
CA THR A 14 4.65 1.51 11.60
C THR A 14 4.46 0.02 11.31
N ALA A 15 5.47 -0.63 10.77
CA ALA A 15 5.59 -2.08 10.70
C ALA A 15 7.08 -2.39 10.77
N ASP A 16 7.45 -3.60 11.21
CA ASP A 16 8.85 -4.06 11.23
C ASP A 16 9.81 -3.13 11.96
N PHE A 17 9.25 -2.38 12.92
CA PHE A 17 9.91 -1.37 13.73
C PHE A 17 10.46 -0.22 12.88
N THR A 18 9.83 0.03 11.74
CA THR A 18 10.16 1.08 10.80
C THR A 18 8.88 1.88 10.61
N GLN A 19 9.00 3.21 10.62
CA GLN A 19 7.88 4.12 10.64
C GLN A 19 7.77 4.83 9.30
N PHE A 20 6.55 5.20 8.92
CA PHE A 20 6.21 5.49 7.55
C PHE A 20 5.11 6.55 7.48
N HIS A 21 5.18 7.39 6.45
CA HIS A 21 4.25 8.49 6.19
C HIS A 21 4.04 8.61 4.69
N ILE A 22 3.05 9.37 4.22
CA ILE A 22 2.86 9.61 2.79
C ILE A 22 4.02 10.49 2.34
N GLY A 23 4.85 9.99 1.42
CA GLY A 23 5.99 10.71 0.87
C GLY A 23 7.33 10.28 1.47
N ASP A 24 7.35 9.49 2.55
CA ASP A 24 8.57 8.79 3.00
C ASP A 24 8.88 7.69 1.96
N THR A 25 9.95 6.89 2.10
CA THR A 25 10.29 5.82 1.20
C THR A 25 10.31 4.51 2.00
N VAL A 26 10.16 3.37 1.34
CA VAL A 26 10.20 2.05 1.97
C VAL A 26 11.64 1.53 2.10
N PRO A 27 11.89 0.50 2.91
CA PRO A 27 13.12 -0.29 2.85
C PRO A 27 13.15 -1.17 1.59
N ALA A 28 14.36 -1.59 1.18
CA ALA A 28 14.58 -2.35 -0.04
C ALA A 28 13.86 -3.70 -0.02
N MET A 29 13.60 -4.24 1.16
CA MET A 29 12.89 -5.49 1.42
C MET A 29 11.52 -5.56 0.77
N TYR A 30 10.91 -4.42 0.43
CA TYR A 30 9.57 -4.39 -0.13
C TYR A 30 9.55 -3.99 -1.61
N LEU A 31 10.70 -3.80 -2.26
CA LEU A 31 10.78 -3.55 -3.70
C LEU A 31 10.73 -4.85 -4.50
N THR A 32 11.07 -5.98 -3.88
CA THR A 32 11.13 -7.29 -4.51
C THR A 32 9.71 -7.76 -4.90
N PRO A 33 9.57 -8.49 -6.03
CA PRO A 33 8.30 -9.01 -6.52
C PRO A 33 7.65 -10.05 -5.62
N GLU A 34 8.32 -10.50 -4.55
CA GLU A 34 7.77 -11.41 -3.54
C GLU A 34 6.43 -10.89 -3.01
N TYR A 35 6.33 -9.58 -2.76
CA TYR A 35 5.17 -8.97 -2.10
C TYR A 35 4.23 -8.30 -3.11
N ASN A 36 4.67 -8.13 -4.36
CA ASN A 36 4.04 -7.37 -5.44
C ASN A 36 2.66 -7.91 -5.80
N ILE A 37 1.61 -7.25 -5.29
CA ILE A 37 0.21 -7.49 -5.61
C ILE A 37 -0.05 -6.84 -6.95
N LYS A 38 0.37 -7.52 -8.01
CA LYS A 38 0.00 -7.11 -9.37
C LYS A 38 -1.53 -7.18 -9.54
N GLN A 39 -2.21 -8.08 -8.81
CA GLN A 39 -3.64 -8.26 -8.86
C GLN A 39 -4.38 -7.15 -8.10
N TRP A 40 -4.48 -5.94 -8.68
CA TRP A 40 -5.37 -4.91 -8.13
C TRP A 40 -6.71 -4.87 -8.90
N GLN A 41 -6.79 -5.41 -10.12
CA GLN A 41 -8.03 -5.42 -10.92
C GLN A 41 -9.09 -6.40 -10.37
N GLN A 42 -8.79 -7.12 -9.30
CA GLN A 42 -9.72 -7.97 -8.56
C GLN A 42 -9.71 -7.66 -7.06
N ARG A 43 -9.10 -6.56 -6.65
CA ARG A 43 -9.01 -6.14 -5.24
C ARG A 43 -9.66 -4.76 -5.12
N ASN A 44 -9.81 -4.25 -3.90
CA ASN A 44 -10.61 -3.06 -3.62
C ASN A 44 -9.79 -1.78 -3.81
N LEU A 45 -8.47 -1.88 -3.93
CA LEU A 45 -7.55 -0.76 -3.99
C LEU A 45 -7.71 -0.02 -5.33
N PRO A 46 -7.40 1.28 -5.36
CA PRO A 46 -7.31 2.05 -6.59
C PRO A 46 -6.15 1.58 -7.47
N ALA A 47 -6.15 2.03 -8.72
CA ALA A 47 -5.06 1.76 -9.66
C ALA A 47 -3.76 2.38 -9.15
N PRO A 48 -2.59 1.75 -9.36
CA PRO A 48 -1.30 2.32 -9.01
C PRO A 48 -0.94 3.48 -9.95
N ASP A 49 0.15 4.17 -9.64
CA ASP A 49 0.74 5.19 -10.51
C ASP A 49 1.63 4.52 -11.56
N ALA A 50 2.16 5.34 -12.48
CA ALA A 50 2.99 4.93 -13.60
C ALA A 50 4.29 4.26 -13.11
N GLY A 51 4.37 2.94 -13.12
CA GLY A 51 5.52 2.24 -12.58
C GLY A 51 5.55 2.31 -11.05
N SER A 52 4.43 2.00 -10.41
CA SER A 52 4.38 1.60 -9.02
C SER A 52 3.52 0.36 -8.91
N HIS A 53 3.50 -0.28 -7.74
CA HIS A 53 2.65 -1.42 -7.49
C HIS A 53 2.31 -1.54 -6.01
N TRP A 54 1.17 -2.17 -5.74
CA TRP A 54 0.72 -2.47 -4.38
C TRP A 54 1.54 -3.64 -3.82
N THR A 55 1.87 -3.65 -2.53
CA THR A 55 2.43 -4.77 -1.81
C THR A 55 1.62 -4.98 -0.52
N TYR A 56 1.91 -6.07 0.20
CA TYR A 56 1.30 -6.39 1.49
C TYR A 56 2.36 -6.21 2.57
N MET A 57 2.20 -5.25 3.48
CA MET A 57 3.10 -5.04 4.61
C MET A 57 2.64 -5.87 5.81
N GLY A 58 3.01 -5.42 7.02
CA GLY A 58 2.62 -5.81 8.38
C GLY A 58 1.14 -6.00 8.68
N GLY A 59 0.30 -5.96 7.66
CA GLY A 59 -1.13 -6.13 7.69
C GLY A 59 -1.81 -5.13 6.78
N ASN A 60 -1.12 -4.05 6.42
CA ASN A 60 -1.60 -2.99 5.54
C ASN A 60 -1.21 -3.28 4.09
N TYR A 61 -1.87 -2.60 3.15
CA TYR A 61 -1.59 -2.65 1.73
C TYR A 61 -0.98 -1.31 1.34
N VAL A 62 0.19 -1.31 0.73
CA VAL A 62 0.94 -0.10 0.48
C VAL A 62 1.32 -0.06 -0.97
N LEU A 63 1.58 1.14 -1.47
CA LEU A 63 1.86 1.41 -2.88
C LEU A 63 3.26 1.99 -2.95
N ILE A 64 4.13 1.39 -3.77
CA ILE A 64 5.54 1.76 -3.88
C ILE A 64 5.93 1.92 -5.34
N THR A 65 6.69 2.98 -5.63
CA THR A 65 7.29 3.20 -6.95
C THR A 65 8.38 2.16 -7.19
N ASP A 66 8.39 1.59 -8.38
CA ASP A 66 9.50 0.72 -8.83
C ASP A 66 10.83 1.48 -8.96
N THR A 67 10.81 2.80 -8.80
CA THR A 67 11.83 3.73 -9.29
C THR A 67 12.18 4.76 -8.20
N GLU A 68 11.75 4.50 -6.96
CA GLU A 68 11.95 5.34 -5.79
C GLU A 68 11.51 4.60 -4.53
N GLY A 69 10.50 3.73 -4.66
CA GLY A 69 9.75 3.16 -3.56
C GLY A 69 9.26 4.23 -2.59
N LYS A 70 8.91 5.41 -3.10
CA LYS A 70 8.25 6.39 -2.27
C LYS A 70 6.90 5.82 -1.87
N ILE A 71 6.40 6.26 -0.73
CA ILE A 71 5.18 5.77 -0.15
C ILE A 71 4.10 6.64 -0.79
N LEU A 72 3.64 6.22 -1.96
CA LEU A 72 2.63 6.94 -2.72
C LEU A 72 1.34 6.95 -1.91
N LYS A 73 0.89 5.78 -1.46
CA LYS A 73 -0.37 5.62 -0.74
C LYS A 73 -0.25 4.44 0.22
N VAL A 74 -1.15 4.39 1.20
CA VAL A 74 -1.32 3.32 2.16
C VAL A 74 -2.84 3.07 2.23
N TYR A 75 -3.26 1.82 2.35
CA TYR A 75 -4.58 1.43 2.82
C TYR A 75 -4.42 0.35 3.86
N ASP A 76 -5.35 0.23 4.80
CA ASP A 76 -5.29 -0.83 5.80
C ASP A 76 -5.75 -2.17 5.20
N GLY A 77 -5.40 -3.30 5.83
CA GLY A 77 -5.77 -4.64 5.39
C GLY A 77 -7.26 -4.90 5.50
N GLU A 78 -7.97 -4.15 6.34
CA GLU A 78 -9.41 -4.30 6.55
C GLU A 78 -10.21 -4.06 5.26
N ILE A 79 -9.61 -3.42 4.26
CA ILE A 79 -10.14 -3.26 2.91
C ILE A 79 -10.31 -4.60 2.17
N PHE A 80 -9.64 -5.68 2.59
CA PHE A 80 -9.71 -6.97 1.93
C PHE A 80 -11.05 -7.66 2.20
N TYR A 81 -11.62 -7.47 3.38
CA TYR A 81 -12.94 -8.00 3.70
C TYR A 81 -14.04 -7.16 3.05
N HIS A 82 -13.71 -5.93 2.60
CA HIS A 82 -14.67 -5.01 2.05
C HIS A 82 -15.12 -5.46 0.65
N ARG A 83 -16.08 -4.74 0.07
CA ARG A 83 -16.93 -5.16 -1.03
C ARG A 83 -16.99 -4.08 -2.09
N GLY A 1 -21.58 9.70 0.35
CA GLY A 1 -20.18 9.26 0.26
C GLY A 1 -19.67 8.79 1.61
N ALA A 2 -18.36 8.77 1.80
CA ALA A 2 -17.66 7.87 2.73
C ALA A 2 -18.02 6.41 2.39
N ALA A 3 -17.78 5.48 3.31
CA ALA A 3 -18.06 4.04 3.22
C ALA A 3 -17.39 3.29 2.06
N GLY A 4 -16.62 3.98 1.23
CA GLY A 4 -15.68 3.41 0.29
C GLY A 4 -14.30 3.39 0.94
N ILE A 5 -13.26 3.29 0.12
CA ILE A 5 -11.92 2.97 0.57
C ILE A 5 -11.29 3.99 1.53
N ASP A 6 -11.81 5.21 1.54
CA ASP A 6 -11.30 6.35 2.31
C ASP A 6 -11.24 6.07 3.82
N GLN A 7 -12.07 5.16 4.33
CA GLN A 7 -12.05 4.75 5.73
C GLN A 7 -10.77 4.02 6.13
N TYR A 8 -10.10 3.35 5.17
CA TYR A 8 -8.89 2.58 5.40
C TYR A 8 -7.64 3.45 5.18
N ALA A 9 -7.80 4.73 4.84
CA ALA A 9 -6.73 5.61 4.37
C ALA A 9 -5.79 6.04 5.51
N LEU A 10 -4.73 5.27 5.74
CA LEU A 10 -3.74 5.52 6.77
C LEU A 10 -2.77 6.56 6.25
N LYS A 11 -2.49 7.63 7.00
CA LYS A 11 -1.53 8.66 6.60
C LYS A 11 -0.11 8.38 7.11
N GLU A 12 0.02 7.49 8.09
CA GLU A 12 1.28 6.99 8.61
C GLU A 12 1.05 5.57 9.11
N PHE A 13 2.12 4.83 9.37
CA PHE A 13 2.08 3.50 9.96
C PHE A 13 3.41 3.21 10.62
N THR A 14 3.49 2.04 11.27
CA THR A 14 4.73 1.44 11.72
C THR A 14 4.68 0.01 11.19
N ALA A 15 5.74 -0.46 10.54
CA ALA A 15 5.89 -1.85 10.12
C ALA A 15 7.37 -2.19 10.30
N ASP A 16 7.65 -3.41 10.74
CA ASP A 16 8.99 -3.90 11.07
C ASP A 16 9.74 -2.85 11.89
N PHE A 17 9.05 -2.41 12.95
CA PHE A 17 9.44 -1.47 13.98
C PHE A 17 10.05 -0.16 13.47
N THR A 18 9.74 0.21 12.22
CA THR A 18 10.11 1.46 11.57
C THR A 18 8.81 2.23 11.28
N GLN A 19 8.81 3.55 11.51
CA GLN A 19 7.68 4.41 11.21
C GLN A 19 7.82 4.95 9.78
N PHE A 20 6.69 5.24 9.12
CA PHE A 20 6.67 5.73 7.75
C PHE A 20 5.45 6.63 7.55
N HIS A 21 5.55 7.55 6.60
CA HIS A 21 4.52 8.53 6.30
C HIS A 21 4.34 8.62 4.79
N ILE A 22 3.20 9.15 4.34
CA ILE A 22 2.97 9.44 2.93
C ILE A 22 4.06 10.43 2.49
N GLY A 23 4.95 9.98 1.61
CA GLY A 23 6.07 10.74 1.10
C GLY A 23 7.44 10.23 1.55
N ASP A 24 7.53 9.34 2.53
CA ASP A 24 8.78 8.63 2.85
C ASP A 24 9.04 7.53 1.81
N THR A 25 10.03 6.66 1.99
CA THR A 25 10.39 5.59 1.08
C THR A 25 10.43 4.27 1.88
N VAL A 26 10.11 3.14 1.24
CA VAL A 26 10.19 1.83 1.88
C VAL A 26 11.57 1.21 1.66
N PRO A 27 12.04 0.30 2.54
CA PRO A 27 13.22 -0.50 2.29
C PRO A 27 12.98 -1.56 1.20
N ALA A 28 14.06 -2.16 0.68
CA ALA A 28 14.01 -3.19 -0.34
C ALA A 28 13.37 -4.49 0.16
N MET A 29 13.13 -4.59 1.47
CA MET A 29 12.35 -5.65 2.12
C MET A 29 10.92 -5.69 1.56
N TYR A 30 10.43 -4.59 0.98
CA TYR A 30 9.11 -4.51 0.37
C TYR A 30 9.15 -4.38 -1.16
N LEU A 31 10.26 -3.88 -1.72
CA LEU A 31 10.40 -3.65 -3.16
C LEU A 31 10.65 -4.95 -3.92
N THR A 32 11.08 -5.99 -3.20
CA THR A 32 11.21 -7.36 -3.65
C THR A 32 9.86 -7.86 -4.24
N PRO A 33 9.88 -8.74 -5.24
CA PRO A 33 8.66 -9.31 -5.82
C PRO A 33 7.89 -10.20 -4.83
N GLU A 34 8.50 -10.55 -3.69
CA GLU A 34 7.99 -11.46 -2.69
C GLU A 34 6.70 -10.96 -2.02
N TYR A 35 6.28 -9.71 -2.23
CA TYR A 35 5.06 -9.15 -1.67
C TYR A 35 4.21 -8.41 -2.72
N ASN A 36 4.65 -8.38 -3.98
CA ASN A 36 4.06 -7.61 -5.06
C ASN A 36 2.64 -8.12 -5.38
N ILE A 37 1.66 -7.23 -5.59
CA ILE A 37 0.24 -7.55 -5.81
C ILE A 37 -0.16 -7.06 -7.20
N LYS A 38 0.02 -7.93 -8.19
CA LYS A 38 -0.54 -7.71 -9.54
C LYS A 38 -2.06 -7.83 -9.54
N GLN A 39 -2.67 -8.39 -8.50
CA GLN A 39 -4.05 -8.90 -8.51
C GLN A 39 -5.00 -7.90 -7.84
N TRP A 40 -4.84 -6.61 -8.14
CA TRP A 40 -5.55 -5.54 -7.48
C TRP A 40 -7.05 -5.48 -7.80
N GLN A 41 -7.51 -6.17 -8.86
CA GLN A 41 -8.93 -6.33 -9.12
C GLN A 41 -9.62 -7.20 -8.04
N GLN A 42 -8.89 -8.08 -7.36
CA GLN A 42 -9.44 -9.05 -6.44
C GLN A 42 -9.65 -8.47 -5.04
N ARG A 43 -10.09 -7.22 -5.02
CA ARG A 43 -10.20 -6.27 -3.92
C ARG A 43 -10.65 -4.94 -4.51
N ASN A 44 -11.26 -4.07 -3.72
CA ASN A 44 -11.86 -2.82 -4.20
C ASN A 44 -10.80 -1.72 -4.37
N LEU A 45 -9.52 -2.00 -4.07
CA LEU A 45 -8.45 -1.00 -4.12
C LEU A 45 -8.39 -0.31 -5.49
N PRO A 46 -7.91 0.95 -5.55
CA PRO A 46 -7.72 1.63 -6.80
C PRO A 46 -6.59 1.00 -7.60
N ALA A 47 -6.50 1.41 -8.86
CA ALA A 47 -5.37 1.16 -9.73
C ALA A 47 -4.07 1.70 -9.10
N PRO A 48 -2.90 1.19 -9.48
CA PRO A 48 -1.63 1.84 -9.14
C PRO A 48 -1.52 3.19 -9.85
N ASP A 49 -0.62 4.05 -9.36
CA ASP A 49 -0.12 5.19 -10.11
C ASP A 49 0.77 4.65 -11.25
N ALA A 50 1.06 5.46 -12.26
CA ALA A 50 1.86 5.05 -13.41
C ALA A 50 3.31 4.73 -12.99
N GLY A 51 3.70 3.46 -13.01
CA GLY A 51 5.04 3.05 -12.60
C GLY A 51 5.15 2.86 -11.09
N SER A 52 4.08 2.40 -10.46
CA SER A 52 4.04 2.04 -9.06
C SER A 52 3.42 0.65 -8.92
N HIS A 53 3.48 0.09 -7.71
CA HIS A 53 2.91 -1.21 -7.43
C HIS A 53 2.33 -1.23 -6.03
N TRP A 54 1.34 -2.09 -5.86
CA TRP A 54 0.74 -2.36 -4.57
C TRP A 54 1.42 -3.58 -3.97
N THR A 55 1.78 -3.51 -2.69
CA THR A 55 2.49 -4.57 -2.00
C THR A 55 1.85 -4.80 -0.63
N TYR A 56 2.08 -5.98 -0.05
CA TYR A 56 1.66 -6.29 1.31
C TYR A 56 2.78 -5.84 2.24
N MET A 57 2.54 -4.85 3.09
CA MET A 57 3.45 -4.43 4.16
C MET A 57 3.10 -5.22 5.43
N GLY A 58 3.38 -4.64 6.60
CA GLY A 58 2.95 -4.99 7.95
C GLY A 58 1.44 -5.13 8.14
N GLY A 59 0.79 -5.95 7.32
CA GLY A 59 -0.63 -6.23 7.42
C GLY A 59 -1.51 -5.19 6.74
N ASN A 60 -0.91 -4.20 6.08
CA ASN A 60 -1.60 -3.17 5.31
C ASN A 60 -1.09 -3.25 3.88
N TYR A 61 -1.77 -2.60 2.94
CA TYR A 61 -1.42 -2.60 1.54
C TYR A 61 -0.86 -1.23 1.19
N VAL A 62 0.38 -1.16 0.72
CA VAL A 62 1.01 0.11 0.42
C VAL A 62 1.20 0.22 -1.08
N LEU A 63 1.28 1.45 -1.58
CA LEU A 63 1.57 1.76 -2.97
C LEU A 63 2.95 2.40 -3.03
N ILE A 64 3.88 1.76 -3.73
CA ILE A 64 5.30 2.12 -3.82
C ILE A 64 5.62 2.50 -5.27
N THR A 65 6.51 3.45 -5.54
CA THR A 65 7.04 3.60 -6.89
C THR A 65 7.91 2.38 -7.18
N ASP A 66 7.85 1.87 -8.41
CA ASP A 66 8.69 0.73 -8.81
C ASP A 66 10.16 1.13 -9.01
N THR A 67 10.43 2.43 -8.92
CA THR A 67 11.64 3.09 -9.39
C THR A 67 12.14 4.11 -8.35
N GLU A 68 11.75 3.92 -7.07
CA GLU A 68 12.18 4.73 -5.91
C GLU A 68 11.65 4.07 -4.62
N GLY A 69 10.43 3.53 -4.66
CA GLY A 69 9.73 2.96 -3.52
C GLY A 69 9.18 4.01 -2.57
N LYS A 70 8.92 5.21 -3.08
CA LYS A 70 8.29 6.29 -2.35
C LYS A 70 6.87 5.89 -1.98
N ILE A 71 6.42 6.31 -0.80
CA ILE A 71 5.20 5.87 -0.15
C ILE A 71 4.07 6.74 -0.68
N LEU A 72 3.43 6.26 -1.76
CA LEU A 72 2.45 7.03 -2.50
C LEU A 72 1.10 7.01 -1.78
N LYS A 73 0.62 5.83 -1.37
CA LYS A 73 -0.64 5.63 -0.66
C LYS A 73 -0.45 4.47 0.31
N VAL A 74 -1.34 4.35 1.28
CA VAL A 74 -1.50 3.18 2.13
C VAL A 74 -3.01 3.00 2.32
N TYR A 75 -3.47 1.75 2.36
CA TYR A 75 -4.77 1.38 2.90
C TYR A 75 -4.58 0.15 3.80
N ASP A 76 -5.38 -0.01 4.86
CA ASP A 76 -5.33 -1.17 5.77
C ASP A 76 -5.66 -2.48 5.04
N GLY A 77 -5.24 -3.63 5.60
CA GLY A 77 -5.49 -4.99 5.09
C GLY A 77 -6.97 -5.35 4.94
N GLU A 78 -7.89 -4.73 5.68
CA GLU A 78 -9.31 -5.04 5.55
C GLU A 78 -9.85 -4.70 4.17
N ILE A 79 -9.19 -3.81 3.42
CA ILE A 79 -9.55 -3.54 2.03
C ILE A 79 -9.26 -4.76 1.12
N PHE A 80 -8.77 -5.88 1.65
CA PHE A 80 -8.81 -7.17 0.97
C PHE A 80 -10.25 -7.66 0.82
N TYR A 81 -11.08 -7.51 1.86
CA TYR A 81 -12.33 -8.25 2.05
C TYR A 81 -13.52 -7.35 2.39
N HIS A 82 -13.37 -6.05 2.14
CA HIS A 82 -14.31 -5.00 2.47
C HIS A 82 -15.68 -5.39 1.95
N ARG A 83 -16.66 -5.22 2.81
CA ARG A 83 -18.06 -5.29 2.45
C ARG A 83 -18.63 -3.96 2.88
N GLY A 1 -14.84 12.50 1.62
CA GLY A 1 -15.56 11.44 0.90
C GLY A 1 -16.78 11.02 1.69
N ALA A 2 -17.14 9.74 1.63
CA ALA A 2 -18.11 9.07 2.50
C ALA A 2 -17.90 7.56 2.33
N ALA A 3 -17.27 6.90 3.32
CA ALA A 3 -17.13 5.46 3.44
C ALA A 3 -16.74 4.77 2.14
N GLY A 4 -15.70 5.29 1.46
CA GLY A 4 -15.25 4.75 0.18
C GLY A 4 -14.09 3.80 0.39
N ILE A 5 -12.89 4.34 0.25
CA ILE A 5 -11.64 3.62 0.42
C ILE A 5 -10.68 4.43 1.29
N ASP A 6 -10.82 5.76 1.31
CA ASP A 6 -9.97 6.67 2.08
C ASP A 6 -10.14 6.50 3.58
N GLN A 7 -11.22 5.84 3.99
CA GLN A 7 -11.47 5.35 5.33
C GLN A 7 -10.37 4.39 5.81
N TYR A 8 -9.65 3.72 4.91
CA TYR A 8 -8.56 2.78 5.21
C TYR A 8 -7.18 3.43 5.02
N ALA A 9 -7.11 4.70 4.59
CA ALA A 9 -5.86 5.37 4.23
C ALA A 9 -5.15 5.82 5.50
N LEU A 10 -4.11 5.09 5.90
CA LEU A 10 -3.39 5.42 7.13
C LEU A 10 -2.48 6.60 6.85
N LYS A 11 -2.56 7.68 7.62
CA LYS A 11 -1.63 8.78 7.41
C LYS A 11 -0.21 8.34 7.75
N GLU A 12 -0.07 7.41 8.68
CA GLU A 12 1.20 6.97 9.23
C GLU A 12 0.99 5.58 9.80
N PHE A 13 2.07 4.82 9.83
CA PHE A 13 2.13 3.52 10.48
C PHE A 13 3.61 3.21 10.77
N THR A 14 3.85 2.09 11.44
CA THR A 14 5.16 1.52 11.69
C THR A 14 5.09 0.07 11.18
N ALA A 15 6.14 -0.41 10.52
CA ALA A 15 6.30 -1.81 10.16
C ALA A 15 7.79 -2.13 10.24
N ASP A 16 8.15 -3.39 10.54
CA ASP A 16 9.55 -3.86 10.53
C ASP A 16 10.47 -2.94 11.36
N PHE A 17 9.93 -2.41 12.46
CA PHE A 17 10.53 -1.47 13.41
C PHE A 17 11.00 -0.17 12.75
N THR A 18 10.24 0.35 11.78
CA THR A 18 10.49 1.60 11.08
C THR A 18 9.14 2.32 10.92
N GLN A 19 9.08 3.62 11.22
CA GLN A 19 7.89 4.43 11.04
C GLN A 19 7.84 4.98 9.61
N PHE A 20 6.65 5.28 9.12
CA PHE A 20 6.36 5.64 7.73
C PHE A 20 5.20 6.62 7.68
N HIS A 21 5.16 7.42 6.60
CA HIS A 21 4.16 8.46 6.37
C HIS A 21 3.88 8.56 4.87
N ILE A 22 2.78 9.23 4.48
CA ILE A 22 2.42 9.44 3.07
C ILE A 22 3.47 10.36 2.42
N GLY A 23 4.39 9.77 1.67
CA GLY A 23 5.42 10.49 0.92
C GLY A 23 6.85 10.18 1.38
N ASP A 24 7.01 9.35 2.41
CA ASP A 24 8.31 8.79 2.79
C ASP A 24 8.64 7.62 1.85
N THR A 25 9.73 6.88 2.08
CA THR A 25 10.20 5.80 1.23
C THR A 25 10.38 4.52 2.06
N VAL A 26 10.50 3.36 1.41
CA VAL A 26 10.50 2.04 2.06
C VAL A 26 11.91 1.45 2.13
N PRO A 27 12.14 0.43 2.96
CA PRO A 27 13.31 -0.42 2.84
C PRO A 27 13.16 -1.36 1.64
N ALA A 28 14.28 -1.81 1.09
CA ALA A 28 14.29 -2.72 -0.04
C ALA A 28 13.62 -4.07 0.28
N MET A 29 13.44 -4.37 1.56
CA MET A 29 12.72 -5.53 2.09
C MET A 29 11.29 -5.61 1.57
N TYR A 30 10.73 -4.51 1.05
CA TYR A 30 9.41 -4.46 0.43
C TYR A 30 9.45 -4.10 -1.05
N LEU A 31 10.59 -3.64 -1.57
CA LEU A 31 10.79 -3.44 -3.00
C LEU A 31 11.10 -4.76 -3.69
N THR A 32 11.42 -5.82 -2.95
CA THR A 32 11.54 -7.15 -3.51
C THR A 32 10.14 -7.60 -4.01
N PRO A 33 10.05 -8.36 -5.12
CA PRO A 33 8.79 -8.87 -5.62
C PRO A 33 8.15 -9.98 -4.77
N GLU A 34 8.83 -10.43 -3.70
CA GLU A 34 8.28 -11.38 -2.74
C GLU A 34 6.94 -10.92 -2.12
N TYR A 35 6.54 -9.64 -2.27
CA TYR A 35 5.32 -9.08 -1.68
C TYR A 35 4.44 -8.39 -2.74
N ASN A 36 4.84 -8.44 -4.02
CA ASN A 36 4.30 -7.72 -5.17
C ASN A 36 2.84 -8.11 -5.45
N ILE A 37 1.88 -7.18 -5.33
CA ILE A 37 0.46 -7.36 -5.64
C ILE A 37 0.12 -6.53 -6.89
N LYS A 38 -0.38 -7.15 -7.96
CA LYS A 38 -0.85 -6.47 -9.17
C LYS A 38 -2.23 -6.93 -9.68
N GLN A 39 -2.88 -7.95 -9.10
CA GLN A 39 -4.28 -8.31 -9.41
C GLN A 39 -5.28 -7.28 -8.83
N TRP A 40 -4.93 -6.00 -8.79
CA TRP A 40 -5.81 -4.95 -8.29
C TRP A 40 -7.08 -4.86 -9.13
N GLN A 41 -7.03 -5.20 -10.42
CA GLN A 41 -8.18 -5.32 -11.33
C GLN A 41 -9.26 -6.30 -10.83
N GLN A 42 -8.94 -7.12 -9.83
CA GLN A 42 -9.79 -8.20 -9.33
C GLN A 42 -10.05 -8.11 -7.84
N ARG A 43 -9.52 -7.07 -7.23
CA ARG A 43 -9.71 -6.71 -5.83
C ARG A 43 -10.38 -5.35 -5.74
N ASN A 44 -10.97 -5.05 -4.59
CA ASN A 44 -11.75 -3.84 -4.40
C ASN A 44 -10.84 -2.66 -4.06
N LEU A 45 -9.87 -2.35 -4.93
CA LEU A 45 -8.83 -1.35 -4.71
C LEU A 45 -8.62 -0.55 -6.01
N PRO A 46 -8.11 0.70 -5.91
CA PRO A 46 -7.88 1.57 -7.07
C PRO A 46 -6.68 1.12 -7.92
N ALA A 47 -6.64 1.68 -9.14
CA ALA A 47 -5.45 1.64 -9.98
C ALA A 47 -4.29 2.32 -9.25
N PRO A 48 -3.04 1.84 -9.39
CA PRO A 48 -1.98 2.28 -8.49
C PRO A 48 -1.37 3.65 -8.90
N ASP A 49 -0.82 3.72 -10.09
CA ASP A 49 -0.21 4.84 -10.80
C ASP A 49 0.32 4.28 -12.12
N ALA A 50 1.21 5.00 -12.77
CA ALA A 50 1.85 4.66 -14.02
C ALA A 50 3.31 4.22 -13.84
N GLY A 51 3.59 3.50 -12.77
CA GLY A 51 4.91 3.07 -12.37
C GLY A 51 4.97 2.87 -10.87
N SER A 52 3.98 2.17 -10.31
CA SER A 52 3.99 1.68 -8.94
C SER A 52 3.35 0.29 -8.86
N HIS A 53 3.55 -0.41 -7.74
CA HIS A 53 2.80 -1.60 -7.41
C HIS A 53 2.41 -1.59 -5.93
N TRP A 54 1.36 -2.33 -5.60
CA TRP A 54 0.94 -2.52 -4.22
C TRP A 54 1.78 -3.66 -3.64
N THR A 55 2.02 -3.64 -2.33
CA THR A 55 2.76 -4.66 -1.60
C THR A 55 2.04 -4.93 -0.28
N TYR A 56 2.55 -5.88 0.51
CA TYR A 56 2.01 -6.27 1.80
C TYR A 56 3.05 -5.97 2.88
N MET A 57 2.84 -4.90 3.64
CA MET A 57 3.75 -4.38 4.64
C MET A 57 3.12 -4.57 6.01
N GLY A 58 3.48 -5.60 6.76
CA GLY A 58 2.95 -5.79 8.12
C GLY A 58 1.45 -6.18 8.14
N GLY A 59 0.86 -6.52 6.99
CA GLY A 59 -0.58 -6.76 6.84
C GLY A 59 -1.28 -5.66 6.02
N ASN A 60 -0.59 -4.57 5.79
CA ASN A 60 -1.07 -3.33 5.21
C ASN A 60 -0.77 -3.40 3.72
N TYR A 61 -1.79 -3.32 2.86
CA TYR A 61 -1.60 -3.00 1.45
C TYR A 61 -1.05 -1.58 1.34
N VAL A 62 0.18 -1.40 0.86
CA VAL A 62 0.73 -0.07 0.60
C VAL A 62 1.18 -0.03 -0.85
N LEU A 63 1.21 1.17 -1.41
CA LEU A 63 1.60 1.43 -2.79
C LEU A 63 2.96 2.11 -2.84
N ILE A 64 3.87 1.60 -3.66
CA ILE A 64 5.26 2.03 -3.74
C ILE A 64 5.66 2.27 -5.19
N THR A 65 6.47 3.29 -5.48
CA THR A 65 6.94 3.54 -6.85
C THR A 65 7.91 2.45 -7.28
N ASP A 66 7.78 2.00 -8.53
CA ASP A 66 8.61 0.93 -9.09
C ASP A 66 10.08 1.36 -9.23
N THR A 67 10.37 2.65 -9.13
CA THR A 67 11.64 3.29 -9.48
C THR A 67 12.14 4.17 -8.31
N GLU A 68 11.40 4.21 -7.18
CA GLU A 68 11.78 5.00 -6.01
C GLU A 68 11.33 4.34 -4.71
N GLY A 69 10.18 3.65 -4.70
CA GLY A 69 9.58 3.09 -3.51
C GLY A 69 8.99 4.13 -2.56
N LYS A 70 8.70 5.32 -3.07
CA LYS A 70 7.98 6.34 -2.32
C LYS A 70 6.62 5.76 -1.96
N ILE A 71 6.25 5.90 -0.71
CA ILE A 71 5.00 5.48 -0.11
C ILE A 71 3.93 6.38 -0.70
N LEU A 72 3.33 5.92 -1.80
CA LEU A 72 2.27 6.61 -2.48
C LEU A 72 1.03 6.58 -1.58
N LYS A 73 0.62 5.38 -1.14
CA LYS A 73 -0.65 5.16 -0.47
C LYS A 73 -0.52 3.96 0.47
N VAL A 74 -1.55 3.79 1.29
CA VAL A 74 -1.91 2.72 2.20
C VAL A 74 -3.41 2.61 2.11
N TYR A 75 -3.92 1.37 2.13
CA TYR A 75 -5.32 1.05 2.48
C TYR A 75 -5.32 -0.23 3.27
N ASP A 76 -5.67 -0.22 4.55
CA ASP A 76 -5.62 -1.41 5.42
C ASP A 76 -6.29 -2.63 4.79
N GLY A 77 -5.75 -3.83 5.08
CA GLY A 77 -6.25 -5.11 4.61
C GLY A 77 -7.77 -5.31 4.70
N GLU A 78 -8.49 -4.63 5.60
CA GLU A 78 -9.95 -4.63 5.71
C GLU A 78 -10.65 -4.35 4.37
N ILE A 79 -10.02 -3.56 3.49
CA ILE A 79 -10.57 -3.20 2.18
C ILE A 79 -10.78 -4.42 1.27
N PHE A 80 -10.06 -5.53 1.51
CA PHE A 80 -10.17 -6.75 0.71
C PHE A 80 -11.58 -7.35 0.80
N TYR A 81 -12.24 -7.17 1.95
CA TYR A 81 -13.54 -7.73 2.26
C TYR A 81 -14.69 -6.78 1.90
N HIS A 82 -14.39 -5.68 1.21
CA HIS A 82 -15.38 -4.65 0.91
C HIS A 82 -16.36 -5.13 -0.16
N ARG A 83 -17.41 -4.36 -0.43
CA ARG A 83 -18.41 -4.69 -1.43
C ARG A 83 -18.03 -4.10 -2.78
N GLY A 1 -22.35 10.24 4.41
CA GLY A 1 -20.99 10.27 3.85
C GLY A 1 -20.85 9.24 2.74
N ALA A 2 -19.71 9.29 2.04
CA ALA A 2 -19.39 8.39 0.95
C ALA A 2 -19.15 6.97 1.46
N ALA A 3 -18.99 6.02 0.54
CA ALA A 3 -18.85 4.59 0.81
C ALA A 3 -18.04 3.94 -0.31
N GLY A 4 -16.87 4.49 -0.61
CA GLY A 4 -15.95 3.93 -1.59
C GLY A 4 -14.91 3.12 -0.85
N ILE A 5 -13.72 3.70 -0.73
CA ILE A 5 -12.58 3.04 -0.12
C ILE A 5 -11.73 3.98 0.74
N ASP A 6 -11.89 5.29 0.58
CA ASP A 6 -10.95 6.27 1.14
C ASP A 6 -10.98 6.29 2.68
N GLN A 7 -12.07 5.77 3.23
CA GLN A 7 -12.27 5.42 4.63
C GLN A 7 -11.17 4.49 5.20
N TYR A 8 -10.52 3.68 4.35
CA TYR A 8 -9.41 2.81 4.72
C TYR A 8 -8.05 3.43 4.43
N ALA A 9 -7.97 4.67 3.91
CA ALA A 9 -6.70 5.30 3.62
C ALA A 9 -6.14 5.88 4.90
N LEU A 10 -4.97 5.38 5.29
CA LEU A 10 -4.28 5.84 6.49
C LEU A 10 -3.51 7.09 6.08
N LYS A 11 -2.64 7.47 6.99
CA LYS A 11 -1.66 8.52 6.86
C LYS A 11 -0.25 8.00 7.10
N GLU A 12 -0.13 6.86 7.78
CA GLU A 12 1.07 6.43 8.46
C GLU A 12 0.90 5.00 8.92
N PHE A 13 1.98 4.38 9.39
CA PHE A 13 1.99 3.10 10.09
C PHE A 13 3.38 2.86 10.67
N THR A 14 3.57 1.70 11.31
CA THR A 14 4.87 1.16 11.65
C THR A 14 4.90 -0.25 11.05
N ALA A 15 6.00 -0.65 10.44
CA ALA A 15 6.30 -2.04 10.12
C ALA A 15 7.82 -2.17 10.23
N ASP A 16 8.33 -3.37 10.44
CA ASP A 16 9.78 -3.60 10.46
C ASP A 16 10.48 -2.72 11.50
N PHE A 17 9.76 -2.39 12.57
CA PHE A 17 10.23 -1.54 13.66
C PHE A 17 10.63 -0.15 13.16
N THR A 18 10.06 0.27 12.02
CA THR A 18 10.31 1.49 11.29
C THR A 18 8.96 2.17 11.08
N GLN A 19 8.84 3.45 11.42
CA GLN A 19 7.65 4.25 11.18
C GLN A 19 7.64 4.72 9.72
N PHE A 20 6.47 4.97 9.15
CA PHE A 20 6.29 5.43 7.78
C PHE A 20 5.08 6.36 7.69
N HIS A 21 5.07 7.20 6.65
CA HIS A 21 4.04 8.18 6.37
C HIS A 21 3.77 8.21 4.86
N ILE A 22 2.64 8.80 4.42
CA ILE A 22 2.45 9.13 3.01
C ILE A 22 3.57 10.11 2.65
N GLY A 23 4.44 9.70 1.72
CA GLY A 23 5.58 10.49 1.29
C GLY A 23 6.90 10.05 1.90
N ASP A 24 6.92 9.11 2.84
CA ASP A 24 8.17 8.44 3.23
C ASP A 24 8.52 7.44 2.11
N THR A 25 9.59 6.66 2.25
CA THR A 25 9.98 5.63 1.28
C THR A 25 10.04 4.28 2.00
N VAL A 26 9.91 3.16 1.29
CA VAL A 26 10.16 1.84 1.87
C VAL A 26 11.63 1.46 1.69
N PRO A 27 12.15 0.48 2.44
CA PRO A 27 13.40 -0.20 2.11
C PRO A 27 13.21 -1.19 0.97
N ALA A 28 14.34 -1.59 0.35
CA ALA A 28 14.37 -2.57 -0.74
C ALA A 28 13.79 -3.93 -0.35
N MET A 29 13.66 -4.18 0.96
CA MET A 29 13.02 -5.35 1.52
C MET A 29 11.58 -5.53 1.01
N TYR A 30 10.94 -4.46 0.52
CA TYR A 30 9.59 -4.51 -0.04
C TYR A 30 9.55 -4.11 -1.53
N LEU A 31 10.66 -3.63 -2.12
CA LEU A 31 10.75 -3.39 -3.58
C LEU A 31 10.76 -4.73 -4.33
N THR A 32 11.35 -5.74 -3.70
CA THR A 32 11.44 -7.10 -4.20
C THR A 32 10.04 -7.58 -4.64
N PRO A 33 9.92 -8.39 -5.70
CA PRO A 33 8.61 -8.76 -6.23
C PRO A 33 7.86 -9.73 -5.31
N GLU A 34 8.50 -10.28 -4.28
CA GLU A 34 7.93 -11.29 -3.39
C GLU A 34 6.60 -10.89 -2.74
N TYR A 35 6.37 -9.59 -2.52
CA TYR A 35 5.24 -9.07 -1.76
C TYR A 35 4.32 -8.21 -2.64
N ASN A 36 4.62 -8.14 -3.94
CA ASN A 36 3.96 -7.34 -4.96
C ASN A 36 2.68 -8.06 -5.42
N ILE A 37 1.53 -7.44 -5.21
CA ILE A 37 0.23 -7.98 -5.59
C ILE A 37 -0.21 -7.27 -6.88
N LYS A 38 0.36 -7.65 -8.02
CA LYS A 38 0.06 -7.02 -9.30
C LYS A 38 -1.42 -7.18 -9.67
N GLN A 39 -2.08 -8.25 -9.25
CA GLN A 39 -3.53 -8.40 -9.32
C GLN A 39 -4.17 -7.40 -8.35
N TRP A 40 -4.74 -6.30 -8.82
CA TRP A 40 -5.37 -5.31 -7.95
C TRP A 40 -6.81 -4.97 -8.33
N GLN A 41 -7.28 -5.32 -9.54
CA GLN A 41 -8.63 -4.96 -9.97
C GLN A 41 -9.69 -5.92 -9.41
N GLN A 42 -9.35 -7.20 -9.21
CA GLN A 42 -10.17 -8.13 -8.45
C GLN A 42 -9.77 -8.05 -6.97
N ARG A 43 -9.60 -6.83 -6.46
CA ARG A 43 -9.42 -6.48 -5.05
C ARG A 43 -10.07 -5.11 -4.86
N ASN A 44 -9.86 -4.49 -3.70
CA ASN A 44 -10.51 -3.22 -3.33
C ASN A 44 -9.63 -2.03 -3.69
N LEU A 45 -8.35 -2.27 -3.95
CA LEU A 45 -7.39 -1.18 -4.08
C LEU A 45 -7.74 -0.34 -5.31
N PRO A 46 -7.41 0.96 -5.29
CA PRO A 46 -7.50 1.78 -6.47
C PRO A 46 -6.39 1.37 -7.44
N ALA A 47 -6.49 1.89 -8.66
CA ALA A 47 -5.41 1.78 -9.62
C ALA A 47 -4.14 2.43 -9.05
N PRO A 48 -2.94 1.91 -9.36
CA PRO A 48 -1.66 2.46 -8.93
C PRO A 48 -1.36 3.79 -9.64
N ASP A 49 -0.12 4.28 -9.55
CA ASP A 49 0.40 5.36 -10.40
C ASP A 49 1.22 4.68 -11.51
N ALA A 50 1.54 5.41 -12.58
CA ALA A 50 2.20 4.90 -13.79
C ALA A 50 3.72 4.66 -13.59
N GLY A 51 4.08 4.01 -12.49
CA GLY A 51 5.43 3.58 -12.13
C GLY A 51 5.48 2.97 -10.72
N SER A 52 4.35 2.47 -10.20
CA SER A 52 4.25 1.93 -8.86
C SER A 52 3.39 0.68 -8.83
N HIS A 53 3.47 -0.07 -7.73
CA HIS A 53 2.68 -1.29 -7.55
C HIS A 53 2.32 -1.50 -6.08
N TRP A 54 1.25 -2.24 -5.85
CA TRP A 54 0.73 -2.55 -4.53
C TRP A 54 1.59 -3.64 -3.89
N THR A 55 1.99 -3.49 -2.62
CA THR A 55 2.69 -4.49 -1.84
C THR A 55 1.95 -4.73 -0.51
N TYR A 56 2.26 -5.81 0.23
CA TYR A 56 1.68 -6.13 1.53
C TYR A 56 2.75 -5.92 2.61
N MET A 57 2.63 -4.83 3.38
CA MET A 57 3.48 -4.51 4.53
C MET A 57 3.03 -5.37 5.73
N GLY A 58 3.29 -4.87 6.94
CA GLY A 58 2.89 -5.38 8.25
C GLY A 58 1.37 -5.39 8.40
N GLY A 59 0.69 -6.20 7.59
CA GLY A 59 -0.74 -6.39 7.66
C GLY A 59 -1.55 -5.31 6.98
N ASN A 60 -0.95 -4.46 6.13
CA ASN A 60 -1.67 -3.46 5.36
C ASN A 60 -1.11 -3.42 3.95
N TYR A 61 -1.88 -2.91 3.00
CA TYR A 61 -1.46 -2.81 1.61
C TYR A 61 -0.93 -1.41 1.37
N VAL A 62 0.19 -1.26 0.66
CA VAL A 62 0.76 0.04 0.38
C VAL A 62 1.18 0.12 -1.08
N LEU A 63 1.31 1.32 -1.62
CA LEU A 63 1.65 1.57 -3.03
C LEU A 63 3.03 2.20 -3.10
N ILE A 64 4.01 1.50 -3.68
CA ILE A 64 5.41 1.93 -3.73
C ILE A 64 5.86 2.08 -5.17
N THR A 65 6.72 3.06 -5.49
CA THR A 65 7.26 3.16 -6.83
C THR A 65 8.27 2.05 -7.05
N ASP A 66 8.25 1.42 -8.21
CA ASP A 66 9.17 0.33 -8.59
C ASP A 66 10.56 0.82 -8.99
N THR A 67 10.77 2.10 -8.74
CA THR A 67 11.87 2.91 -9.21
C THR A 67 12.39 3.84 -8.10
N GLU A 68 11.91 3.69 -6.86
CA GLU A 68 12.33 4.46 -5.69
C GLU A 68 11.78 3.79 -4.42
N GLY A 69 10.49 3.47 -4.41
CA GLY A 69 9.78 2.87 -3.29
C GLY A 69 8.96 3.88 -2.50
N LYS A 70 8.65 5.03 -3.11
CA LYS A 70 8.01 6.13 -2.41
C LYS A 70 6.59 5.74 -2.01
N ILE A 71 6.24 5.97 -0.76
CA ILE A 71 4.97 5.58 -0.15
C ILE A 71 3.90 6.52 -0.68
N LEU A 72 3.25 6.12 -1.77
CA LEU A 72 2.24 6.93 -2.42
C LEU A 72 0.91 6.83 -1.67
N LYS A 73 0.51 5.62 -1.24
CA LYS A 73 -0.77 5.36 -0.58
C LYS A 73 -0.59 4.21 0.40
N VAL A 74 -1.43 4.15 1.43
CA VAL A 74 -1.48 3.07 2.42
C VAL A 74 -2.97 2.80 2.62
N TYR A 75 -3.40 1.55 2.46
CA TYR A 75 -4.76 1.09 2.66
C TYR A 75 -4.71 -0.09 3.62
N ASP A 76 -5.37 0.07 4.76
CA ASP A 76 -5.37 -0.86 5.88
C ASP A 76 -5.81 -2.28 5.45
N GLY A 77 -5.24 -3.34 6.04
CA GLY A 77 -5.55 -4.73 5.63
C GLY A 77 -6.99 -5.16 5.92
N GLU A 78 -7.78 -4.37 6.62
CA GLU A 78 -9.22 -4.59 6.75
C GLU A 78 -9.95 -4.31 5.42
N ILE A 79 -9.38 -3.51 4.49
CA ILE A 79 -10.08 -3.18 3.25
C ILE A 79 -10.39 -4.44 2.43
N PHE A 80 -9.56 -5.48 2.53
CA PHE A 80 -9.68 -6.72 1.78
C PHE A 80 -11.07 -7.32 1.91
N TYR A 81 -11.67 -7.20 3.08
CA TYR A 81 -12.95 -7.81 3.40
C TYR A 81 -14.12 -6.91 3.00
N HIS A 82 -13.93 -5.97 2.07
CA HIS A 82 -14.92 -4.97 1.69
C HIS A 82 -15.33 -5.10 0.21
N ARG A 83 -15.68 -6.32 -0.22
CA ARG A 83 -15.98 -6.66 -1.62
C ARG A 83 -14.74 -6.43 -2.45
N GLY A 1 -21.72 7.11 6.16
CA GLY A 1 -21.59 8.19 5.19
C GLY A 1 -20.32 7.99 4.37
N ALA A 2 -20.43 7.87 3.05
CA ALA A 2 -19.34 7.60 2.10
C ALA A 2 -18.36 6.50 2.54
N ALA A 3 -18.86 5.45 3.20
CA ALA A 3 -18.07 4.31 3.68
C ALA A 3 -17.65 3.41 2.50
N GLY A 4 -16.75 3.92 1.65
CA GLY A 4 -16.18 3.24 0.51
C GLY A 4 -14.84 2.63 0.88
N ILE A 5 -13.76 3.30 0.48
CA ILE A 5 -12.41 2.85 0.76
C ILE A 5 -11.64 3.85 1.62
N ASP A 6 -12.07 5.10 1.61
CA ASP A 6 -11.34 6.22 2.22
C ASP A 6 -11.31 6.08 3.76
N GLN A 7 -12.25 5.31 4.32
CA GLN A 7 -12.29 4.88 5.72
C GLN A 7 -11.13 3.95 6.12
N TYR A 8 -10.45 3.33 5.16
CA TYR A 8 -9.25 2.52 5.39
C TYR A 8 -7.98 3.29 5.01
N ALA A 9 -8.08 4.55 4.58
CA ALA A 9 -6.91 5.34 4.19
C ALA A 9 -6.10 5.69 5.45
N LEU A 10 -5.06 4.91 5.72
CA LEU A 10 -4.14 5.19 6.82
C LEU A 10 -3.29 6.37 6.37
N LYS A 11 -2.95 7.27 7.30
CA LYS A 11 -2.07 8.40 6.99
C LYS A 11 -0.60 8.02 7.18
N GLU A 12 -0.34 6.88 7.81
CA GLU A 12 0.92 6.46 8.37
C GLU A 12 0.73 5.10 9.05
N PHE A 13 1.83 4.40 9.35
CA PHE A 13 1.86 3.10 10.02
C PHE A 13 3.30 2.77 10.45
N THR A 14 3.52 1.56 10.99
CA THR A 14 4.83 1.00 11.27
C THR A 14 4.83 -0.46 10.76
N ALA A 15 5.93 -0.93 10.19
CA ALA A 15 6.21 -2.35 10.00
C ALA A 15 7.73 -2.52 10.11
N ASP A 16 8.23 -3.68 10.50
CA ASP A 16 9.69 -3.96 10.58
C ASP A 16 10.42 -2.96 11.47
N PHE A 17 9.73 -2.45 12.49
CA PHE A 17 10.14 -1.35 13.37
C PHE A 17 10.49 -0.06 12.60
N THR A 18 10.10 0.01 11.34
CA THR A 18 10.29 1.13 10.44
C THR A 18 8.97 1.89 10.41
N GLN A 19 9.01 3.13 10.86
CA GLN A 19 7.89 4.05 10.78
C GLN A 19 7.74 4.57 9.35
N PHE A 20 6.51 4.89 8.96
CA PHE A 20 6.17 5.32 7.60
C PHE A 20 5.02 6.32 7.62
N HIS A 21 4.95 7.17 6.60
CA HIS A 21 3.92 8.19 6.41
C HIS A 21 3.67 8.36 4.91
N ILE A 22 2.53 8.95 4.52
CA ILE A 22 2.35 9.43 3.14
C ILE A 22 3.49 10.40 2.87
N GLY A 23 4.29 10.12 1.84
CA GLY A 23 5.37 10.98 1.43
C GLY A 23 6.76 10.38 1.64
N ASP A 24 6.96 9.51 2.63
CA ASP A 24 8.25 8.88 2.95
C ASP A 24 8.61 7.85 1.85
N THR A 25 9.65 7.04 2.04
CA THR A 25 10.15 6.02 1.12
C THR A 25 10.31 4.67 1.89
N VAL A 26 10.36 3.52 1.20
CA VAL A 26 10.39 2.18 1.83
C VAL A 26 11.77 1.52 1.74
N PRO A 27 12.03 0.46 2.54
CA PRO A 27 13.22 -0.38 2.39
C PRO A 27 13.17 -1.30 1.18
N ALA A 28 14.34 -1.84 0.80
CA ALA A 28 14.52 -2.73 -0.33
C ALA A 28 13.83 -4.08 -0.10
N MET A 29 13.62 -4.51 1.15
CA MET A 29 12.78 -5.64 1.47
C MET A 29 11.36 -5.44 0.95
N TYR A 30 10.93 -4.20 0.71
CA TYR A 30 9.58 -3.98 0.17
C TYR A 30 9.57 -3.51 -1.28
N LEU A 31 10.71 -3.54 -1.99
CA LEU A 31 10.77 -3.32 -3.44
C LEU A 31 10.69 -4.62 -4.22
N THR A 32 11.03 -5.75 -3.59
CA THR A 32 11.10 -7.06 -4.22
C THR A 32 9.67 -7.56 -4.57
N PRO A 33 9.53 -8.34 -5.67
CA PRO A 33 8.27 -8.94 -6.11
C PRO A 33 7.71 -9.99 -5.14
N GLU A 34 8.44 -10.31 -4.07
CA GLU A 34 8.03 -11.17 -2.97
C GLU A 34 6.73 -10.69 -2.28
N TYR A 35 6.41 -9.40 -2.41
CA TYR A 35 5.25 -8.78 -1.78
C TYR A 35 4.31 -8.15 -2.81
N ASN A 36 4.69 -8.12 -4.09
CA ASN A 36 3.99 -7.42 -5.16
C ASN A 36 2.64 -8.04 -5.43
N ILE A 37 1.59 -7.22 -5.32
CA ILE A 37 0.22 -7.59 -5.52
C ILE A 37 -0.19 -7.05 -6.89
N LYS A 38 -0.12 -7.90 -7.91
CA LYS A 38 -0.60 -7.54 -9.25
C LYS A 38 -2.11 -7.28 -9.22
N GLN A 39 -2.88 -8.04 -8.43
CA GLN A 39 -4.35 -8.08 -8.50
C GLN A 39 -4.93 -6.99 -7.59
N TRP A 40 -5.51 -5.90 -8.12
CA TRP A 40 -5.89 -4.74 -7.31
C TRP A 40 -7.40 -4.50 -7.21
N GLN A 41 -8.19 -4.53 -8.30
CA GLN A 41 -9.64 -4.31 -8.20
C GLN A 41 -10.30 -5.33 -7.27
N GLN A 42 -9.82 -6.58 -7.31
CA GLN A 42 -10.31 -7.65 -6.44
C GLN A 42 -10.20 -7.26 -4.96
N ARG A 43 -9.15 -6.54 -4.56
CA ARG A 43 -8.96 -6.12 -3.17
C ARG A 43 -9.63 -4.77 -2.90
N ASN A 44 -10.66 -4.41 -3.69
CA ASN A 44 -11.45 -3.17 -3.64
C ASN A 44 -10.65 -1.94 -4.05
N LEU A 45 -9.40 -2.09 -4.53
CA LEU A 45 -8.42 -1.00 -4.52
C LEU A 45 -8.24 -0.37 -5.91
N PRO A 46 -7.78 0.89 -5.95
CA PRO A 46 -7.47 1.65 -7.17
C PRO A 46 -6.22 1.09 -7.88
N ALA A 47 -6.03 1.53 -9.11
CA ALA A 47 -4.83 1.28 -9.90
C ALA A 47 -3.60 1.86 -9.19
N PRO A 48 -2.39 1.32 -9.42
CA PRO A 48 -1.16 1.98 -9.04
C PRO A 48 -0.97 3.28 -9.84
N ASP A 49 0.00 4.12 -9.47
CA ASP A 49 0.52 5.12 -10.40
C ASP A 49 1.33 4.40 -11.46
N ALA A 50 1.52 5.09 -12.58
CA ALA A 50 2.39 4.67 -13.66
C ALA A 50 3.85 4.63 -13.17
N GLY A 51 4.35 3.43 -12.92
CA GLY A 51 5.69 3.15 -12.42
C GLY A 51 5.67 2.76 -10.95
N SER A 52 4.60 2.09 -10.49
CA SER A 52 4.51 1.66 -9.10
C SER A 52 3.66 0.39 -9.00
N HIS A 53 3.60 -0.19 -7.82
CA HIS A 53 2.76 -1.34 -7.57
C HIS A 53 2.40 -1.45 -6.10
N TRP A 54 1.31 -2.18 -5.84
CA TRP A 54 0.86 -2.46 -4.51
C TRP A 54 1.71 -3.58 -3.90
N THR A 55 1.97 -3.50 -2.61
CA THR A 55 2.60 -4.55 -1.81
C THR A 55 1.78 -4.76 -0.53
N TYR A 56 2.10 -5.80 0.25
CA TYR A 56 1.56 -6.02 1.59
C TYR A 56 2.67 -5.75 2.60
N MET A 57 2.46 -4.83 3.53
CA MET A 57 3.29 -4.63 4.72
C MET A 57 2.72 -5.50 5.84
N GLY A 58 3.11 -5.20 7.08
CA GLY A 58 2.80 -5.93 8.31
C GLY A 58 1.31 -6.16 8.61
N GLY A 59 0.41 -5.46 7.90
CA GLY A 59 -1.02 -5.64 7.94
C GLY A 59 -1.76 -4.71 6.98
N ASN A 60 -1.05 -3.93 6.17
CA ASN A 60 -1.57 -2.86 5.34
C ASN A 60 -1.11 -3.00 3.91
N TYR A 61 -1.91 -2.50 2.98
CA TYR A 61 -1.62 -2.47 1.57
C TYR A 61 -1.05 -1.12 1.21
N VAL A 62 0.07 -1.11 0.52
CA VAL A 62 0.82 0.11 0.28
C VAL A 62 1.23 0.12 -1.17
N LEU A 63 1.47 1.33 -1.65
CA LEU A 63 1.76 1.63 -3.05
C LEU A 63 3.13 2.30 -3.14
N ILE A 64 4.07 1.64 -3.80
CA ILE A 64 5.48 2.02 -3.81
C ILE A 64 5.98 2.06 -5.26
N THR A 65 6.84 3.02 -5.57
CA THR A 65 7.42 3.16 -6.90
C THR A 65 8.42 2.04 -7.17
N ASP A 66 8.45 1.57 -8.41
CA ASP A 66 9.30 0.46 -8.83
C ASP A 66 10.81 0.75 -8.78
N THR A 67 11.15 2.02 -8.75
CA THR A 67 12.48 2.55 -8.97
C THR A 67 12.98 3.33 -7.75
N GLU A 68 12.10 3.58 -6.76
CA GLU A 68 12.32 4.54 -5.69
C GLU A 68 11.69 4.01 -4.41
N GLY A 69 10.47 3.49 -4.47
CA GLY A 69 9.77 3.02 -3.29
C GLY A 69 9.16 4.17 -2.48
N LYS A 70 8.92 5.32 -3.10
CA LYS A 70 8.18 6.43 -2.48
C LYS A 70 6.81 5.92 -2.07
N ILE A 71 6.42 6.21 -0.84
CA ILE A 71 5.16 5.85 -0.21
C ILE A 71 4.12 6.76 -0.80
N LEU A 72 3.50 6.30 -1.89
CA LEU A 72 2.47 7.08 -2.56
C LEU A 72 1.20 7.06 -1.73
N LYS A 73 0.68 5.88 -1.38
CA LYS A 73 -0.64 5.74 -0.76
C LYS A 73 -0.67 4.51 0.12
N VAL A 74 -1.45 4.54 1.18
CA VAL A 74 -1.59 3.45 2.14
C VAL A 74 -3.09 3.22 2.27
N TYR A 75 -3.49 1.95 2.29
CA TYR A 75 -4.80 1.52 2.79
C TYR A 75 -4.59 0.36 3.75
N ASP A 76 -5.44 0.23 4.77
CA ASP A 76 -5.31 -0.87 5.73
C ASP A 76 -5.75 -2.19 5.08
N GLY A 77 -5.27 -3.33 5.57
CA GLY A 77 -5.63 -4.66 5.09
C GLY A 77 -7.08 -5.01 5.38
N GLU A 78 -7.74 -4.22 6.22
CA GLU A 78 -9.18 -4.26 6.47
C GLU A 78 -9.98 -4.15 5.17
N ILE A 79 -9.49 -3.42 4.17
CA ILE A 79 -10.20 -3.21 2.93
C ILE A 79 -10.47 -4.52 2.18
N PHE A 80 -9.67 -5.56 2.42
CA PHE A 80 -9.81 -6.82 1.70
C PHE A 80 -11.17 -7.47 1.95
N TYR A 81 -11.76 -7.26 3.15
CA TYR A 81 -13.04 -7.84 3.50
C TYR A 81 -14.20 -7.11 2.84
N HIS A 82 -14.01 -5.82 2.52
CA HIS A 82 -15.02 -4.98 1.91
C HIS A 82 -15.33 -5.50 0.52
N ARG A 83 -16.61 -5.43 0.12
CA ARG A 83 -17.11 -5.93 -1.15
C ARG A 83 -17.90 -4.79 -1.78
N GLY A 1 -14.23 11.86 1.85
CA GLY A 1 -14.34 10.43 1.59
C GLY A 1 -15.74 10.07 1.17
N ALA A 2 -15.97 9.89 -0.13
CA ALA A 2 -17.22 9.44 -0.71
C ALA A 2 -17.46 7.95 -0.47
N ALA A 3 -17.41 7.53 0.80
CA ALA A 3 -17.73 6.20 1.30
C ALA A 3 -17.14 5.08 0.43
N GLY A 4 -15.85 5.17 0.15
CA GLY A 4 -15.13 4.24 -0.69
C GLY A 4 -14.08 3.52 0.12
N ILE A 5 -12.85 4.00 0.00
CA ILE A 5 -11.64 3.31 0.43
C ILE A 5 -10.72 4.25 1.22
N ASP A 6 -10.88 5.56 1.07
CA ASP A 6 -10.03 6.58 1.69
C ASP A 6 -9.99 6.45 3.20
N GLN A 7 -11.07 5.93 3.79
CA GLN A 7 -11.16 5.57 5.19
C GLN A 7 -10.03 4.66 5.66
N TYR A 8 -9.54 3.76 4.81
CA TYR A 8 -8.46 2.83 5.14
C TYR A 8 -7.08 3.45 4.88
N ALA A 9 -6.99 4.64 4.27
CA ALA A 9 -5.72 5.26 3.95
C ALA A 9 -5.08 5.78 5.24
N LEU A 10 -4.11 5.04 5.77
CA LEU A 10 -3.47 5.39 7.03
C LEU A 10 -2.59 6.61 6.75
N LYS A 11 -2.68 7.69 7.52
CA LYS A 11 -1.67 8.75 7.32
C LYS A 11 -0.30 8.22 7.67
N GLU A 12 -0.20 7.26 8.59
CA GLU A 12 1.06 6.78 9.11
C GLU A 12 0.90 5.36 9.64
N PHE A 13 2.01 4.65 9.74
CA PHE A 13 2.08 3.28 10.22
C PHE A 13 3.50 2.93 10.67
N THR A 14 3.72 1.69 11.10
CA THR A 14 5.04 1.11 11.39
C THR A 14 5.12 -0.27 10.74
N ALA A 15 6.26 -0.62 10.14
CA ALA A 15 6.53 -1.95 9.63
C ALA A 15 8.02 -2.24 9.69
N ASP A 16 8.40 -3.51 9.86
CA ASP A 16 9.79 -4.00 9.93
C ASP A 16 10.66 -3.13 10.82
N PHE A 17 10.10 -2.72 11.95
CA PHE A 17 10.72 -1.93 13.01
C PHE A 17 11.20 -0.57 12.45
N THR A 18 10.35 0.15 11.73
CA THR A 18 10.53 1.54 11.32
C THR A 18 9.13 2.18 11.13
N GLN A 19 9.01 3.47 11.47
CA GLN A 19 7.81 4.31 11.34
C GLN A 19 7.76 4.94 9.94
N PHE A 20 6.56 5.17 9.40
CA PHE A 20 6.32 5.68 8.05
C PHE A 20 5.10 6.57 7.99
N HIS A 21 5.03 7.40 6.95
CA HIS A 21 3.95 8.34 6.67
C HIS A 21 3.69 8.37 5.16
N ILE A 22 2.59 8.99 4.73
CA ILE A 22 2.33 9.26 3.31
C ILE A 22 3.50 10.10 2.81
N GLY A 23 4.20 9.61 1.79
CA GLY A 23 5.29 10.33 1.16
C GLY A 23 6.65 10.08 1.78
N ASP A 24 6.77 9.15 2.74
CA ASP A 24 8.08 8.56 3.08
C ASP A 24 8.43 7.48 2.02
N THR A 25 9.50 6.70 2.22
CA THR A 25 9.90 5.59 1.36
C THR A 25 9.99 4.32 2.20
N VAL A 26 9.54 3.19 1.67
CA VAL A 26 9.78 1.89 2.28
C VAL A 26 11.28 1.54 2.18
N PRO A 27 11.79 0.61 3.01
CA PRO A 27 13.06 -0.06 2.74
C PRO A 27 12.92 -1.00 1.55
N ALA A 28 14.05 -1.46 1.04
CA ALA A 28 14.15 -2.40 -0.08
C ALA A 28 13.37 -3.70 0.20
N MET A 29 13.15 -4.01 1.48
CA MET A 29 12.41 -5.17 1.97
C MET A 29 10.98 -5.25 1.43
N TYR A 30 10.48 -4.15 0.88
CA TYR A 30 9.14 -4.07 0.29
C TYR A 30 9.14 -3.71 -1.19
N LEU A 31 10.31 -3.47 -1.81
CA LEU A 31 10.45 -3.30 -3.26
C LEU A 31 10.43 -4.66 -3.96
N THR A 32 10.80 -5.73 -3.26
CA THR A 32 10.97 -7.09 -3.73
C THR A 32 9.70 -7.68 -4.39
N PRO A 33 9.88 -8.66 -5.31
CA PRO A 33 8.81 -9.45 -5.91
C PRO A 33 8.10 -10.39 -4.93
N GLU A 34 8.56 -10.50 -3.68
CA GLU A 34 7.93 -11.29 -2.64
C GLU A 34 6.50 -10.79 -2.42
N TYR A 35 6.39 -9.54 -1.98
CA TYR A 35 5.16 -8.91 -1.49
C TYR A 35 4.32 -8.28 -2.59
N ASN A 36 4.76 -8.42 -3.84
CA ASN A 36 4.08 -7.98 -5.06
C ASN A 36 2.71 -8.64 -5.16
N ILE A 37 1.66 -7.87 -5.46
CA ILE A 37 0.28 -8.33 -5.51
C ILE A 37 -0.25 -8.11 -6.93
N LYS A 38 0.09 -9.03 -7.85
CA LYS A 38 -0.44 -9.05 -9.22
C LYS A 38 -1.97 -9.02 -9.24
N GLN A 39 -2.62 -9.55 -8.21
CA GLN A 39 -4.04 -9.89 -8.22
C GLN A 39 -4.96 -8.67 -8.08
N TRP A 40 -4.45 -7.44 -7.99
CA TRP A 40 -5.22 -6.25 -7.58
C TRP A 40 -6.44 -5.90 -8.45
N GLN A 41 -6.75 -6.57 -9.56
CA GLN A 41 -7.87 -6.19 -10.43
C GLN A 41 -9.21 -6.10 -9.67
N GLN A 42 -9.50 -7.02 -8.75
CA GLN A 42 -10.78 -7.13 -8.07
C GLN A 42 -10.57 -7.41 -6.57
N ARG A 43 -9.83 -6.53 -5.90
CA ARG A 43 -9.47 -6.67 -4.48
C ARG A 43 -9.60 -5.32 -3.76
N ASN A 44 -10.58 -4.52 -4.17
CA ASN A 44 -11.03 -3.25 -3.59
C ASN A 44 -10.10 -2.07 -3.87
N LEU A 45 -8.80 -2.32 -3.87
CA LEU A 45 -7.75 -1.35 -4.13
C LEU A 45 -7.91 -0.71 -5.52
N PRO A 46 -7.48 0.55 -5.69
CA PRO A 46 -7.40 1.17 -7.01
C PRO A 46 -6.27 0.59 -7.84
N ALA A 47 -6.30 0.87 -9.14
CA ALA A 47 -5.16 0.66 -10.02
C ALA A 47 -4.03 1.58 -9.55
N PRO A 48 -2.76 1.15 -9.66
CA PRO A 48 -1.63 1.97 -9.27
C PRO A 48 -1.42 3.14 -10.25
N ASP A 49 -0.51 4.06 -9.92
CA ASP A 49 0.00 5.04 -10.88
C ASP A 49 1.02 4.36 -11.78
N ALA A 50 1.28 4.96 -12.93
CA ALA A 50 2.29 4.52 -13.89
C ALA A 50 3.68 4.51 -13.25
N GLY A 51 4.22 3.32 -12.98
CA GLY A 51 5.53 3.10 -12.37
C GLY A 51 5.43 2.72 -10.91
N SER A 52 4.30 2.18 -10.45
CA SER A 52 4.11 1.82 -9.07
C SER A 52 3.22 0.60 -8.94
N HIS A 53 3.18 -0.02 -7.76
CA HIS A 53 2.48 -1.27 -7.52
C HIS A 53 2.12 -1.42 -6.05
N TRP A 54 1.10 -2.25 -5.77
CA TRP A 54 0.69 -2.53 -4.40
C TRP A 54 1.53 -3.67 -3.85
N THR A 55 2.09 -3.49 -2.67
CA THR A 55 2.80 -4.54 -1.96
C THR A 55 2.18 -4.71 -0.57
N TYR A 56 2.32 -5.89 0.02
CA TYR A 56 1.90 -6.13 1.39
C TYR A 56 2.99 -5.58 2.32
N MET A 57 2.74 -4.44 2.97
CA MET A 57 3.55 -3.97 4.08
C MET A 57 3.16 -4.76 5.34
N GLY A 58 3.39 -4.16 6.51
CA GLY A 58 3.01 -4.51 7.87
C GLY A 58 1.51 -4.70 8.05
N GLY A 59 0.95 -5.66 7.35
CA GLY A 59 -0.41 -6.10 7.44
C GLY A 59 -1.41 -5.22 6.70
N ASN A 60 -0.91 -4.25 5.95
CA ASN A 60 -1.68 -3.35 5.11
C ASN A 60 -1.11 -3.45 3.70
N TYR A 61 -1.84 -2.97 2.70
CA TYR A 61 -1.32 -2.86 1.36
C TYR A 61 -0.79 -1.43 1.19
N VAL A 62 0.43 -1.23 0.67
CA VAL A 62 0.89 0.11 0.31
C VAL A 62 1.21 0.14 -1.17
N LEU A 63 1.01 1.31 -1.76
CA LEU A 63 1.38 1.63 -3.12
C LEU A 63 2.75 2.27 -3.09
N ILE A 64 3.72 1.65 -3.74
CA ILE A 64 5.11 2.06 -3.77
C ILE A 64 5.58 2.10 -5.23
N THR A 65 6.48 3.03 -5.57
CA THR A 65 7.03 3.10 -6.92
C THR A 65 8.12 2.06 -7.13
N ASP A 66 8.28 1.66 -8.38
CA ASP A 66 9.45 0.91 -8.82
C ASP A 66 10.73 1.77 -8.75
N THR A 67 10.63 3.07 -9.03
CA THR A 67 11.77 3.97 -9.17
C THR A 67 12.22 4.56 -7.83
N GLU A 68 11.47 4.34 -6.74
CA GLU A 68 11.93 4.73 -5.41
C GLU A 68 11.32 3.96 -4.27
N GLY A 69 10.06 3.59 -4.38
CA GLY A 69 9.34 2.99 -3.28
C GLY A 69 8.67 4.01 -2.38
N LYS A 70 8.45 5.24 -2.89
CA LYS A 70 7.76 6.25 -2.10
C LYS A 70 6.35 5.76 -1.81
N ILE A 71 5.96 5.87 -0.54
CA ILE A 71 4.71 5.47 0.07
C ILE A 71 3.63 6.40 -0.47
N LEU A 72 3.12 6.09 -1.66
CA LEU A 72 2.09 6.91 -2.32
C LEU A 72 0.80 6.82 -1.53
N LYS A 73 0.40 5.59 -1.22
CA LYS A 73 -0.80 5.28 -0.47
C LYS A 73 -0.53 4.04 0.38
N VAL A 74 -1.45 3.81 1.28
CA VAL A 74 -1.74 2.69 2.14
C VAL A 74 -3.24 2.47 2.03
N TYR A 75 -3.67 1.23 2.18
CA TYR A 75 -4.98 0.87 2.67
C TYR A 75 -4.78 -0.34 3.59
N ASP A 76 -5.34 -0.31 4.81
CA ASP A 76 -5.33 -1.47 5.73
C ASP A 76 -5.88 -2.70 4.99
N GLY A 77 -5.37 -3.90 5.31
CA GLY A 77 -5.85 -5.16 4.76
C GLY A 77 -7.36 -5.33 4.88
N GLU A 78 -8.03 -4.71 5.86
CA GLU A 78 -9.48 -4.68 6.05
C GLU A 78 -10.22 -4.19 4.79
N ILE A 79 -9.57 -3.40 3.92
CA ILE A 79 -10.16 -2.92 2.68
C ILE A 79 -10.63 -4.10 1.82
N PHE A 80 -9.93 -5.24 1.88
CA PHE A 80 -10.14 -6.44 1.08
C PHE A 80 -11.53 -7.05 1.29
N TYR A 81 -12.27 -6.65 2.32
CA TYR A 81 -13.57 -7.22 2.66
C TYR A 81 -14.73 -6.25 2.35
N HIS A 82 -14.44 -5.00 2.01
CA HIS A 82 -15.41 -3.93 1.76
C HIS A 82 -15.99 -4.04 0.32
N ARG A 83 -16.17 -5.25 -0.20
CA ARG A 83 -16.23 -5.60 -1.61
C ARG A 83 -17.62 -5.41 -2.17
#